data_1XX3
#
_entry.id   1XX3
#
_entity_poly.entity_id   1
_entity_poly.type   'polypeptide(L)'
_entity_poly.pdbx_seq_one_letter_code
;MHHHHHHVKKVQEQPKRDVKPVESRPASPFENTAPARLTSSTATAATSKPVTSVASGPRALSRNQPQYPARAQALRIEGQ
VKVKFDVTPDGRVDNVQILSAKPANMFEREVKNAMRRWRYEPGKPGSGIVVNILFKINGTTEIQ
;
_entity_poly.pdbx_strand_id   A
#
# COMPACT_ATOMS: atom_id res chain seq x y z
N SER A 56 -7.45 0.24 15.89
CA SER A 56 -6.74 0.75 17.09
C SER A 56 -5.30 1.10 16.72
N GLY A 57 -4.66 1.94 17.53
CA GLY A 57 -3.32 2.37 17.22
C GLY A 57 -3.33 3.62 16.37
N PRO A 58 -2.29 3.79 15.55
CA PRO A 58 -2.21 4.91 14.61
C PRO A 58 -3.37 4.93 13.63
N ARG A 59 -4.05 6.06 13.57
CA ARG A 59 -5.20 6.23 12.68
C ARG A 59 -4.72 6.77 11.35
N ALA A 60 -5.32 6.32 10.26
CA ALA A 60 -4.89 6.70 8.92
C ALA A 60 -5.66 7.90 8.40
N LEU A 61 -4.90 8.91 8.03
CA LEU A 61 -5.45 10.14 7.46
C LEU A 61 -5.41 10.07 5.96
N SER A 62 -4.25 9.67 5.45
CA SER A 62 -4.01 9.61 4.02
C SER A 62 -3.65 8.19 3.61
N ARG A 63 -4.65 7.34 3.47
CA ARG A 63 -4.47 5.99 2.95
C ARG A 63 -4.52 6.03 1.44
N ASN A 64 -3.60 6.78 0.84
CA ASN A 64 -3.63 7.03 -0.59
C ASN A 64 -3.34 5.78 -1.38
N GLN A 65 -4.21 5.54 -2.34
CA GLN A 65 -4.14 4.35 -3.16
C GLN A 65 -2.95 4.42 -4.12
N PRO A 66 -2.14 3.36 -4.19
CA PRO A 66 -1.05 3.28 -5.16
C PRO A 66 -1.58 3.36 -6.59
N GLN A 67 -0.75 3.80 -7.50
CA GLN A 67 -1.19 4.07 -8.86
C GLN A 67 -1.12 2.80 -9.70
N TYR A 68 -2.13 2.58 -10.53
CA TYR A 68 -2.17 1.43 -11.41
C TYR A 68 -1.06 1.55 -12.45
N PRO A 69 -0.48 0.42 -12.84
CA PRO A 69 0.64 0.35 -13.75
C PRO A 69 0.20 0.34 -15.21
N ALA A 70 0.81 1.21 -16.00
CA ALA A 70 0.47 1.34 -17.41
C ALA A 70 0.95 0.13 -18.21
N ARG A 71 1.88 -0.63 -17.66
CA ARG A 71 2.31 -1.86 -18.30
C ARG A 71 1.33 -2.99 -18.00
N ALA A 72 0.86 -3.06 -16.76
CA ALA A 72 -0.02 -4.15 -16.34
C ALA A 72 -1.41 -3.98 -16.91
N GLN A 73 -1.85 -2.74 -17.08
CA GLN A 73 -3.14 -2.45 -17.67
C GLN A 73 -3.18 -2.93 -19.12
N ALA A 74 -2.04 -2.79 -19.80
CA ALA A 74 -1.91 -3.20 -21.18
C ALA A 74 -1.81 -4.73 -21.28
N LEU A 75 -1.58 -5.35 -20.13
CA LEU A 75 -1.54 -6.80 -20.04
C LEU A 75 -2.83 -7.32 -19.42
N ARG A 76 -3.69 -6.38 -19.05
CA ARG A 76 -4.99 -6.65 -18.43
C ARG A 76 -4.82 -7.47 -17.15
N ILE A 77 -3.75 -7.20 -16.43
CA ILE A 77 -3.51 -7.85 -15.16
C ILE A 77 -4.21 -7.10 -14.06
N GLU A 78 -4.54 -7.81 -12.99
CA GLU A 78 -5.08 -7.19 -11.79
C GLU A 78 -4.11 -7.47 -10.65
N GLY A 79 -3.76 -6.45 -9.91
CA GLY A 79 -2.79 -6.63 -8.85
C GLY A 79 -3.42 -6.64 -7.47
N GLN A 80 -3.32 -7.76 -6.79
CA GLN A 80 -3.74 -7.83 -5.40
C GLN A 80 -2.50 -7.99 -4.53
N VAL A 81 -2.12 -6.90 -3.88
CA VAL A 81 -0.88 -6.89 -3.13
C VAL A 81 -1.15 -6.92 -1.62
N LYS A 82 -0.38 -7.74 -0.92
CA LYS A 82 -0.46 -7.82 0.52
C LYS A 82 0.81 -7.22 1.11
N VAL A 83 0.69 -6.05 1.71
CA VAL A 83 1.85 -5.32 2.19
C VAL A 83 1.77 -5.12 3.69
N LYS A 84 2.90 -5.23 4.36
CA LYS A 84 2.98 -4.91 5.78
C LYS A 84 3.94 -3.76 5.99
N PHE A 85 3.58 -2.87 6.91
CA PHE A 85 4.38 -1.70 7.22
C PHE A 85 4.37 -1.45 8.71
N ASP A 86 5.16 -0.49 9.12
CA ASP A 86 5.19 -0.02 10.50
C ASP A 86 5.08 1.49 10.49
N VAL A 87 4.69 2.09 11.61
CA VAL A 87 4.69 3.54 11.70
C VAL A 87 5.37 3.96 13.00
N THR A 88 5.99 5.12 12.99
CA THR A 88 6.68 5.62 14.16
C THR A 88 5.71 6.31 15.10
N PRO A 89 6.19 6.76 16.26
CA PRO A 89 5.38 7.55 17.21
C PRO A 89 4.97 8.89 16.61
N ASP A 90 5.51 9.23 15.45
CA ASP A 90 5.10 10.44 14.73
C ASP A 90 4.04 10.09 13.69
N GLY A 91 3.76 8.80 13.53
CA GLY A 91 2.79 8.36 12.56
C GLY A 91 3.36 8.30 11.17
N ARG A 92 4.64 7.98 11.06
CA ARG A 92 5.31 7.93 9.78
C ARG A 92 5.48 6.49 9.32
N VAL A 93 5.05 6.21 8.11
CA VAL A 93 5.12 4.87 7.54
C VAL A 93 6.56 4.50 7.17
N ASP A 94 6.99 3.33 7.66
CA ASP A 94 8.33 2.82 7.38
C ASP A 94 8.29 1.29 7.43
N ASN A 95 9.38 0.66 6.98
CA ASN A 95 9.51 -0.81 7.01
C ASN A 95 8.46 -1.46 6.11
N VAL A 96 8.15 -0.79 5.03
CA VAL A 96 7.15 -1.28 4.10
C VAL A 96 7.71 -2.40 3.23
N GLN A 97 7.12 -3.58 3.38
CA GLN A 97 7.52 -4.73 2.58
C GLN A 97 6.30 -5.40 1.98
N ILE A 98 6.33 -5.59 0.68
CA ILE A 98 5.30 -6.33 0.00
C ILE A 98 5.49 -7.81 0.26
N LEU A 99 4.56 -8.39 0.99
CA LEU A 99 4.65 -9.77 1.41
C LEU A 99 4.33 -10.69 0.24
N SER A 100 3.33 -10.29 -0.54
CA SER A 100 2.87 -11.07 -1.68
C SER A 100 2.12 -10.15 -2.64
N ALA A 101 2.12 -10.51 -3.93
CA ALA A 101 1.38 -9.75 -4.93
C ALA A 101 1.11 -10.64 -6.13
N LYS A 102 0.19 -10.24 -7.01
CA LYS A 102 -0.05 -10.98 -8.22
C LYS A 102 1.22 -11.01 -9.07
N PRO A 103 1.63 -9.91 -9.75
CA PRO A 103 2.98 -9.79 -10.26
C PRO A 103 3.88 -8.99 -9.34
N ALA A 104 4.97 -9.60 -8.97
CA ALA A 104 5.91 -9.06 -7.99
C ALA A 104 6.22 -7.57 -8.18
N ASN A 105 7.17 -7.30 -9.08
CA ASN A 105 7.72 -5.95 -9.22
C ASN A 105 6.86 -5.08 -10.11
N MET A 106 5.80 -5.66 -10.65
CA MET A 106 4.88 -4.92 -11.50
C MET A 106 4.02 -3.97 -10.68
N PHE A 107 3.66 -4.39 -9.48
CA PHE A 107 2.83 -3.56 -8.61
C PHE A 107 3.60 -3.06 -7.39
N GLU A 108 4.59 -3.84 -6.94
CA GLU A 108 5.40 -3.46 -5.78
C GLU A 108 5.91 -2.03 -5.87
N ARG A 109 6.36 -1.66 -7.05
CA ARG A 109 6.95 -0.36 -7.30
C ARG A 109 5.99 0.78 -6.96
N GLU A 110 4.75 0.66 -7.42
CA GLU A 110 3.77 1.72 -7.25
C GLU A 110 3.20 1.70 -5.85
N VAL A 111 3.19 0.52 -5.23
CA VAL A 111 2.75 0.40 -3.85
C VAL A 111 3.67 1.19 -2.93
N LYS A 112 4.97 0.90 -3.04
CA LYS A 112 5.98 1.58 -2.24
C LYS A 112 5.87 3.10 -2.39
N ASN A 113 5.62 3.56 -3.61
CA ASN A 113 5.45 4.99 -3.89
C ASN A 113 4.30 5.58 -3.08
N ALA A 114 3.22 4.83 -2.95
CA ALA A 114 2.04 5.29 -2.21
C ALA A 114 2.31 5.28 -0.71
N MET A 115 2.93 4.20 -0.25
CA MET A 115 3.21 3.99 1.17
C MET A 115 4.09 5.10 1.72
N ARG A 116 4.89 5.72 0.85
CA ARG A 116 5.76 6.81 1.24
C ARG A 116 4.97 8.09 1.51
N ARG A 117 3.71 8.09 1.11
CA ARG A 117 2.85 9.25 1.32
C ARG A 117 1.75 8.99 2.33
N TRP A 118 1.58 7.74 2.74
CA TRP A 118 0.62 7.40 3.78
C TRP A 118 0.87 8.20 5.05
N ARG A 119 -0.17 8.80 5.60
CA ARG A 119 -0.04 9.62 6.79
C ARG A 119 -0.89 9.05 7.91
N TYR A 120 -0.25 8.80 9.03
CA TYR A 120 -0.91 8.31 10.22
C TYR A 120 -0.82 9.34 11.34
N GLU A 121 -1.89 9.43 12.13
CA GLU A 121 -1.93 10.35 13.27
C GLU A 121 -0.75 10.17 14.20
N PRO A 122 0.03 11.25 14.37
CA PRO A 122 1.18 11.26 15.27
C PRO A 122 0.79 10.99 16.72
N GLY A 123 1.74 10.51 17.50
CA GLY A 123 1.48 10.14 18.86
C GLY A 123 1.25 8.65 18.99
N LYS A 124 1.20 7.97 17.85
CA LYS A 124 0.94 6.53 17.85
C LYS A 124 1.87 5.79 16.89
N PRO A 125 2.74 4.94 17.45
CA PRO A 125 3.54 4.02 16.66
C PRO A 125 2.80 2.72 16.38
N GLY A 126 3.11 2.08 15.26
CA GLY A 126 2.47 0.83 14.91
C GLY A 126 3.49 -0.17 14.43
N SER A 127 3.28 -1.42 14.76
CA SER A 127 4.21 -2.47 14.39
C SER A 127 3.48 -3.70 13.88
N GLY A 128 3.75 -4.08 12.64
CA GLY A 128 3.15 -5.26 12.07
C GLY A 128 1.78 -4.98 11.51
N ILE A 129 1.69 -3.98 10.66
CA ILE A 129 0.42 -3.59 10.10
C ILE A 129 0.32 -4.05 8.65
N VAL A 130 -0.51 -5.04 8.41
CA VAL A 130 -0.64 -5.59 7.08
C VAL A 130 -1.98 -5.20 6.45
N VAL A 131 -1.92 -4.76 5.22
CA VAL A 131 -3.11 -4.38 4.46
C VAL A 131 -3.09 -5.06 3.11
N ASN A 132 -4.19 -4.96 2.37
CA ASN A 132 -4.29 -5.58 1.06
C ASN A 132 -4.77 -4.56 0.05
N ILE A 133 -4.04 -4.37 -1.03
CA ILE A 133 -4.44 -3.42 -2.05
C ILE A 133 -4.99 -4.14 -3.29
N LEU A 134 -6.21 -3.80 -3.62
CA LEU A 134 -6.91 -4.38 -4.74
C LEU A 134 -6.85 -3.45 -5.95
N PHE A 135 -5.97 -3.77 -6.88
CA PHE A 135 -5.91 -3.06 -8.15
C PHE A 135 -6.77 -3.79 -9.17
N LYS A 136 -7.96 -3.25 -9.41
CA LYS A 136 -8.93 -3.90 -10.29
C LYS A 136 -8.70 -3.53 -11.74
N ILE A 137 -9.05 -4.48 -12.62
CA ILE A 137 -8.67 -4.44 -14.03
C ILE A 137 -9.06 -3.13 -14.71
N ASN A 138 -10.14 -2.50 -14.22
CA ASN A 138 -10.63 -1.24 -14.80
C ASN A 138 -9.68 -0.08 -14.51
N GLY A 139 -8.71 -0.33 -13.63
CA GLY A 139 -7.76 0.69 -13.27
C GLY A 139 -8.15 1.39 -11.99
N THR A 140 -8.89 0.69 -11.15
CA THR A 140 -9.30 1.25 -9.88
C THR A 140 -8.50 0.64 -8.75
N THR A 141 -8.56 1.26 -7.59
CA THR A 141 -7.69 0.90 -6.48
C THR A 141 -8.44 0.96 -5.15
N GLU A 142 -8.18 -0.02 -4.29
CA GLU A 142 -8.81 -0.08 -2.97
C GLU A 142 -7.84 -0.72 -1.98
N ILE A 143 -7.87 -0.28 -0.73
CA ILE A 143 -7.01 -0.86 0.29
C ILE A 143 -7.84 -1.43 1.43
N GLN A 144 -7.52 -2.67 1.82
CA GLN A 144 -8.20 -3.34 2.92
C GLN A 144 -7.57 -2.96 4.24
N SER A 56 -8.54 0.61 16.62
CA SER A 56 -7.80 1.65 17.37
C SER A 56 -6.33 1.66 16.94
N GLY A 57 -5.50 2.42 17.63
CA GLY A 57 -4.09 2.51 17.26
C GLY A 57 -3.86 3.64 16.29
N PRO A 58 -2.76 3.58 15.52
CA PRO A 58 -2.44 4.58 14.51
C PRO A 58 -3.53 4.66 13.44
N ARG A 59 -4.15 5.83 13.35
CA ARG A 59 -5.20 6.06 12.37
C ARG A 59 -4.64 6.85 11.19
N ALA A 60 -5.01 6.42 9.99
CA ALA A 60 -4.46 7.01 8.78
C ALA A 60 -5.17 8.30 8.41
N LEU A 61 -4.43 9.40 8.48
CA LEU A 61 -4.89 10.68 8.01
C LEU A 61 -4.90 10.71 6.48
N SER A 62 -3.98 9.94 5.91
CA SER A 62 -3.83 9.86 4.46
C SER A 62 -3.45 8.45 4.03
N ARG A 63 -4.43 7.57 3.85
CA ARG A 63 -4.18 6.26 3.28
C ARG A 63 -4.46 6.33 1.78
N ASN A 64 -3.63 7.10 1.09
CA ASN A 64 -3.78 7.31 -0.34
C ASN A 64 -3.54 6.04 -1.11
N GLN A 65 -4.49 5.75 -1.97
CA GLN A 65 -4.45 4.52 -2.74
C GLN A 65 -3.39 4.63 -3.83
N PRO A 66 -2.51 3.64 -3.91
CA PRO A 66 -1.46 3.59 -4.93
C PRO A 66 -2.04 3.55 -6.32
N GLN A 67 -1.31 4.10 -7.25
CA GLN A 67 -1.77 4.21 -8.61
C GLN A 67 -1.47 2.95 -9.40
N TYR A 68 -2.28 2.72 -10.42
CA TYR A 68 -2.11 1.55 -11.27
C TYR A 68 -1.00 1.82 -12.29
N PRO A 69 -0.24 0.78 -12.62
CA PRO A 69 0.89 0.85 -13.54
C PRO A 69 0.48 0.67 -15.00
N ALA A 70 1.08 1.46 -15.87
CA ALA A 70 0.74 1.45 -17.28
C ALA A 70 1.04 0.11 -17.93
N ARG A 71 2.01 -0.62 -17.38
CA ARG A 71 2.40 -1.91 -17.93
C ARG A 71 1.37 -2.98 -17.62
N ALA A 72 0.83 -2.97 -16.41
CA ALA A 72 -0.12 -4.01 -16.01
C ALA A 72 -1.43 -3.87 -16.77
N GLN A 73 -1.73 -2.65 -17.22
CA GLN A 73 -2.89 -2.40 -18.06
C GLN A 73 -2.79 -3.19 -19.36
N ALA A 74 -1.60 -3.20 -19.95
CA ALA A 74 -1.36 -3.89 -21.20
C ALA A 74 -1.35 -5.41 -20.99
N LEU A 75 -1.21 -5.83 -19.75
CA LEU A 75 -1.15 -7.24 -19.42
C LEU A 75 -2.50 -7.73 -18.89
N ARG A 76 -3.41 -6.77 -18.74
CA ARG A 76 -4.77 -7.02 -18.25
C ARG A 76 -4.73 -7.74 -16.91
N ILE A 77 -3.98 -7.17 -15.98
CA ILE A 77 -3.84 -7.75 -14.66
C ILE A 77 -4.76 -7.07 -13.65
N GLU A 78 -4.96 -7.70 -12.51
CA GLU A 78 -5.51 -7.03 -11.34
C GLU A 78 -4.53 -7.21 -10.20
N GLY A 79 -3.83 -6.15 -9.86
CA GLY A 79 -2.80 -6.26 -8.86
C GLY A 79 -3.36 -6.29 -7.46
N GLN A 80 -3.47 -7.47 -6.91
CA GLN A 80 -3.91 -7.62 -5.56
C GLN A 80 -2.69 -7.81 -4.67
N VAL A 81 -2.30 -6.75 -3.99
CA VAL A 81 -1.07 -6.77 -3.23
C VAL A 81 -1.33 -6.85 -1.73
N LYS A 82 -0.51 -7.63 -1.06
CA LYS A 82 -0.55 -7.72 0.38
C LYS A 82 0.75 -7.16 0.94
N VAL A 83 0.65 -6.08 1.70
CA VAL A 83 1.83 -5.41 2.20
C VAL A 83 1.83 -5.32 3.71
N LYS A 84 3.01 -5.48 4.31
CA LYS A 84 3.18 -5.32 5.74
C LYS A 84 4.15 -4.18 6.01
N PHE A 85 3.75 -3.27 6.89
CA PHE A 85 4.55 -2.10 7.18
C PHE A 85 4.50 -1.78 8.66
N ASP A 86 5.31 -0.81 9.04
CA ASP A 86 5.30 -0.27 10.39
C ASP A 86 5.12 1.24 10.26
N VAL A 87 4.63 1.87 11.31
CA VAL A 87 4.57 3.31 11.31
C VAL A 87 5.26 3.83 12.55
N THR A 88 5.89 4.98 12.43
CA THR A 88 6.63 5.57 13.52
C THR A 88 5.70 6.28 14.47
N PRO A 89 6.16 6.54 15.70
CA PRO A 89 5.39 7.28 16.71
C PRO A 89 5.11 8.72 16.30
N ASP A 90 5.65 9.15 15.17
CA ASP A 90 5.32 10.46 14.62
C ASP A 90 4.34 10.32 13.46
N GLY A 91 4.21 9.10 12.94
CA GLY A 91 3.17 8.81 11.97
C GLY A 91 3.67 8.66 10.56
N ARG A 92 4.77 7.92 10.39
CA ARG A 92 5.32 7.69 9.05
C ARG A 92 5.46 6.20 8.78
N VAL A 93 5.29 5.84 7.52
CA VAL A 93 5.29 4.45 7.10
C VAL A 93 6.70 3.98 6.71
N ASP A 94 7.15 2.90 7.33
CA ASP A 94 8.49 2.38 7.10
C ASP A 94 8.48 0.87 7.32
N ASN A 95 9.60 0.20 6.99
CA ASN A 95 9.70 -1.26 7.11
C ASN A 95 8.66 -1.94 6.23
N VAL A 96 8.42 -1.34 5.08
CA VAL A 96 7.41 -1.82 4.16
C VAL A 96 7.91 -3.02 3.35
N GLN A 97 7.22 -4.14 3.49
CA GLN A 97 7.53 -5.33 2.72
C GLN A 97 6.28 -5.87 2.08
N ILE A 98 6.32 -6.05 0.77
CA ILE A 98 5.24 -6.71 0.07
C ILE A 98 5.45 -8.21 0.14
N LEU A 99 4.54 -8.85 0.84
CA LEU A 99 4.63 -10.27 1.11
C LEU A 99 4.19 -11.05 -0.11
N SER A 100 3.21 -10.52 -0.82
CA SER A 100 2.66 -11.16 -2.00
C SER A 100 1.85 -10.15 -2.81
N ALA A 101 1.66 -10.47 -4.07
CA ALA A 101 0.82 -9.68 -4.96
C ALA A 101 0.37 -10.57 -6.10
N LYS A 102 -0.45 -10.07 -7.01
CA LYS A 102 -0.76 -10.86 -8.20
C LYS A 102 0.52 -11.06 -9.02
N PRO A 103 1.23 -9.98 -9.39
CA PRO A 103 2.60 -10.06 -9.87
C PRO A 103 3.58 -9.90 -8.70
N ALA A 104 4.76 -9.38 -8.96
CA ALA A 104 5.68 -9.07 -7.88
C ALA A 104 6.04 -7.59 -7.87
N ASN A 105 7.14 -7.23 -8.51
CA ASN A 105 7.64 -5.85 -8.48
C ASN A 105 6.82 -4.97 -9.41
N MET A 106 5.95 -5.60 -10.20
CA MET A 106 5.07 -4.89 -11.13
C MET A 106 4.19 -3.88 -10.39
N PHE A 107 3.79 -4.23 -9.18
CA PHE A 107 2.91 -3.35 -8.41
C PHE A 107 3.60 -2.75 -7.20
N GLU A 108 4.57 -3.47 -6.64
CA GLU A 108 5.29 -3.01 -5.44
C GLU A 108 5.75 -1.55 -5.56
N ARG A 109 6.09 -1.15 -6.78
CA ARG A 109 6.57 0.20 -7.05
C ARG A 109 5.60 1.26 -6.54
N GLU A 110 4.40 1.25 -7.07
CA GLU A 110 3.46 2.32 -6.84
C GLU A 110 2.81 2.15 -5.49
N VAL A 111 2.86 0.92 -4.97
CA VAL A 111 2.40 0.66 -3.64
C VAL A 111 3.29 1.41 -2.64
N LYS A 112 4.57 1.10 -2.69
CA LYS A 112 5.53 1.70 -1.76
C LYS A 112 5.61 3.21 -1.95
N ASN A 113 5.44 3.67 -3.18
CA ASN A 113 5.46 5.10 -3.47
C ASN A 113 4.28 5.80 -2.82
N ALA A 114 3.13 5.15 -2.81
CA ALA A 114 1.94 5.70 -2.17
C ALA A 114 2.04 5.55 -0.66
N MET A 115 2.64 4.46 -0.20
CA MET A 115 2.84 4.22 1.22
C MET A 115 3.78 5.26 1.82
N ARG A 116 4.63 5.85 0.98
CA ARG A 116 5.45 6.97 1.40
C ARG A 116 4.59 8.20 1.66
N ARG A 117 3.40 8.19 1.09
CA ARG A 117 2.45 9.28 1.27
C ARG A 117 1.43 8.94 2.35
N TRP A 118 1.45 7.69 2.81
CA TRP A 118 0.59 7.27 3.91
C TRP A 118 0.96 8.01 5.19
N ARG A 119 0.07 8.89 5.59
CA ARG A 119 0.27 9.66 6.79
C ARG A 119 -0.65 9.16 7.89
N TYR A 120 -0.07 8.91 9.04
CA TYR A 120 -0.83 8.46 10.19
C TYR A 120 -0.73 9.49 11.30
N GLU A 121 -1.70 9.45 12.21
CA GLU A 121 -1.73 10.37 13.33
C GLU A 121 -0.47 10.26 14.18
N PRO A 122 0.08 11.40 14.57
CA PRO A 122 1.34 11.45 15.30
C PRO A 122 1.14 11.20 16.78
N GLY A 123 2.04 10.41 17.34
CA GLY A 123 1.90 9.96 18.71
C GLY A 123 1.59 8.48 18.79
N LYS A 124 1.34 7.87 17.63
CA LYS A 124 1.03 6.45 17.57
C LYS A 124 1.92 5.72 16.58
N PRO A 125 2.78 4.82 17.08
CA PRO A 125 3.56 3.92 16.26
C PRO A 125 2.83 2.60 16.01
N GLY A 126 3.14 1.97 14.88
CA GLY A 126 2.52 0.71 14.55
C GLY A 126 3.55 -0.31 14.13
N SER A 127 3.26 -1.58 14.30
CA SER A 127 4.20 -2.64 13.97
C SER A 127 3.50 -3.85 13.39
N GLY A 128 3.96 -4.28 12.23
CA GLY A 128 3.46 -5.49 11.62
C GLY A 128 2.05 -5.34 11.10
N ILE A 129 1.79 -4.21 10.48
CA ILE A 129 0.47 -3.89 9.97
C ILE A 129 0.32 -4.40 8.55
N VAL A 130 -0.59 -5.32 8.34
CA VAL A 130 -0.80 -5.89 7.02
C VAL A 130 -2.05 -5.32 6.36
N VAL A 131 -1.90 -4.96 5.09
CA VAL A 131 -2.99 -4.42 4.30
C VAL A 131 -3.07 -5.12 2.95
N ASN A 132 -4.22 -5.00 2.32
CA ASN A 132 -4.46 -5.61 1.03
C ASN A 132 -4.96 -4.55 0.06
N ILE A 133 -4.20 -4.29 -0.99
CA ILE A 133 -4.62 -3.29 -1.97
C ILE A 133 -5.10 -3.99 -3.22
N LEU A 134 -6.38 -3.81 -3.53
CA LEU A 134 -6.97 -4.43 -4.70
C LEU A 134 -6.94 -3.49 -5.89
N PHE A 135 -5.97 -3.68 -6.76
CA PHE A 135 -5.90 -2.92 -7.99
C PHE A 135 -6.70 -3.66 -9.06
N LYS A 136 -7.99 -3.38 -9.14
CA LYS A 136 -8.87 -4.07 -10.08
C LYS A 136 -8.50 -3.75 -11.52
N ILE A 137 -8.82 -4.67 -12.42
CA ILE A 137 -8.36 -4.61 -13.80
C ILE A 137 -8.87 -3.36 -14.53
N ASN A 138 -9.89 -2.74 -13.96
CA ASN A 138 -10.46 -1.52 -14.52
C ASN A 138 -9.49 -0.37 -14.32
N GLY A 139 -8.63 -0.50 -13.32
CA GLY A 139 -7.67 0.54 -13.03
C GLY A 139 -7.98 1.26 -11.74
N THR A 140 -8.90 0.71 -10.96
CA THR A 140 -9.27 1.31 -9.69
C THR A 140 -8.65 0.51 -8.55
N THR A 141 -8.70 1.10 -7.37
CA THR A 141 -7.91 0.60 -6.24
C THR A 141 -8.67 0.73 -4.93
N GLU A 142 -8.28 -0.09 -3.95
CA GLU A 142 -8.83 0.03 -2.61
C GLU A 142 -7.96 -0.75 -1.63
N ILE A 143 -7.69 -0.17 -0.46
CA ILE A 143 -6.88 -0.83 0.55
C ILE A 143 -7.74 -1.39 1.68
N GLN A 144 -7.42 -2.61 2.11
CA GLN A 144 -8.09 -3.25 3.21
C GLN A 144 -7.42 -2.88 4.54
N SER A 56 -8.58 2.10 18.61
CA SER A 56 -7.22 2.63 18.90
C SER A 56 -6.26 2.24 17.78
N GLY A 57 -4.97 2.40 18.02
CA GLY A 57 -3.99 2.16 16.97
C GLY A 57 -3.76 3.38 16.12
N PRO A 58 -2.79 3.33 15.20
CA PRO A 58 -2.54 4.43 14.27
C PRO A 58 -3.74 4.73 13.40
N ARG A 59 -4.32 5.90 13.58
CA ARG A 59 -5.51 6.28 12.83
C ARG A 59 -5.08 6.87 11.48
N ALA A 60 -5.63 6.32 10.41
CA ALA A 60 -5.20 6.67 9.08
C ALA A 60 -5.78 8.02 8.63
N LEU A 61 -4.91 9.02 8.57
CA LEU A 61 -5.27 10.31 8.10
C LEU A 61 -5.41 10.31 6.57
N SER A 62 -4.52 9.58 5.92
CA SER A 62 -4.49 9.54 4.48
C SER A 62 -4.80 8.15 3.92
N ARG A 63 -3.79 7.28 3.91
CA ARG A 63 -3.87 6.00 3.19
C ARG A 63 -4.21 6.24 1.73
N ASN A 64 -3.33 6.96 1.04
CA ASN A 64 -3.52 7.24 -0.37
C ASN A 64 -3.23 6.01 -1.19
N GLN A 65 -3.99 5.82 -2.24
CA GLN A 65 -3.90 4.63 -3.04
C GLN A 65 -2.79 4.78 -4.08
N PRO A 66 -1.91 3.77 -4.20
CA PRO A 66 -0.82 3.77 -5.18
C PRO A 66 -1.35 3.84 -6.61
N GLN A 67 -0.53 4.34 -7.52
CA GLN A 67 -0.95 4.58 -8.90
C GLN A 67 -0.90 3.29 -9.73
N TYR A 68 -1.95 3.06 -10.50
CA TYR A 68 -2.04 1.88 -11.36
C TYR A 68 -1.07 1.99 -12.52
N PRO A 69 -0.55 0.85 -12.98
CA PRO A 69 0.38 0.74 -14.08
C PRO A 69 -0.30 0.37 -15.40
N ALA A 70 -0.10 1.18 -16.42
CA ALA A 70 -0.70 0.94 -17.72
C ALA A 70 -0.13 -0.32 -18.37
N ARG A 71 1.06 -0.73 -17.94
CA ARG A 71 1.64 -1.99 -18.42
C ARG A 71 0.76 -3.18 -18.03
N ALA A 72 0.34 -3.20 -16.78
CA ALA A 72 -0.42 -4.34 -16.26
C ALA A 72 -1.81 -4.39 -16.87
N GLN A 73 -2.42 -3.23 -17.05
CA GLN A 73 -3.77 -3.15 -17.60
C GLN A 73 -3.80 -3.61 -19.05
N ALA A 74 -2.72 -3.31 -19.76
CA ALA A 74 -2.57 -3.76 -21.14
C ALA A 74 -2.30 -5.25 -21.19
N LEU A 75 -1.81 -5.78 -20.07
CA LEU A 75 -1.50 -7.20 -19.96
C LEU A 75 -2.70 -7.97 -19.40
N ARG A 76 -3.78 -7.21 -19.15
CA ARG A 76 -5.01 -7.77 -18.58
C ARG A 76 -4.77 -8.36 -17.20
N ILE A 77 -3.96 -7.67 -16.42
CA ILE A 77 -3.71 -8.07 -15.05
C ILE A 77 -4.37 -7.10 -14.09
N GLU A 78 -4.61 -7.57 -12.88
CA GLU A 78 -4.96 -6.72 -11.78
C GLU A 78 -4.10 -7.14 -10.60
N GLY A 79 -3.61 -6.19 -9.85
CA GLY A 79 -2.66 -6.52 -8.81
C GLY A 79 -3.25 -6.35 -7.43
N GLN A 80 -3.29 -7.42 -6.68
CA GLN A 80 -3.65 -7.32 -5.27
C GLN A 80 -2.41 -7.53 -4.44
N VAL A 81 -1.92 -6.47 -3.84
CA VAL A 81 -0.68 -6.54 -3.09
C VAL A 81 -0.95 -6.62 -1.59
N LYS A 82 -0.21 -7.48 -0.92
CA LYS A 82 -0.37 -7.69 0.50
C LYS A 82 0.87 -7.19 1.22
N VAL A 83 0.77 -6.05 1.88
CA VAL A 83 1.93 -5.40 2.47
C VAL A 83 1.83 -5.30 3.98
N LYS A 84 2.95 -5.51 4.65
CA LYS A 84 3.07 -5.23 6.07
C LYS A 84 3.98 -4.04 6.27
N PHE A 85 3.59 -3.14 7.15
CA PHE A 85 4.38 -1.96 7.44
C PHE A 85 4.34 -1.66 8.92
N ASP A 86 5.24 -0.80 9.35
CA ASP A 86 5.36 -0.41 10.73
C ASP A 86 5.51 1.11 10.79
N VAL A 87 4.62 1.78 11.49
CA VAL A 87 4.63 3.24 11.47
C VAL A 87 5.24 3.78 12.75
N THR A 88 5.83 4.95 12.64
CA THR A 88 6.48 5.60 13.77
C THR A 88 5.45 6.37 14.58
N PRO A 89 5.83 6.82 15.79
CA PRO A 89 4.99 7.69 16.62
C PRO A 89 4.77 9.06 15.98
N ASP A 90 5.31 9.24 14.78
CA ASP A 90 5.07 10.46 14.00
C ASP A 90 4.05 10.19 12.92
N GLY A 91 3.68 8.92 12.76
CA GLY A 91 2.73 8.55 11.74
C GLY A 91 3.39 8.31 10.40
N ARG A 92 4.67 7.94 10.45
CA ARG A 92 5.43 7.68 9.24
C ARG A 92 5.57 6.20 8.99
N VAL A 93 5.24 5.83 7.77
CA VAL A 93 5.25 4.43 7.35
C VAL A 93 6.65 3.99 6.97
N ASP A 94 7.08 2.89 7.58
CA ASP A 94 8.41 2.33 7.34
C ASP A 94 8.33 0.83 7.55
N ASN A 95 9.45 0.12 7.33
CA ASN A 95 9.49 -1.34 7.47
C ASN A 95 8.56 -2.01 6.48
N VAL A 96 8.34 -1.32 5.37
CA VAL A 96 7.40 -1.76 4.36
C VAL A 96 7.96 -2.92 3.56
N GLN A 97 7.24 -4.03 3.60
CA GLN A 97 7.61 -5.22 2.86
C GLN A 97 6.38 -5.86 2.25
N ILE A 98 6.41 -6.05 0.94
CA ILE A 98 5.32 -6.69 0.24
C ILE A 98 5.40 -8.19 0.42
N LEU A 99 4.42 -8.72 1.13
CA LEU A 99 4.39 -10.13 1.49
C LEU A 99 3.99 -10.97 0.30
N SER A 100 3.09 -10.42 -0.52
CA SER A 100 2.60 -11.10 -1.70
C SER A 100 2.05 -10.09 -2.69
N ALA A 101 2.16 -10.39 -3.97
CA ALA A 101 1.59 -9.57 -5.03
C ALA A 101 1.32 -10.44 -6.25
N LYS A 102 0.35 -10.07 -7.07
CA LYS A 102 0.02 -10.91 -8.23
C LYS A 102 1.18 -10.90 -9.23
N PRO A 103 1.55 -9.75 -9.83
CA PRO A 103 2.85 -9.59 -10.45
C PRO A 103 3.90 -9.22 -9.41
N ALA A 104 5.14 -9.03 -9.81
CA ALA A 104 6.20 -8.75 -8.85
C ALA A 104 6.47 -7.24 -8.74
N ASN A 105 7.43 -6.75 -9.52
CA ASN A 105 7.86 -5.36 -9.39
C ASN A 105 6.91 -4.43 -10.13
N MET A 106 5.88 -5.00 -10.74
CA MET A 106 4.90 -4.24 -11.49
C MET A 106 4.11 -3.31 -10.58
N PHE A 107 3.76 -3.79 -9.40
CA PHE A 107 2.93 -3.01 -8.49
C PHE A 107 3.70 -2.54 -7.26
N GLU A 108 4.63 -3.37 -6.79
CA GLU A 108 5.41 -3.06 -5.59
C GLU A 108 6.00 -1.65 -5.64
N ARG A 109 6.42 -1.24 -6.82
CA ARG A 109 7.11 0.03 -7.02
C ARG A 109 6.25 1.22 -6.57
N GLU A 110 4.99 1.23 -6.98
CA GLU A 110 4.12 2.35 -6.68
C GLU A 110 3.59 2.22 -5.26
N VAL A 111 3.45 0.98 -4.81
CA VAL A 111 2.95 0.73 -3.47
C VAL A 111 3.88 1.35 -2.44
N LYS A 112 5.15 0.99 -2.51
CA LYS A 112 6.17 1.50 -1.59
C LYS A 112 6.26 3.02 -1.65
N ASN A 113 6.05 3.58 -2.85
CA ASN A 113 6.03 5.03 -3.02
C ASN A 113 4.82 5.61 -2.29
N ALA A 114 3.70 4.88 -2.34
CA ALA A 114 2.48 5.31 -1.67
C ALA A 114 2.64 5.25 -0.17
N MET A 115 3.33 4.22 0.30
CA MET A 115 3.55 4.02 1.73
C MET A 115 4.30 5.21 2.32
N ARG A 116 5.17 5.81 1.53
CA ARG A 116 5.92 6.98 1.96
C ARG A 116 5.03 8.21 2.02
N ARG A 117 3.87 8.09 1.39
CA ARG A 117 2.88 9.15 1.39
C ARG A 117 1.78 8.88 2.41
N TRP A 118 1.75 7.66 2.96
CA TRP A 118 0.73 7.31 3.95
C TRP A 118 0.92 8.09 5.25
N ARG A 119 0.00 9.00 5.50
CA ARG A 119 -0.01 9.75 6.74
C ARG A 119 -0.96 9.13 7.74
N TYR A 120 -0.42 8.81 8.89
CA TYR A 120 -1.20 8.38 10.03
C TYR A 120 -1.11 9.45 11.08
N GLU A 121 -2.12 9.53 11.94
CA GLU A 121 -2.13 10.52 13.00
C GLU A 121 -0.90 10.37 13.88
N PRO A 122 -0.04 11.41 13.90
CA PRO A 122 1.15 11.42 14.74
C PRO A 122 0.80 11.26 16.20
N GLY A 123 1.67 10.56 16.92
CA GLY A 123 1.40 10.24 18.29
C GLY A 123 1.11 8.76 18.47
N LYS A 124 0.99 8.04 17.36
CA LYS A 124 0.69 6.62 17.40
C LYS A 124 1.57 5.80 16.46
N PRO A 125 2.47 5.00 17.01
CA PRO A 125 3.22 4.00 16.26
C PRO A 125 2.44 2.69 16.15
N GLY A 126 2.69 1.94 15.09
CA GLY A 126 1.99 0.69 14.90
C GLY A 126 2.90 -0.36 14.32
N SER A 127 2.87 -1.54 14.91
CA SER A 127 3.76 -2.61 14.50
C SER A 127 2.98 -3.75 13.84
N GLY A 128 3.42 -4.13 12.65
CA GLY A 128 2.81 -5.21 11.91
C GLY A 128 1.43 -4.87 11.45
N ILE A 129 1.33 -3.79 10.71
CA ILE A 129 0.09 -3.42 10.10
C ILE A 129 0.05 -4.00 8.71
N VAL A 130 -0.77 -4.99 8.52
CA VAL A 130 -0.80 -5.70 7.27
C VAL A 130 -2.08 -5.40 6.52
N VAL A 131 -1.91 -4.89 5.31
CA VAL A 131 -3.02 -4.47 4.48
C VAL A 131 -2.98 -5.16 3.14
N ASN A 132 -4.01 -4.91 2.35
CA ASN A 132 -4.09 -5.45 1.01
C ASN A 132 -4.60 -4.39 0.05
N ILE A 133 -3.84 -4.11 -0.99
CA ILE A 133 -4.26 -3.13 -1.97
C ILE A 133 -4.80 -3.81 -3.22
N LEU A 134 -6.06 -3.52 -3.52
CA LEU A 134 -6.74 -4.10 -4.66
C LEU A 134 -6.65 -3.17 -5.86
N PHE A 135 -5.73 -3.45 -6.75
CA PHE A 135 -5.64 -2.72 -8.00
C PHE A 135 -6.48 -3.42 -9.05
N LYS A 136 -7.71 -2.97 -9.20
CA LYS A 136 -8.65 -3.61 -10.12
C LYS A 136 -8.26 -3.34 -11.57
N ILE A 137 -8.53 -4.31 -12.44
CA ILE A 137 -8.10 -4.28 -13.85
C ILE A 137 -8.70 -3.07 -14.59
N ASN A 138 -9.77 -2.51 -14.05
CA ASN A 138 -10.44 -1.37 -14.68
C ASN A 138 -9.71 -0.07 -14.37
N GLY A 139 -8.74 -0.12 -13.47
CA GLY A 139 -7.92 1.05 -13.21
C GLY A 139 -8.11 1.63 -11.82
N THR A 140 -9.15 1.21 -11.12
CA THR A 140 -9.40 1.74 -9.79
C THR A 140 -8.58 0.99 -8.74
N THR A 141 -8.57 1.52 -7.54
CA THR A 141 -7.74 0.99 -6.47
C THR A 141 -8.53 0.91 -5.17
N GLU A 142 -8.11 0.01 -4.29
CA GLU A 142 -8.80 -0.23 -3.04
C GLU A 142 -7.80 -0.66 -1.97
N ILE A 143 -8.07 -0.37 -0.71
CA ILE A 143 -7.16 -0.75 0.37
C ILE A 143 -7.90 -1.46 1.50
N GLN A 144 -7.34 -2.58 1.94
CA GLN A 144 -7.88 -3.37 3.02
C GLN A 144 -7.14 -3.07 4.31
N SER A 56 -8.43 2.90 19.07
CA SER A 56 -8.49 3.71 17.84
C SER A 56 -7.25 3.45 16.99
N GLY A 57 -6.07 3.73 17.54
CA GLY A 57 -4.83 3.47 16.83
C GLY A 57 -4.49 4.59 15.87
N PRO A 58 -3.50 4.37 14.98
CA PRO A 58 -3.14 5.35 13.97
C PRO A 58 -4.20 5.49 12.88
N ARG A 59 -4.74 6.69 12.76
CA ARG A 59 -5.74 6.97 11.73
C ARG A 59 -5.07 7.57 10.51
N ALA A 60 -5.43 7.08 9.35
CA ALA A 60 -4.80 7.50 8.12
C ALA A 60 -5.46 8.74 7.54
N LEU A 61 -4.75 9.85 7.62
CA LEU A 61 -5.15 11.07 6.95
C LEU A 61 -5.03 10.90 5.44
N SER A 62 -4.00 10.19 5.04
CA SER A 62 -3.78 9.86 3.65
C SER A 62 -3.33 8.42 3.50
N ARG A 63 -4.27 7.53 3.22
CA ARG A 63 -3.94 6.16 2.88
C ARG A 63 -4.10 6.02 1.38
N ASN A 64 -3.44 6.93 0.67
CA ASN A 64 -3.58 7.05 -0.78
C ASN A 64 -3.27 5.75 -1.47
N GLN A 65 -4.15 5.40 -2.38
CA GLN A 65 -4.07 4.15 -3.09
C GLN A 65 -3.01 4.24 -4.18
N PRO A 66 -2.09 3.26 -4.21
CA PRO A 66 -0.99 3.22 -5.17
C PRO A 66 -1.48 3.19 -6.62
N GLN A 67 -0.59 3.58 -7.53
CA GLN A 67 -0.92 3.67 -8.94
C GLN A 67 -0.81 2.29 -9.61
N TYR A 68 -1.83 1.91 -10.35
CA TYR A 68 -1.76 0.70 -11.17
C TYR A 68 -1.06 1.03 -12.49
N PRO A 69 -0.18 0.14 -12.96
CA PRO A 69 0.67 0.40 -14.11
C PRO A 69 -0.01 0.05 -15.42
N ALA A 70 0.10 0.95 -16.39
CA ALA A 70 -0.50 0.76 -17.70
C ALA A 70 0.11 -0.46 -18.40
N ARG A 71 1.32 -0.83 -17.99
CA ARG A 71 1.98 -2.02 -18.52
C ARG A 71 1.21 -3.27 -18.12
N ALA A 72 0.69 -3.29 -16.89
CA ALA A 72 -0.06 -4.44 -16.42
C ALA A 72 -1.45 -4.44 -17.05
N GLN A 73 -1.94 -3.25 -17.35
CA GLN A 73 -3.26 -3.10 -17.97
C GLN A 73 -3.26 -3.60 -19.41
N ALA A 74 -2.12 -3.42 -20.08
CA ALA A 74 -1.97 -3.89 -21.44
C ALA A 74 -1.88 -5.42 -21.44
N LEU A 75 -1.48 -5.95 -20.30
CA LEU A 75 -1.38 -7.39 -20.10
C LEU A 75 -2.69 -7.94 -19.54
N ARG A 76 -3.66 -7.04 -19.36
CA ARG A 76 -4.98 -7.38 -18.85
C ARG A 76 -4.91 -7.98 -17.45
N ILE A 77 -4.00 -7.44 -16.65
CA ILE A 77 -3.83 -7.91 -15.29
C ILE A 77 -4.54 -6.97 -14.32
N GLU A 78 -4.82 -7.47 -13.14
CA GLU A 78 -5.28 -6.64 -12.04
C GLU A 78 -4.55 -7.10 -10.79
N GLY A 79 -3.96 -6.15 -10.09
CA GLY A 79 -3.04 -6.49 -9.03
C GLY A 79 -3.70 -6.70 -7.69
N GLN A 80 -3.09 -7.53 -6.86
CA GLN A 80 -3.49 -7.68 -5.48
C GLN A 80 -2.25 -7.87 -4.63
N VAL A 81 -1.87 -6.83 -3.91
CA VAL A 81 -0.66 -6.86 -3.13
C VAL A 81 -0.99 -6.94 -1.64
N LYS A 82 -0.28 -7.79 -0.94
CA LYS A 82 -0.41 -7.92 0.50
C LYS A 82 0.89 -7.44 1.15
N VAL A 83 0.84 -6.30 1.81
CA VAL A 83 2.03 -5.65 2.32
C VAL A 83 2.01 -5.57 3.84
N LYS A 84 3.19 -5.67 4.44
CA LYS A 84 3.34 -5.39 5.87
C LYS A 84 4.24 -4.18 6.07
N PHE A 85 3.81 -3.29 6.95
CA PHE A 85 4.56 -2.08 7.27
C PHE A 85 4.44 -1.79 8.75
N ASP A 86 5.15 -0.79 9.20
CA ASP A 86 4.99 -0.31 10.56
C ASP A 86 5.02 1.21 10.55
N VAL A 87 4.32 1.82 11.50
CA VAL A 87 4.32 3.26 11.61
C VAL A 87 4.88 3.65 12.97
N THR A 88 5.54 4.78 13.00
CA THR A 88 6.16 5.28 14.21
C THR A 88 5.13 6.01 15.08
N PRO A 89 5.47 6.33 16.34
CA PRO A 89 4.60 7.11 17.22
C PRO A 89 4.31 8.50 16.68
N ASP A 90 5.05 8.93 15.65
CA ASP A 90 4.81 10.22 15.03
C ASP A 90 4.16 10.06 13.65
N GLY A 91 3.82 8.81 13.31
CA GLY A 91 3.03 8.53 12.13
C GLY A 91 3.85 8.46 10.85
N ARG A 92 4.98 7.77 10.91
CA ARG A 92 5.81 7.56 9.73
C ARG A 92 5.77 6.11 9.30
N VAL A 93 5.50 5.89 8.03
CA VAL A 93 5.46 4.55 7.48
C VAL A 93 6.87 4.06 7.15
N ASP A 94 7.25 2.91 7.69
CA ASP A 94 8.57 2.35 7.46
C ASP A 94 8.51 0.83 7.42
N ASN A 95 9.61 0.20 7.02
CA ASN A 95 9.74 -1.26 7.00
C ASN A 95 8.67 -1.89 6.13
N VAL A 96 8.40 -1.21 5.03
CA VAL A 96 7.39 -1.65 4.10
C VAL A 96 7.89 -2.81 3.25
N GLN A 97 7.30 -3.96 3.48
CA GLN A 97 7.68 -5.16 2.76
C GLN A 97 6.46 -5.86 2.20
N ILE A 98 6.42 -5.95 0.89
CA ILE A 98 5.35 -6.65 0.20
C ILE A 98 5.52 -8.15 0.43
N LEU A 99 4.53 -8.73 1.09
CA LEU A 99 4.57 -10.13 1.46
C LEU A 99 4.20 -11.00 0.27
N SER A 100 3.24 -10.51 -0.51
CA SER A 100 2.76 -11.23 -1.67
C SER A 100 2.12 -10.26 -2.65
N ALA A 101 2.13 -10.62 -3.93
CA ALA A 101 1.49 -9.84 -4.97
C ALA A 101 1.20 -10.75 -6.15
N LYS A 102 0.59 -10.21 -7.20
CA LYS A 102 0.41 -11.00 -8.41
C LYS A 102 1.69 -10.93 -9.26
N PRO A 103 2.05 -9.75 -9.84
CA PRO A 103 3.40 -9.52 -10.31
C PRO A 103 4.25 -8.90 -9.22
N ALA A 104 5.56 -8.91 -9.39
CA ALA A 104 6.47 -8.41 -8.36
C ALA A 104 6.60 -6.88 -8.40
N ASN A 105 7.66 -6.40 -9.06
CA ASN A 105 7.97 -4.97 -9.05
C ASN A 105 6.94 -4.16 -9.82
N MET A 106 6.15 -4.85 -10.64
CA MET A 106 5.10 -4.21 -11.43
C MET A 106 4.19 -3.39 -10.54
N PHE A 107 3.85 -3.92 -9.37
CA PHE A 107 2.98 -3.21 -8.45
C PHE A 107 3.74 -2.75 -7.21
N GLU A 108 4.73 -3.53 -6.78
CA GLU A 108 5.51 -3.21 -5.58
C GLU A 108 6.03 -1.78 -5.62
N ARG A 109 6.46 -1.33 -6.81
CA ARG A 109 7.05 -0.01 -6.95
C ARG A 109 6.08 1.10 -6.53
N GLU A 110 4.83 1.01 -6.96
CA GLU A 110 3.88 2.06 -6.70
C GLU A 110 3.25 1.90 -5.33
N VAL A 111 3.25 0.67 -4.84
CA VAL A 111 2.76 0.42 -3.49
C VAL A 111 3.64 1.14 -2.49
N LYS A 112 4.94 0.85 -2.56
CA LYS A 112 5.92 1.50 -1.69
C LYS A 112 5.86 3.01 -1.88
N ASN A 113 5.74 3.43 -3.14
CA ASN A 113 5.66 4.85 -3.49
C ASN A 113 4.49 5.53 -2.77
N ALA A 114 3.35 4.85 -2.75
CA ALA A 114 2.16 5.37 -2.08
C ALA A 114 2.34 5.38 -0.58
N MET A 115 2.84 4.26 -0.07
CA MET A 115 2.99 4.07 1.37
C MET A 115 4.01 5.03 1.96
N ARG A 116 4.91 5.52 1.12
CA ARG A 116 5.85 6.56 1.53
C ARG A 116 5.13 7.83 1.93
N ARG A 117 3.95 8.02 1.35
CA ARG A 117 3.19 9.24 1.58
C ARG A 117 2.00 8.97 2.49
N TRP A 118 1.81 7.71 2.87
CA TRP A 118 0.79 7.35 3.86
C TRP A 118 1.02 8.12 5.15
N ARG A 119 0.09 9.02 5.45
CA ARG A 119 0.21 9.84 6.64
C ARG A 119 -0.81 9.44 7.69
N TYR A 120 -0.30 9.11 8.86
CA TYR A 120 -1.13 8.70 9.98
C TYR A 120 -1.05 9.71 11.10
N GLU A 121 -2.15 9.88 11.83
CA GLU A 121 -2.16 10.75 13.00
C GLU A 121 -1.18 10.25 14.05
N PRO A 122 -0.30 11.14 14.50
CA PRO A 122 0.74 10.83 15.47
C PRO A 122 0.16 10.55 16.86
N GLY A 123 0.98 9.95 17.71
CA GLY A 123 0.54 9.57 19.03
C GLY A 123 0.32 8.09 19.14
N LYS A 124 0.42 7.39 18.01
CA LYS A 124 0.22 5.96 17.98
C LYS A 124 1.08 5.27 16.92
N PRO A 125 2.03 4.44 17.38
CA PRO A 125 2.80 3.56 16.51
C PRO A 125 2.05 2.26 16.22
N GLY A 126 2.32 1.67 15.07
CA GLY A 126 1.70 0.42 14.72
C GLY A 126 2.70 -0.53 14.10
N SER A 127 2.99 -1.62 14.79
CA SER A 127 4.01 -2.55 14.33
C SER A 127 3.39 -3.79 13.69
N GLY A 128 3.86 -4.15 12.50
CA GLY A 128 3.41 -5.35 11.84
C GLY A 128 2.00 -5.23 11.31
N ILE A 129 1.74 -4.16 10.57
CA ILE A 129 0.42 -3.92 10.02
C ILE A 129 0.34 -4.50 8.62
N VAL A 130 -0.60 -5.40 8.40
CA VAL A 130 -0.76 -6.00 7.10
C VAL A 130 -1.95 -5.41 6.36
N VAL A 131 -1.74 -5.07 5.11
CA VAL A 131 -2.79 -4.52 4.27
C VAL A 131 -2.84 -5.21 2.92
N ASN A 132 -4.00 -5.14 2.29
CA ASN A 132 -4.18 -5.74 0.98
C ASN A 132 -4.68 -4.68 0.02
N ILE A 133 -3.92 -4.42 -1.02
CA ILE A 133 -4.31 -3.44 -2.01
C ILE A 133 -4.80 -4.13 -3.26
N LEU A 134 -6.04 -3.87 -3.58
CA LEU A 134 -6.72 -4.55 -4.65
C LEU A 134 -6.86 -3.62 -5.85
N PHE A 135 -5.96 -3.80 -6.80
CA PHE A 135 -5.93 -2.99 -8.01
C PHE A 135 -6.79 -3.64 -9.08
N LYS A 136 -8.08 -3.38 -9.03
CA LYS A 136 -9.02 -4.00 -9.95
C LYS A 136 -8.89 -3.38 -11.34
N ILE A 137 -8.86 -4.24 -12.36
CA ILE A 137 -8.76 -3.79 -13.75
C ILE A 137 -10.02 -3.00 -14.18
N ASN A 138 -10.96 -2.91 -13.26
CA ASN A 138 -12.16 -2.09 -13.45
C ASN A 138 -11.79 -0.61 -13.44
N GLY A 139 -10.63 -0.31 -12.89
CA GLY A 139 -10.19 1.07 -12.84
C GLY A 139 -10.33 1.67 -11.45
N THR A 140 -10.30 0.80 -10.44
CA THR A 140 -10.39 1.24 -9.07
C THR A 140 -9.34 0.53 -8.22
N THR A 141 -9.15 1.02 -7.02
CA THR A 141 -8.17 0.47 -6.09
C THR A 141 -8.71 0.55 -4.67
N GLU A 142 -8.23 -0.32 -3.80
CA GLU A 142 -8.71 -0.35 -2.45
C GLU A 142 -7.68 -0.98 -1.52
N ILE A 143 -7.50 -0.40 -0.35
CA ILE A 143 -6.61 -0.97 0.64
C ILE A 143 -7.41 -1.57 1.80
N GLN A 144 -7.11 -2.82 2.11
CA GLN A 144 -7.80 -3.55 3.15
C GLN A 144 -7.14 -3.30 4.51
N SER A 56 -7.93 5.39 19.12
CA SER A 56 -7.52 4.02 19.47
C SER A 56 -6.64 3.42 18.38
N GLY A 57 -5.36 3.79 18.40
CA GLY A 57 -4.43 3.30 17.42
C GLY A 57 -4.06 4.36 16.41
N PRO A 58 -3.04 4.11 15.59
CA PRO A 58 -2.62 5.05 14.55
C PRO A 58 -3.70 5.20 13.48
N ARG A 59 -4.34 6.36 13.47
CA ARG A 59 -5.43 6.59 12.54
C ARG A 59 -4.91 7.22 11.25
N ALA A 60 -5.39 6.71 10.14
CA ALA A 60 -4.93 7.15 8.84
C ALA A 60 -5.68 8.38 8.36
N LEU A 61 -4.91 9.39 8.02
CA LEU A 61 -5.47 10.64 7.51
C LEU A 61 -5.61 10.55 6.00
N SER A 62 -4.70 9.80 5.40
CA SER A 62 -4.66 9.64 3.95
C SER A 62 -3.86 8.39 3.58
N ARG A 63 -4.57 7.28 3.39
CA ARG A 63 -3.96 6.07 2.91
C ARG A 63 -4.07 6.03 1.39
N ASN A 64 -3.27 6.87 0.74
CA ASN A 64 -3.32 7.05 -0.71
C ASN A 64 -3.15 5.74 -1.45
N GLN A 65 -4.03 5.54 -2.41
CA GLN A 65 -3.97 4.37 -3.28
C GLN A 65 -2.72 4.45 -4.15
N PRO A 66 -1.94 3.38 -4.21
CA PRO A 66 -0.81 3.28 -5.12
C PRO A 66 -1.26 3.33 -6.55
N GLN A 67 -0.43 3.88 -7.40
CA GLN A 67 -0.80 4.14 -8.76
C GLN A 67 -0.72 2.87 -9.59
N TYR A 68 -1.83 2.55 -10.23
CA TYR A 68 -1.92 1.34 -11.05
C TYR A 68 -1.15 1.54 -12.34
N PRO A 69 -0.56 0.48 -12.88
CA PRO A 69 0.20 0.51 -14.11
C PRO A 69 -0.64 0.12 -15.31
N ALA A 70 -0.82 1.04 -16.24
CA ALA A 70 -1.50 0.75 -17.48
C ALA A 70 -0.72 -0.30 -18.26
N ARG A 71 0.53 -0.47 -17.89
CA ARG A 71 1.39 -1.50 -18.45
C ARG A 71 0.90 -2.89 -18.05
N ALA A 72 0.36 -3.00 -16.84
CA ALA A 72 -0.09 -4.29 -16.32
C ALA A 72 -1.47 -4.65 -16.85
N GLN A 73 -2.30 -3.66 -17.05
CA GLN A 73 -3.65 -3.89 -17.56
C GLN A 73 -3.61 -4.28 -19.01
N ALA A 74 -2.57 -3.83 -19.69
CA ALA A 74 -2.33 -4.20 -21.08
C ALA A 74 -1.86 -5.65 -21.14
N LEU A 75 -1.41 -6.15 -20.00
CA LEU A 75 -1.03 -7.55 -19.84
C LEU A 75 -2.20 -8.33 -19.26
N ARG A 76 -3.32 -7.64 -19.09
CA ARG A 76 -4.55 -8.22 -18.56
C ARG A 76 -4.37 -8.74 -17.14
N ILE A 77 -3.56 -8.03 -16.37
CA ILE A 77 -3.33 -8.41 -14.98
C ILE A 77 -4.06 -7.50 -14.03
N GLU A 78 -4.34 -8.02 -12.84
CA GLU A 78 -4.87 -7.22 -11.75
C GLU A 78 -4.02 -7.52 -10.53
N GLY A 79 -3.52 -6.49 -9.88
CA GLY A 79 -2.59 -6.70 -8.80
C GLY A 79 -3.26 -6.69 -7.45
N GLN A 80 -3.20 -7.81 -6.76
CA GLN A 80 -3.64 -7.86 -5.37
C GLN A 80 -2.42 -7.99 -4.48
N VAL A 81 -2.05 -6.90 -3.85
CA VAL A 81 -0.85 -6.86 -3.04
C VAL A 81 -1.20 -6.86 -1.56
N LYS A 82 -0.43 -7.59 -0.79
CA LYS A 82 -0.59 -7.62 0.66
C LYS A 82 0.72 -7.19 1.29
N VAL A 83 0.68 -6.06 1.99
CA VAL A 83 1.89 -5.45 2.50
C VAL A 83 1.83 -5.29 4.01
N LYS A 84 2.98 -5.40 4.67
CA LYS A 84 3.08 -5.11 6.08
C LYS A 84 4.01 -3.92 6.30
N PHE A 85 3.59 -3.03 7.18
CA PHE A 85 4.37 -1.86 7.53
C PHE A 85 4.26 -1.58 9.02
N ASP A 86 5.04 -0.61 9.45
CA ASP A 86 5.00 -0.15 10.84
C ASP A 86 5.00 1.36 10.82
N VAL A 87 4.30 1.99 11.74
CA VAL A 87 4.33 3.45 11.80
C VAL A 87 4.99 3.90 13.09
N THR A 88 5.64 5.04 13.03
CA THR A 88 6.37 5.55 14.17
C THR A 88 5.45 6.37 15.07
N PRO A 89 5.94 6.79 16.25
CA PRO A 89 5.21 7.71 17.14
C PRO A 89 5.06 9.09 16.49
N ASP A 90 5.56 9.23 15.27
CA ASP A 90 5.39 10.47 14.50
C ASP A 90 4.36 10.24 13.39
N GLY A 91 3.88 8.99 13.29
CA GLY A 91 2.90 8.64 12.28
C GLY A 91 3.53 8.45 10.91
N ARG A 92 4.79 8.03 10.91
CA ARG A 92 5.51 7.81 9.66
C ARG A 92 5.56 6.34 9.31
N VAL A 93 5.19 6.03 8.08
CA VAL A 93 5.20 4.67 7.57
C VAL A 93 6.63 4.20 7.29
N ASP A 94 7.02 3.11 7.92
CA ASP A 94 8.37 2.57 7.81
C ASP A 94 8.31 1.04 7.82
N ASN A 95 9.44 0.40 7.49
CA ASN A 95 9.54 -1.07 7.51
C ASN A 95 8.55 -1.71 6.55
N VAL A 96 8.33 -1.04 5.43
CA VAL A 96 7.37 -1.50 4.45
C VAL A 96 7.96 -2.60 3.57
N GLN A 97 7.34 -3.76 3.62
CA GLN A 97 7.72 -4.85 2.75
C GLN A 97 6.48 -5.57 2.27
N ILE A 98 6.44 -5.84 0.99
CA ILE A 98 5.32 -6.50 0.37
C ILE A 98 5.40 -8.00 0.59
N LEU A 99 4.39 -8.51 1.27
CA LEU A 99 4.37 -9.92 1.66
C LEU A 99 4.00 -10.79 0.45
N SER A 100 3.09 -10.28 -0.37
CA SER A 100 2.62 -11.01 -1.53
C SER A 100 2.03 -10.05 -2.55
N ALA A 101 2.19 -10.38 -3.82
CA ALA A 101 1.60 -9.62 -4.90
C ALA A 101 1.49 -10.50 -6.13
N LYS A 102 0.47 -10.31 -6.94
CA LYS A 102 0.25 -11.17 -8.09
C LYS A 102 1.44 -11.14 -9.06
N PRO A 103 1.80 -9.98 -9.65
CA PRO A 103 3.07 -9.83 -10.34
C PRO A 103 4.19 -9.47 -9.37
N ALA A 104 5.44 -9.53 -9.82
CA ALA A 104 6.58 -9.28 -8.94
C ALA A 104 6.71 -7.80 -8.58
N ASN A 105 7.44 -7.05 -9.39
CA ASN A 105 7.71 -5.64 -9.07
C ASN A 105 6.66 -4.74 -9.71
N MET A 106 5.86 -5.30 -10.61
CA MET A 106 4.89 -4.54 -11.39
C MET A 106 3.99 -3.68 -10.51
N PHE A 107 3.61 -4.22 -9.35
CA PHE A 107 2.78 -3.48 -8.41
C PHE A 107 3.55 -3.12 -7.15
N GLU A 108 4.48 -3.99 -6.76
CA GLU A 108 5.21 -3.85 -5.51
C GLU A 108 5.88 -2.48 -5.42
N ARG A 109 6.38 -2.00 -6.54
CA ARG A 109 7.09 -0.73 -6.62
C ARG A 109 6.18 0.45 -6.28
N GLU A 110 5.02 0.50 -6.93
CA GLU A 110 4.13 1.63 -6.81
C GLU A 110 3.45 1.66 -5.45
N VAL A 111 3.32 0.48 -4.85
CA VAL A 111 2.78 0.39 -3.51
C VAL A 111 3.62 1.20 -2.54
N LYS A 112 4.91 0.89 -2.50
CA LYS A 112 5.83 1.53 -1.57
C LYS A 112 5.85 3.04 -1.76
N ASN A 113 5.76 3.50 -3.00
CA ASN A 113 5.71 4.94 -3.30
C ASN A 113 4.50 5.58 -2.64
N ALA A 114 3.35 4.91 -2.70
CA ALA A 114 2.13 5.40 -2.07
C ALA A 114 2.21 5.27 -0.55
N MET A 115 2.84 4.19 -0.09
CA MET A 115 3.03 3.97 1.35
C MET A 115 3.82 5.11 1.96
N ARG A 116 4.71 5.71 1.18
CA ARG A 116 5.49 6.85 1.63
C ARG A 116 4.61 8.09 1.78
N ARG A 117 3.42 8.02 1.22
CA ARG A 117 2.46 9.12 1.29
C ARG A 117 1.44 8.87 2.38
N TRP A 118 1.34 7.61 2.83
CA TRP A 118 0.40 7.25 3.90
C TRP A 118 0.67 8.05 5.15
N ARG A 119 -0.28 8.90 5.51
CA ARG A 119 -0.12 9.74 6.69
C ARG A 119 -0.95 9.21 7.84
N TYR A 120 -0.28 8.95 8.94
CA TYR A 120 -0.92 8.54 10.17
C TYR A 120 -0.72 9.60 11.24
N GLU A 121 -1.75 9.81 12.05
CA GLU A 121 -1.68 10.74 13.18
C GLU A 121 -0.50 10.44 14.08
N PRO A 122 0.31 11.46 14.35
CA PRO A 122 1.50 11.35 15.18
C PRO A 122 1.15 11.22 16.65
N GLY A 123 2.00 10.55 17.39
CA GLY A 123 1.74 10.30 18.79
C GLY A 123 1.40 8.85 19.06
N LYS A 124 1.24 8.07 18.00
CA LYS A 124 0.91 6.68 18.15
C LYS A 124 1.64 5.80 17.14
N PRO A 125 2.61 5.00 17.63
CA PRO A 125 3.29 4.00 16.82
C PRO A 125 2.50 2.70 16.74
N GLY A 126 2.41 2.13 15.54
CA GLY A 126 1.73 0.88 15.35
C GLY A 126 2.59 -0.11 14.59
N SER A 127 2.80 -1.27 15.15
CA SER A 127 3.65 -2.28 14.53
C SER A 127 2.84 -3.46 14.05
N GLY A 128 3.25 -4.01 12.91
CA GLY A 128 2.61 -5.18 12.36
C GLY A 128 1.28 -4.85 11.72
N ILE A 129 1.28 -3.87 10.84
CA ILE A 129 0.07 -3.45 10.17
C ILE A 129 0.05 -4.01 8.76
N VAL A 130 -0.91 -4.86 8.49
CA VAL A 130 -1.01 -5.51 7.19
C VAL A 130 -2.20 -4.95 6.41
N VAL A 131 -1.96 -4.62 5.16
CA VAL A 131 -2.99 -4.08 4.29
C VAL A 131 -3.09 -4.85 2.99
N ASN A 132 -4.27 -4.78 2.38
CA ASN A 132 -4.51 -5.47 1.11
C ASN A 132 -4.93 -4.46 0.06
N ILE A 133 -4.15 -4.32 -1.00
CA ILE A 133 -4.50 -3.40 -2.06
C ILE A 133 -4.97 -4.16 -3.29
N LEU A 134 -6.16 -3.82 -3.76
CA LEU A 134 -6.75 -4.46 -4.92
C LEU A 134 -6.71 -3.52 -6.11
N PHE A 135 -5.78 -3.78 -7.00
CA PHE A 135 -5.67 -3.04 -8.25
C PHE A 135 -6.47 -3.77 -9.32
N LYS A 136 -7.68 -3.30 -9.57
CA LYS A 136 -8.58 -3.96 -10.51
C LYS A 136 -8.28 -3.53 -11.94
N ILE A 137 -8.53 -4.46 -12.87
CA ILE A 137 -8.09 -4.33 -14.26
C ILE A 137 -8.53 -3.02 -14.91
N ASN A 138 -9.66 -2.47 -14.46
CA ASN A 138 -10.21 -1.24 -15.02
C ASN A 138 -9.33 -0.04 -14.66
N GLY A 139 -8.57 -0.19 -13.58
CA GLY A 139 -7.70 0.89 -13.16
C GLY A 139 -8.11 1.47 -11.81
N THR A 140 -8.97 0.77 -11.10
CA THR A 140 -9.39 1.22 -9.79
C THR A 140 -8.51 0.59 -8.71
N THR A 141 -8.47 1.22 -7.56
CA THR A 141 -7.60 0.78 -6.48
C THR A 141 -8.28 0.90 -5.13
N GLU A 142 -8.14 -0.14 -4.31
CA GLU A 142 -8.76 -0.17 -3.02
C GLU A 142 -7.77 -0.72 -1.99
N ILE A 143 -7.82 -0.20 -0.78
CA ILE A 143 -6.93 -0.68 0.28
C ILE A 143 -7.72 -1.13 1.50
N GLN A 144 -7.41 -2.32 1.99
CA GLN A 144 -8.04 -2.88 3.16
C GLN A 144 -7.20 -2.57 4.40
N SER A 56 -7.05 2.42 19.38
CA SER A 56 -7.27 1.73 18.09
C SER A 56 -5.98 1.71 17.28
N GLY A 57 -4.87 2.05 17.93
CA GLY A 57 -3.60 2.09 17.25
C GLY A 57 -3.46 3.34 16.40
N PRO A 58 -2.35 3.48 15.68
CA PRO A 58 -2.16 4.58 14.73
C PRO A 58 -3.25 4.57 13.67
N ARG A 59 -4.04 5.62 13.63
CA ARG A 59 -5.11 5.71 12.66
C ARG A 59 -4.63 6.46 11.43
N ALA A 60 -4.98 5.93 10.27
CA ALA A 60 -4.59 6.55 9.01
C ALA A 60 -5.50 7.70 8.66
N LEU A 61 -4.89 8.84 8.43
CA LEU A 61 -5.62 10.05 8.10
C LEU A 61 -5.84 10.13 6.59
N SER A 62 -4.93 9.50 5.87
CA SER A 62 -5.00 9.47 4.42
C SER A 62 -4.12 8.33 3.90
N ARG A 63 -4.72 7.16 3.71
CA ARG A 63 -3.99 6.04 3.12
C ARG A 63 -4.22 6.03 1.61
N ASN A 64 -3.55 6.96 0.94
CA ASN A 64 -3.70 7.15 -0.50
C ASN A 64 -3.40 5.90 -1.27
N GLN A 65 -4.29 5.58 -2.19
CA GLN A 65 -4.18 4.39 -3.01
C GLN A 65 -2.97 4.50 -3.93
N PRO A 66 -2.12 3.47 -3.94
CA PRO A 66 -0.98 3.40 -4.84
C PRO A 66 -1.42 3.40 -6.29
N GLN A 67 -0.51 3.73 -7.19
CA GLN A 67 -0.85 3.87 -8.58
C GLN A 67 -0.70 2.54 -9.32
N TYR A 68 -1.64 2.23 -10.17
CA TYR A 68 -1.53 1.06 -11.04
C TYR A 68 -0.58 1.38 -12.18
N PRO A 69 0.32 0.44 -12.50
CA PRO A 69 1.35 0.64 -13.51
C PRO A 69 0.80 0.47 -14.92
N ALA A 70 1.18 1.38 -15.81
CA ALA A 70 0.72 1.36 -17.19
C ALA A 70 1.16 0.06 -17.88
N ARG A 71 2.24 -0.52 -17.41
CA ARG A 71 2.72 -1.79 -17.93
C ARG A 71 1.77 -2.92 -17.57
N ALA A 72 1.23 -2.87 -16.36
CA ALA A 72 0.37 -3.94 -15.88
C ALA A 72 -1.04 -3.81 -16.44
N GLN A 73 -1.52 -2.58 -16.54
CA GLN A 73 -2.87 -2.33 -17.04
C GLN A 73 -2.98 -2.76 -18.50
N ALA A 74 -1.91 -2.52 -19.25
CA ALA A 74 -1.86 -2.89 -20.66
C ALA A 74 -1.67 -4.39 -20.81
N LEU A 75 -1.30 -5.03 -19.72
CA LEU A 75 -1.13 -6.47 -19.69
C LEU A 75 -2.39 -7.13 -19.12
N ARG A 76 -3.37 -6.29 -18.82
CA ARG A 76 -4.66 -6.74 -18.27
C ARG A 76 -4.48 -7.49 -16.96
N ILE A 77 -3.61 -6.97 -16.10
CA ILE A 77 -3.38 -7.57 -14.81
C ILE A 77 -4.15 -6.83 -13.73
N GLU A 78 -4.42 -7.54 -12.65
CA GLU A 78 -5.01 -6.94 -11.46
C GLU A 78 -4.03 -7.13 -10.31
N GLY A 79 -3.60 -6.04 -9.71
CA GLY A 79 -2.64 -6.14 -8.65
C GLY A 79 -3.28 -6.28 -7.30
N GLN A 80 -3.35 -7.50 -6.82
CA GLN A 80 -3.78 -7.73 -5.46
C GLN A 80 -2.56 -7.90 -4.58
N VAL A 81 -2.21 -6.84 -3.87
CA VAL A 81 -1.02 -6.86 -3.06
C VAL A 81 -1.37 -6.89 -1.57
N LYS A 82 -0.62 -7.68 -0.82
CA LYS A 82 -0.78 -7.76 0.61
C LYS A 82 0.52 -7.30 1.25
N VAL A 83 0.47 -6.16 1.93
CA VAL A 83 1.68 -5.53 2.41
C VAL A 83 1.72 -5.45 3.92
N LYS A 84 2.91 -5.61 4.49
CA LYS A 84 3.13 -5.32 5.89
C LYS A 84 4.02 -4.10 6.03
N PHE A 85 3.62 -3.19 6.88
CA PHE A 85 4.40 -2.00 7.16
C PHE A 85 4.39 -1.72 8.66
N ASP A 86 5.18 -0.75 9.05
CA ASP A 86 5.19 -0.28 10.42
C ASP A 86 5.30 1.23 10.40
N VAL A 87 4.60 1.88 11.31
CA VAL A 87 4.64 3.33 11.34
C VAL A 87 5.38 3.81 12.58
N THR A 88 5.98 4.97 12.46
CA THR A 88 6.79 5.53 13.53
C THR A 88 5.93 6.29 14.54
N PRO A 89 6.51 6.59 15.72
CA PRO A 89 5.83 7.40 16.75
C PRO A 89 5.67 8.85 16.30
N ASP A 90 6.08 9.15 15.07
CA ASP A 90 5.84 10.44 14.45
C ASP A 90 4.82 10.31 13.33
N GLY A 91 4.42 9.09 13.05
CA GLY A 91 3.30 8.83 12.17
C GLY A 91 3.70 8.66 10.73
N ARG A 92 4.81 7.98 10.51
CA ARG A 92 5.30 7.76 9.16
C ARG A 92 5.48 6.28 8.87
N VAL A 93 5.11 5.91 7.67
CA VAL A 93 5.16 4.53 7.24
C VAL A 93 6.58 4.13 6.81
N ASP A 94 7.04 2.99 7.30
CA ASP A 94 8.41 2.55 7.04
C ASP A 94 8.47 1.01 6.99
N ASN A 95 9.56 0.50 6.41
CA ASN A 95 9.82 -0.94 6.28
C ASN A 95 8.66 -1.63 5.59
N VAL A 96 8.18 -0.99 4.55
CA VAL A 96 7.04 -1.49 3.81
C VAL A 96 7.43 -2.69 2.94
N GLN A 97 6.98 -3.85 3.38
CA GLN A 97 7.33 -5.10 2.74
C GLN A 97 6.09 -5.77 2.18
N ILE A 98 6.06 -5.91 0.87
CA ILE A 98 4.96 -6.58 0.21
C ILE A 98 5.09 -8.08 0.42
N LEU A 99 4.13 -8.63 1.16
CA LEU A 99 4.16 -10.02 1.55
C LEU A 99 3.81 -10.91 0.36
N SER A 100 2.87 -10.43 -0.45
CA SER A 100 2.40 -11.17 -1.61
C SER A 100 1.72 -10.21 -2.58
N ALA A 101 1.70 -10.58 -3.85
CA ALA A 101 0.99 -9.82 -4.87
C ALA A 101 0.60 -10.74 -6.01
N LYS A 102 -0.16 -10.23 -6.97
CA LYS A 102 -0.52 -11.06 -8.12
C LYS A 102 0.72 -11.26 -8.99
N PRO A 103 1.35 -10.19 -9.51
CA PRO A 103 2.72 -10.25 -10.02
C PRO A 103 3.69 -10.12 -8.86
N ALA A 104 4.91 -9.67 -9.13
CA ALA A 104 5.85 -9.47 -8.05
C ALA A 104 6.32 -8.01 -7.98
N ASN A 105 7.39 -7.71 -8.71
CA ASN A 105 8.00 -6.38 -8.66
C ASN A 105 7.26 -5.39 -9.54
N MET A 106 6.15 -5.83 -10.13
CA MET A 106 5.33 -4.97 -10.98
C MET A 106 4.57 -3.94 -10.16
N PHE A 107 4.13 -4.32 -8.97
CA PHE A 107 3.28 -3.43 -8.18
C PHE A 107 3.99 -2.89 -6.94
N GLU A 108 4.96 -3.65 -6.43
CA GLU A 108 5.64 -3.29 -5.18
C GLU A 108 6.13 -1.84 -5.17
N ARG A 109 6.75 -1.42 -6.26
CA ARG A 109 7.34 -0.09 -6.35
C ARG A 109 6.30 1.00 -6.14
N GLU A 110 5.14 0.86 -6.77
CA GLU A 110 4.13 1.90 -6.72
C GLU A 110 3.41 1.86 -5.39
N VAL A 111 3.36 0.68 -4.79
CA VAL A 111 2.84 0.53 -3.45
C VAL A 111 3.73 1.28 -2.47
N LYS A 112 5.01 0.91 -2.45
CA LYS A 112 6.00 1.52 -1.55
C LYS A 112 6.00 3.04 -1.69
N ASN A 113 5.89 3.52 -2.94
CA ASN A 113 5.89 4.96 -3.21
C ASN A 113 4.71 5.63 -2.53
N ALA A 114 3.54 4.99 -2.58
CA ALA A 114 2.35 5.53 -1.96
C ALA A 114 2.42 5.40 -0.45
N MET A 115 2.96 4.28 0.02
CA MET A 115 3.10 4.02 1.45
C MET A 115 3.96 5.08 2.11
N ARG A 116 4.94 5.60 1.38
CA ARG A 116 5.79 6.68 1.88
C ARG A 116 4.97 7.92 2.24
N ARG A 117 3.85 8.05 1.56
CA ARG A 117 2.97 9.20 1.73
C ARG A 117 1.90 8.96 2.80
N TRP A 118 1.59 7.69 3.06
CA TRP A 118 0.52 7.33 4.00
C TRP A 118 0.61 8.09 5.32
N ARG A 119 -0.44 8.84 5.60
CA ARG A 119 -0.52 9.67 6.80
C ARG A 119 -1.08 8.88 7.98
N TYR A 120 -0.28 8.77 9.02
CA TYR A 120 -0.73 8.16 10.26
C TYR A 120 -0.50 9.14 11.40
N GLU A 121 -1.46 9.18 12.31
CA GLU A 121 -1.39 10.07 13.47
C GLU A 121 -0.09 9.92 14.25
N PRO A 122 0.67 11.02 14.32
CA PRO A 122 1.90 11.08 15.10
C PRO A 122 1.63 10.81 16.58
N GLY A 123 2.66 10.36 17.27
CA GLY A 123 2.54 9.99 18.66
C GLY A 123 2.17 8.54 18.84
N LYS A 124 1.87 7.87 17.73
CA LYS A 124 1.49 6.46 17.78
C LYS A 124 2.23 5.66 16.72
N PRO A 125 3.16 4.80 17.16
CA PRO A 125 3.81 3.84 16.28
C PRO A 125 3.02 2.54 16.18
N GLY A 126 3.11 1.88 15.04
CA GLY A 126 2.38 0.66 14.84
C GLY A 126 3.22 -0.38 14.15
N SER A 127 3.32 -1.55 14.73
CA SER A 127 4.19 -2.60 14.21
C SER A 127 3.40 -3.74 13.57
N GLY A 128 3.82 -4.14 12.37
CA GLY A 128 3.25 -5.31 11.74
C GLY A 128 1.83 -5.10 11.27
N ILE A 129 1.61 -4.01 10.55
CA ILE A 129 0.29 -3.67 10.05
C ILE A 129 0.15 -4.21 8.63
N VAL A 130 -0.90 -4.97 8.40
CA VAL A 130 -1.13 -5.58 7.10
C VAL A 130 -2.28 -4.91 6.36
N VAL A 131 -2.08 -4.68 5.07
CA VAL A 131 -3.11 -4.12 4.21
C VAL A 131 -3.21 -4.88 2.91
N ASN A 132 -4.40 -4.88 2.33
CA ASN A 132 -4.64 -5.56 1.07
C ASN A 132 -5.08 -4.53 0.02
N ILE A 133 -4.27 -4.32 -0.99
CA ILE A 133 -4.62 -3.36 -2.02
C ILE A 133 -5.09 -4.08 -3.27
N LEU A 134 -6.31 -3.80 -3.67
CA LEU A 134 -6.89 -4.41 -4.85
C LEU A 134 -6.86 -3.44 -6.02
N PHE A 135 -5.87 -3.60 -6.89
CA PHE A 135 -5.81 -2.85 -8.12
C PHE A 135 -6.64 -3.56 -9.17
N LYS A 136 -7.90 -3.15 -9.30
CA LYS A 136 -8.84 -3.81 -10.18
C LYS A 136 -8.45 -3.60 -11.65
N ILE A 137 -8.81 -4.58 -12.47
CA ILE A 137 -8.35 -4.67 -13.86
C ILE A 137 -8.70 -3.43 -14.68
N ASN A 138 -9.73 -2.72 -14.25
CA ASN A 138 -10.21 -1.54 -14.99
C ASN A 138 -9.48 -0.28 -14.54
N GLY A 139 -8.63 -0.41 -13.53
CA GLY A 139 -7.82 0.71 -13.10
C GLY A 139 -8.36 1.42 -11.88
N THR A 140 -9.04 0.70 -11.02
CA THR A 140 -9.47 1.26 -9.75
C THR A 140 -8.64 0.69 -8.60
N THR A 141 -8.68 1.33 -7.46
CA THR A 141 -7.82 0.95 -6.34
C THR A 141 -8.58 0.97 -5.02
N GLU A 142 -8.34 -0.02 -4.18
CA GLU A 142 -8.99 -0.11 -2.88
C GLU A 142 -8.07 -0.77 -1.87
N ILE A 143 -7.94 -0.18 -0.69
CA ILE A 143 -7.12 -0.76 0.36
C ILE A 143 -7.99 -1.32 1.49
N GLN A 144 -7.67 -2.53 1.92
CA GLN A 144 -8.34 -3.16 3.03
C GLN A 144 -7.60 -2.84 4.32
N SER A 56 -7.67 2.16 20.23
CA SER A 56 -8.04 2.61 18.88
C SER A 56 -6.96 2.22 17.87
N GLY A 57 -5.75 2.71 18.11
CA GLY A 57 -4.65 2.45 17.20
C GLY A 57 -4.35 3.67 16.35
N PRO A 58 -3.36 3.57 15.46
CA PRO A 58 -2.98 4.67 14.59
C PRO A 58 -4.02 4.92 13.50
N ARG A 59 -4.58 6.12 13.51
CA ARG A 59 -5.59 6.50 12.54
C ARG A 59 -4.92 7.02 11.29
N ALA A 60 -5.36 6.52 10.14
CA ALA A 60 -4.77 6.89 8.87
C ALA A 60 -5.47 8.09 8.28
N LEU A 61 -4.79 9.22 8.31
CA LEU A 61 -5.29 10.43 7.68
C LEU A 61 -5.34 10.29 6.17
N SER A 62 -4.30 9.71 5.61
CA SER A 62 -4.21 9.57 4.17
C SER A 62 -3.65 8.20 3.80
N ARG A 63 -4.53 7.24 3.58
CA ARG A 63 -4.16 5.99 2.92
C ARG A 63 -4.56 6.08 1.46
N ASN A 64 -3.82 6.90 0.72
CA ASN A 64 -4.10 7.12 -0.69
C ASN A 64 -3.80 5.88 -1.50
N GLN A 65 -4.61 5.66 -2.54
CA GLN A 65 -4.44 4.50 -3.41
C GLN A 65 -3.23 4.66 -4.30
N PRO A 66 -2.39 3.62 -4.39
CA PRO A 66 -1.27 3.60 -5.33
C PRO A 66 -1.75 3.65 -6.77
N GLN A 67 -0.95 4.27 -7.61
CA GLN A 67 -1.29 4.45 -9.02
C GLN A 67 -1.23 3.12 -9.76
N TYR A 68 -2.24 2.84 -10.57
CA TYR A 68 -2.25 1.64 -11.39
C TYR A 68 -1.19 1.79 -12.48
N PRO A 69 -0.56 0.68 -12.85
CA PRO A 69 0.52 0.64 -13.81
C PRO A 69 0.00 0.51 -15.24
N ALA A 70 0.40 1.43 -16.10
CA ALA A 70 -0.04 1.44 -17.48
C ALA A 70 0.34 0.15 -18.21
N ARG A 71 1.50 -0.40 -17.83
CA ARG A 71 1.94 -1.66 -18.42
C ARG A 71 1.02 -2.81 -18.02
N ALA A 72 0.62 -2.85 -16.74
CA ALA A 72 -0.22 -3.94 -16.26
C ALA A 72 -1.62 -3.85 -16.87
N GLN A 73 -2.02 -2.63 -17.24
CA GLN A 73 -3.27 -2.42 -17.97
C GLN A 73 -3.22 -3.13 -19.33
N ALA A 74 -2.09 -2.99 -20.02
CA ALA A 74 -1.92 -3.58 -21.34
C ALA A 74 -1.75 -5.09 -21.23
N LEU A 75 -1.26 -5.53 -20.07
CA LEU A 75 -1.08 -6.94 -19.80
C LEU A 75 -2.35 -7.54 -19.22
N ARG A 76 -3.33 -6.65 -18.98
CA ARG A 76 -4.62 -7.02 -18.41
C ARG A 76 -4.47 -7.78 -17.11
N ILE A 77 -3.53 -7.33 -16.29
CA ILE A 77 -3.30 -7.95 -15.00
C ILE A 77 -4.19 -7.30 -13.95
N GLU A 78 -4.54 -8.08 -12.94
CA GLU A 78 -5.34 -7.59 -11.83
C GLU A 78 -4.47 -7.55 -10.59
N GLY A 79 -4.15 -6.37 -10.12
CA GLY A 79 -3.21 -6.25 -9.04
C GLY A 79 -3.80 -6.64 -7.70
N GLN A 80 -2.99 -7.27 -6.87
CA GLN A 80 -3.37 -7.55 -5.51
C GLN A 80 -2.11 -7.63 -4.67
N VAL A 81 -1.83 -6.58 -3.93
CA VAL A 81 -0.62 -6.53 -3.14
C VAL A 81 -0.95 -6.60 -1.65
N LYS A 82 -0.09 -7.29 -0.93
CA LYS A 82 -0.23 -7.44 0.51
C LYS A 82 1.06 -6.96 1.16
N VAL A 83 1.01 -5.79 1.75
CA VAL A 83 2.21 -5.14 2.25
C VAL A 83 2.19 -5.04 3.76
N LYS A 84 3.34 -5.17 4.39
CA LYS A 84 3.47 -4.95 5.81
C LYS A 84 4.41 -3.78 6.08
N PHE A 85 3.99 -2.89 6.97
CA PHE A 85 4.75 -1.70 7.31
C PHE A 85 4.66 -1.43 8.80
N ASP A 86 5.42 -0.45 9.24
CA ASP A 86 5.45 -0.04 10.64
C ASP A 86 5.44 1.48 10.70
N VAL A 87 4.53 2.06 11.45
CA VAL A 87 4.50 3.51 11.56
C VAL A 87 5.03 3.92 12.92
N THR A 88 5.62 5.08 12.98
CA THR A 88 6.22 5.56 14.22
C THR A 88 5.18 6.24 15.08
N PRO A 89 5.52 6.54 16.34
CA PRO A 89 4.68 7.37 17.21
C PRO A 89 4.58 8.81 16.70
N ASP A 90 5.16 9.05 15.52
CA ASP A 90 5.04 10.34 14.85
C ASP A 90 4.08 10.22 13.69
N GLY A 91 3.76 8.98 13.34
CA GLY A 91 2.80 8.72 12.29
C GLY A 91 3.43 8.64 10.92
N ARG A 92 4.68 8.18 10.86
CA ARG A 92 5.37 8.06 9.59
C ARG A 92 5.64 6.59 9.26
N VAL A 93 5.43 6.27 7.99
CA VAL A 93 5.53 4.88 7.51
C VAL A 93 6.99 4.47 7.32
N ASP A 94 7.32 3.27 7.80
CA ASP A 94 8.67 2.73 7.72
C ASP A 94 8.61 1.21 7.67
N ASN A 95 9.73 0.56 7.34
CA ASN A 95 9.84 -0.91 7.35
C ASN A 95 8.84 -1.53 6.37
N VAL A 96 8.66 -0.85 5.25
CA VAL A 96 7.69 -1.28 4.26
C VAL A 96 8.24 -2.42 3.40
N GLN A 97 7.55 -3.55 3.45
CA GLN A 97 7.90 -4.68 2.61
C GLN A 97 6.65 -5.33 2.05
N ILE A 98 6.62 -5.48 0.74
CA ILE A 98 5.55 -6.19 0.07
C ILE A 98 5.70 -7.68 0.31
N LEU A 99 4.73 -8.24 1.03
CA LEU A 99 4.76 -9.63 1.43
C LEU A 99 4.39 -10.51 0.26
N SER A 100 3.42 -10.06 -0.52
CA SER A 100 2.91 -10.82 -1.64
C SER A 100 2.24 -9.87 -2.64
N ALA A 101 2.23 -10.25 -3.91
CA ALA A 101 1.55 -9.49 -4.93
C ALA A 101 1.14 -10.40 -6.08
N LYS A 102 0.33 -9.90 -7.00
CA LYS A 102 -0.05 -10.70 -8.17
C LYS A 102 1.18 -10.94 -9.05
N PRO A 103 1.83 -9.87 -9.58
CA PRO A 103 3.18 -9.97 -10.13
C PRO A 103 4.22 -9.69 -9.05
N ALA A 104 5.40 -9.23 -9.43
CA ALA A 104 6.42 -8.89 -8.44
C ALA A 104 6.58 -7.37 -8.32
N ASN A 105 7.45 -6.79 -9.14
CA ASN A 105 7.80 -5.38 -9.02
C ASN A 105 6.84 -4.52 -9.83
N MET A 106 5.96 -5.17 -10.58
CA MET A 106 4.99 -4.47 -11.44
C MET A 106 4.11 -3.53 -10.64
N PHE A 107 3.77 -3.91 -9.41
CA PHE A 107 2.92 -3.07 -8.59
C PHE A 107 3.66 -2.47 -7.40
N GLU A 108 4.68 -3.17 -6.91
CA GLU A 108 5.44 -2.72 -5.74
C GLU A 108 5.86 -1.25 -5.84
N ARG A 109 6.27 -0.85 -7.04
CA ARG A 109 6.78 0.50 -7.27
C ARG A 109 5.77 1.56 -6.84
N GLU A 110 4.54 1.43 -7.32
CA GLU A 110 3.53 2.44 -7.09
C GLU A 110 2.95 2.30 -5.70
N VAL A 111 2.99 1.07 -5.16
CA VAL A 111 2.54 0.83 -3.80
C VAL A 111 3.40 1.60 -2.82
N LYS A 112 4.71 1.35 -2.89
CA LYS A 112 5.67 2.03 -2.02
C LYS A 112 5.57 3.54 -2.19
N ASN A 113 5.40 3.98 -3.44
CA ASN A 113 5.23 5.39 -3.75
C ASN A 113 4.08 5.98 -2.94
N ALA A 114 2.97 5.25 -2.92
CA ALA A 114 1.79 5.66 -2.18
C ALA A 114 2.06 5.63 -0.68
N MET A 115 2.68 4.55 -0.24
CA MET A 115 2.94 4.34 1.18
C MET A 115 3.92 5.37 1.75
N ARG A 116 4.70 5.98 0.88
CA ARG A 116 5.60 7.05 1.30
C ARG A 116 4.81 8.31 1.62
N ARG A 117 3.59 8.36 1.12
CA ARG A 117 2.70 9.49 1.35
C ARG A 117 1.70 9.18 2.45
N TRP A 118 1.56 7.90 2.80
CA TRP A 118 0.66 7.48 3.86
C TRP A 118 1.00 8.17 5.17
N ARG A 119 -0.02 8.76 5.79
CA ARG A 119 0.16 9.47 7.03
C ARG A 119 -0.82 9.00 8.09
N TYR A 120 -0.28 8.75 9.27
CA TYR A 120 -1.07 8.36 10.42
C TYR A 120 -0.95 9.43 11.49
N GLU A 121 -1.98 9.54 12.32
CA GLU A 121 -1.98 10.50 13.42
C GLU A 121 -0.78 10.30 14.34
N PRO A 122 0.00 11.37 14.54
CA PRO A 122 1.14 11.35 15.44
C PRO A 122 0.71 11.07 16.88
N GLY A 123 1.49 10.27 17.57
CA GLY A 123 1.14 9.83 18.89
C GLY A 123 0.76 8.36 18.90
N LYS A 124 0.68 7.77 17.72
CA LYS A 124 0.30 6.37 17.60
C LYS A 124 1.22 5.62 16.64
N PRO A 125 2.05 4.72 17.17
CA PRO A 125 2.85 3.81 16.38
C PRO A 125 2.11 2.50 16.09
N GLY A 126 2.44 1.87 14.98
CA GLY A 126 1.84 0.60 14.64
C GLY A 126 2.85 -0.34 14.05
N SER A 127 2.95 -1.54 14.60
CA SER A 127 3.95 -2.49 14.15
C SER A 127 3.30 -3.67 13.45
N GLY A 128 3.91 -4.07 12.34
CA GLY A 128 3.44 -5.23 11.61
C GLY A 128 2.07 -5.02 11.02
N ILE A 129 1.86 -3.86 10.43
CA ILE A 129 0.57 -3.51 9.86
C ILE A 129 0.48 -4.05 8.44
N VAL A 130 -0.46 -4.94 8.22
CA VAL A 130 -0.65 -5.51 6.90
C VAL A 130 -1.82 -4.85 6.19
N VAL A 131 -1.56 -4.44 4.97
CA VAL A 131 -2.58 -3.86 4.13
C VAL A 131 -2.72 -4.63 2.83
N ASN A 132 -3.93 -4.68 2.32
CA ASN A 132 -4.19 -5.39 1.10
C ASN A 132 -4.75 -4.43 0.06
N ILE A 133 -4.00 -4.20 -1.01
CA ILE A 133 -4.49 -3.33 -2.05
C ILE A 133 -4.98 -4.15 -3.23
N LEU A 134 -6.28 -4.20 -3.38
CA LEU A 134 -6.92 -4.90 -4.48
C LEU A 134 -7.05 -3.95 -5.66
N PHE A 135 -6.13 -4.07 -6.60
CA PHE A 135 -6.17 -3.28 -7.81
C PHE A 135 -7.03 -3.99 -8.84
N LYS A 136 -8.28 -3.58 -8.94
CA LYS A 136 -9.21 -4.22 -9.86
C LYS A 136 -8.79 -3.96 -11.31
N ILE A 137 -8.97 -4.98 -12.15
CA ILE A 137 -8.52 -4.94 -13.55
C ILE A 137 -9.20 -3.81 -14.33
N ASN A 138 -10.26 -3.27 -13.75
CA ASN A 138 -11.00 -2.16 -14.35
C ASN A 138 -10.16 -0.88 -14.27
N GLY A 139 -9.16 -0.89 -13.41
CA GLY A 139 -8.31 0.28 -13.22
C GLY A 139 -8.57 0.96 -11.90
N THR A 140 -9.47 0.39 -11.11
CA THR A 140 -9.80 0.93 -9.82
C THR A 140 -8.89 0.36 -8.75
N THR A 141 -9.04 0.87 -7.54
CA THR A 141 -8.12 0.55 -6.47
C THR A 141 -8.86 0.42 -5.13
N GLU A 142 -8.45 -0.54 -4.32
CA GLU A 142 -9.08 -0.76 -3.02
C GLU A 142 -8.01 -1.12 -1.99
N ILE A 143 -8.09 -0.51 -0.81
CA ILE A 143 -7.16 -0.84 0.26
C ILE A 143 -7.90 -1.41 1.48
N GLN A 144 -7.38 -2.52 2.00
CA GLN A 144 -7.91 -3.13 3.20
C GLN A 144 -7.12 -2.64 4.40
N SER A 56 -3.95 -0.57 20.38
CA SER A 56 -4.89 0.43 19.81
C SER A 56 -4.66 0.58 18.32
N GLY A 57 -3.52 1.15 17.95
CA GLY A 57 -3.19 1.32 16.56
C GLY A 57 -3.44 2.74 16.09
N PRO A 58 -2.70 3.17 15.08
CA PRO A 58 -2.76 4.53 14.59
C PRO A 58 -3.88 4.77 13.59
N ARG A 59 -4.49 5.94 13.65
CA ARG A 59 -5.52 6.33 12.71
C ARG A 59 -4.86 6.90 11.46
N ALA A 60 -5.38 6.52 10.31
CA ALA A 60 -4.80 6.93 9.05
C ALA A 60 -5.37 8.27 8.59
N LEU A 61 -4.48 9.19 8.30
CA LEU A 61 -4.86 10.51 7.81
C LEU A 61 -4.77 10.53 6.30
N SER A 62 -3.84 9.76 5.78
CA SER A 62 -3.64 9.64 4.36
C SER A 62 -3.32 8.21 3.99
N ARG A 63 -4.32 7.50 3.49
CA ARG A 63 -4.10 6.14 3.02
C ARG A 63 -4.33 6.11 1.51
N ASN A 64 -3.56 6.94 0.84
CA ASN A 64 -3.69 7.13 -0.60
C ASN A 64 -3.41 5.85 -1.36
N GLN A 65 -4.36 5.51 -2.21
CA GLN A 65 -4.31 4.28 -2.96
C GLN A 65 -3.30 4.38 -4.10
N PRO A 66 -2.39 3.40 -4.19
CA PRO A 66 -1.37 3.36 -5.24
C PRO A 66 -1.99 3.30 -6.63
N GLN A 67 -1.24 3.71 -7.64
CA GLN A 67 -1.74 3.74 -9.01
C GLN A 67 -1.39 2.44 -9.72
N TYR A 68 -2.34 1.91 -10.47
CA TYR A 68 -2.08 0.75 -11.30
C TYR A 68 -1.31 1.18 -12.55
N PRO A 69 -0.21 0.50 -12.87
CA PRO A 69 0.71 0.88 -13.94
C PRO A 69 0.22 0.43 -15.30
N ALA A 70 0.35 1.33 -16.29
CA ALA A 70 -0.07 1.06 -17.65
C ALA A 70 0.69 -0.14 -18.23
N ARG A 71 1.89 -0.37 -17.71
CA ARG A 71 2.65 -1.56 -18.06
C ARG A 71 1.86 -2.81 -17.74
N ALA A 72 1.33 -2.88 -16.51
CA ALA A 72 0.58 -4.04 -16.06
C ALA A 72 -0.76 -4.13 -16.77
N GLN A 73 -1.33 -2.97 -17.08
CA GLN A 73 -2.63 -2.91 -17.76
C GLN A 73 -2.50 -3.41 -19.19
N ALA A 74 -1.35 -3.14 -19.80
CA ALA A 74 -1.06 -3.62 -21.14
C ALA A 74 -0.78 -5.12 -21.09
N LEU A 75 -0.44 -5.58 -19.90
CA LEU A 75 -0.23 -6.99 -19.63
C LEU A 75 -1.54 -7.64 -19.18
N ARG A 76 -2.57 -6.81 -19.11
CA ARG A 76 -3.92 -7.22 -18.73
C ARG A 76 -3.96 -7.79 -17.33
N ILE A 77 -3.19 -7.19 -16.42
CA ILE A 77 -3.15 -7.64 -15.05
C ILE A 77 -4.03 -6.78 -14.16
N GLU A 78 -4.44 -7.35 -13.04
CA GLU A 78 -5.15 -6.61 -12.03
C GLU A 78 -4.38 -6.73 -10.73
N GLY A 79 -4.00 -5.60 -10.17
CA GLY A 79 -3.16 -5.59 -9.01
C GLY A 79 -3.83 -6.16 -7.78
N GLN A 80 -3.05 -6.86 -6.99
CA GLN A 80 -3.50 -7.37 -5.72
C GLN A 80 -2.28 -7.55 -4.84
N VAL A 81 -2.09 -6.65 -3.90
CA VAL A 81 -0.91 -6.69 -3.06
C VAL A 81 -1.25 -6.71 -1.59
N LYS A 82 -0.69 -7.69 -0.89
CA LYS A 82 -0.80 -7.77 0.56
C LYS A 82 0.51 -7.31 1.17
N VAL A 83 0.48 -6.16 1.81
CA VAL A 83 1.69 -5.53 2.30
C VAL A 83 1.70 -5.45 3.82
N LYS A 84 2.88 -5.61 4.40
CA LYS A 84 3.10 -5.30 5.80
C LYS A 84 3.98 -4.06 5.92
N PHE A 85 3.61 -3.18 6.84
CA PHE A 85 4.40 -1.99 7.11
C PHE A 85 4.37 -1.68 8.59
N ASP A 86 5.19 -0.71 8.96
CA ASP A 86 5.21 -0.19 10.31
C ASP A 86 5.13 1.32 10.24
N VAL A 87 4.62 1.96 11.28
CA VAL A 87 4.59 3.42 11.31
C VAL A 87 5.23 3.91 12.59
N THR A 88 5.85 5.07 12.52
CA THR A 88 6.53 5.64 13.66
C THR A 88 5.58 6.44 14.53
N PRO A 89 6.00 6.80 15.76
CA PRO A 89 5.22 7.68 16.63
C PRO A 89 5.23 9.12 16.12
N ASP A 90 5.63 9.28 14.87
CA ASP A 90 5.50 10.55 14.16
C ASP A 90 4.44 10.41 13.06
N GLY A 91 4.02 9.17 12.84
CA GLY A 91 3.00 8.88 11.86
C GLY A 91 3.58 8.64 10.49
N ARG A 92 4.84 8.22 10.44
CA ARG A 92 5.51 7.98 9.18
C ARG A 92 5.66 6.49 8.91
N VAL A 93 5.42 6.11 7.67
CA VAL A 93 5.46 4.71 7.26
C VAL A 93 6.88 4.25 6.93
N ASP A 94 7.24 3.06 7.40
CA ASP A 94 8.53 2.44 7.10
C ASP A 94 8.44 0.92 7.25
N ASN A 95 9.53 0.22 6.88
CA ASN A 95 9.59 -1.24 6.94
C ASN A 95 8.53 -1.89 6.06
N VAL A 96 8.24 -1.24 4.95
CA VAL A 96 7.20 -1.71 4.04
C VAL A 96 7.70 -2.87 3.20
N GLN A 97 7.07 -4.03 3.37
CA GLN A 97 7.42 -5.22 2.62
C GLN A 97 6.16 -5.88 2.07
N ILE A 98 6.14 -6.07 0.76
CA ILE A 98 5.06 -6.77 0.10
C ILE A 98 5.16 -8.27 0.36
N LEU A 99 4.12 -8.81 0.96
CA LEU A 99 4.09 -10.22 1.35
C LEU A 99 3.64 -11.07 0.18
N SER A 100 2.62 -10.59 -0.50
CA SER A 100 2.01 -11.32 -1.60
C SER A 100 1.50 -10.33 -2.62
N ALA A 101 1.45 -10.74 -3.88
CA ALA A 101 0.96 -9.86 -4.94
C ALA A 101 0.51 -10.67 -6.15
N LYS A 102 -0.26 -10.06 -7.03
CA LYS A 102 -0.65 -10.71 -8.27
C LYS A 102 0.60 -10.96 -9.13
N PRO A 103 1.36 -9.90 -9.49
CA PRO A 103 2.72 -10.04 -10.00
C PRO A 103 3.72 -9.92 -8.85
N ALA A 104 4.87 -9.31 -9.09
CA ALA A 104 5.77 -8.99 -8.00
C ALA A 104 6.06 -7.48 -7.98
N ASN A 105 7.17 -7.09 -8.59
CA ASN A 105 7.64 -5.70 -8.56
C ASN A 105 6.74 -4.79 -9.38
N MET A 106 5.96 -5.41 -10.26
CA MET A 106 5.06 -4.67 -11.14
C MET A 106 4.14 -3.74 -10.35
N PHE A 107 3.71 -4.18 -9.18
CA PHE A 107 2.87 -3.33 -8.33
C PHE A 107 3.61 -2.87 -7.08
N GLU A 108 4.58 -3.68 -6.63
CA GLU A 108 5.38 -3.34 -5.46
C GLU A 108 5.96 -1.92 -5.57
N ARG A 109 6.24 -1.50 -6.79
CA ARG A 109 6.79 -0.16 -7.04
C ARG A 109 5.82 0.91 -6.60
N GLU A 110 4.62 0.90 -7.16
CA GLU A 110 3.65 1.96 -6.94
C GLU A 110 3.05 1.87 -5.55
N VAL A 111 3.10 0.69 -4.96
CA VAL A 111 2.65 0.52 -3.59
C VAL A 111 3.57 1.28 -2.65
N LYS A 112 4.86 0.95 -2.69
CA LYS A 112 5.83 1.59 -1.80
C LYS A 112 5.92 3.09 -2.05
N ASN A 113 5.73 3.51 -3.29
CA ASN A 113 5.69 4.94 -3.62
C ASN A 113 4.49 5.59 -2.95
N ALA A 114 3.39 4.86 -2.87
CA ALA A 114 2.19 5.33 -2.18
C ALA A 114 2.43 5.35 -0.68
N MET A 115 3.08 4.31 -0.18
CA MET A 115 3.37 4.17 1.24
C MET A 115 4.22 5.33 1.75
N ARG A 116 5.02 5.90 0.85
CA ARG A 116 5.85 7.06 1.18
C ARG A 116 4.97 8.28 1.43
N ARG A 117 3.74 8.22 0.95
CA ARG A 117 2.79 9.31 1.13
C ARG A 117 1.81 9.03 2.26
N TRP A 118 1.72 7.76 2.67
CA TRP A 118 0.80 7.38 3.73
C TRP A 118 1.10 8.14 5.01
N ARG A 119 0.05 8.60 5.67
CA ARG A 119 0.20 9.36 6.89
C ARG A 119 -0.74 8.84 7.96
N TYR A 120 -0.22 8.78 9.15
CA TYR A 120 -0.98 8.39 10.32
C TYR A 120 -0.81 9.46 11.38
N GLU A 121 -1.71 9.47 12.34
CA GLU A 121 -1.61 10.37 13.48
C GLU A 121 -0.23 10.31 14.12
N PRO A 122 0.43 11.46 14.24
CA PRO A 122 1.68 11.56 14.96
C PRO A 122 1.46 11.30 16.44
N GLY A 123 2.38 10.59 17.05
CA GLY A 123 2.21 10.15 18.40
C GLY A 123 1.71 8.71 18.44
N LYS A 124 1.40 8.16 17.27
CA LYS A 124 0.85 6.82 17.19
C LYS A 124 1.74 5.91 16.33
N PRO A 125 2.58 5.09 16.97
CA PRO A 125 3.36 4.07 16.29
C PRO A 125 2.62 2.73 16.23
N GLY A 126 2.81 2.01 15.13
CA GLY A 126 2.22 0.70 14.99
C GLY A 126 3.11 -0.23 14.19
N SER A 127 3.10 -1.51 14.52
CA SER A 127 3.97 -2.44 13.84
C SER A 127 3.19 -3.66 13.35
N GLY A 128 3.60 -4.18 12.20
CA GLY A 128 3.00 -5.37 11.65
C GLY A 128 1.62 -5.12 11.10
N ILE A 129 1.47 -3.98 10.44
CA ILE A 129 0.18 -3.60 9.91
C ILE A 129 0.01 -4.17 8.51
N VAL A 130 -0.99 -5.00 8.35
CA VAL A 130 -1.27 -5.64 7.07
C VAL A 130 -2.39 -4.93 6.32
N VAL A 131 -2.15 -4.69 5.04
CA VAL A 131 -3.16 -4.13 4.15
C VAL A 131 -3.19 -4.88 2.84
N ASN A 132 -4.36 -4.94 2.24
CA ASN A 132 -4.53 -5.60 0.95
C ASN A 132 -5.07 -4.60 -0.06
N ILE A 133 -4.27 -4.27 -1.07
CA ILE A 133 -4.71 -3.32 -2.07
C ILE A 133 -5.17 -4.05 -3.33
N LEU A 134 -6.42 -3.80 -3.71
CA LEU A 134 -7.01 -4.42 -4.88
C LEU A 134 -7.09 -3.42 -6.02
N PHE A 135 -6.30 -3.64 -7.05
CA PHE A 135 -6.32 -2.81 -8.25
C PHE A 135 -7.07 -3.56 -9.34
N LYS A 136 -8.39 -3.47 -9.31
CA LYS A 136 -9.23 -4.25 -10.22
C LYS A 136 -9.07 -3.76 -11.65
N ILE A 137 -9.17 -4.71 -12.59
CA ILE A 137 -8.87 -4.47 -14.00
C ILE A 137 -9.81 -3.45 -14.63
N ASN A 138 -10.95 -3.21 -13.99
CA ASN A 138 -11.92 -2.24 -14.50
C ASN A 138 -11.48 -0.81 -14.17
N GLY A 139 -10.38 -0.69 -13.42
CA GLY A 139 -9.80 0.62 -13.19
C GLY A 139 -10.13 1.21 -11.84
N THR A 140 -10.26 0.37 -10.84
CA THR A 140 -10.52 0.86 -9.49
C THR A 140 -9.48 0.31 -8.52
N THR A 141 -9.40 0.93 -7.36
CA THR A 141 -8.44 0.52 -6.33
C THR A 141 -9.10 0.58 -4.96
N GLU A 142 -8.65 -0.26 -4.05
CA GLU A 142 -9.21 -0.31 -2.72
C GLU A 142 -8.22 -0.92 -1.75
N ILE A 143 -8.15 -0.38 -0.54
CA ILE A 143 -7.30 -0.94 0.50
C ILE A 143 -8.14 -1.65 1.55
N GLN A 144 -7.73 -2.86 1.89
CA GLN A 144 -8.38 -3.64 2.93
C GLN A 144 -7.60 -3.51 4.23
N SER A 56 -9.84 4.69 18.26
CA SER A 56 -8.55 5.40 18.25
C SER A 56 -7.44 4.48 17.72
N GLY A 57 -6.19 4.86 17.95
CA GLY A 57 -5.08 4.08 17.45
C GLY A 57 -4.41 4.76 16.29
N PRO A 58 -3.41 4.13 15.66
CA PRO A 58 -2.79 4.64 14.46
C PRO A 58 -3.83 4.87 13.38
N ARG A 59 -4.23 6.12 13.20
CA ARG A 59 -5.32 6.44 12.31
C ARG A 59 -4.78 7.11 11.06
N ALA A 60 -5.17 6.58 9.92
CA ALA A 60 -4.70 7.06 8.64
C ALA A 60 -5.36 8.38 8.25
N LEU A 61 -4.53 9.38 8.01
CA LEU A 61 -4.99 10.65 7.47
C LEU A 61 -5.10 10.55 5.96
N SER A 62 -4.21 9.76 5.37
CA SER A 62 -4.15 9.63 3.94
C SER A 62 -3.52 8.29 3.54
N ARG A 63 -4.37 7.29 3.33
CA ARG A 63 -3.93 6.03 2.74
C ARG A 63 -4.17 6.06 1.24
N ASN A 64 -3.38 6.87 0.56
CA ASN A 64 -3.54 7.06 -0.88
C ASN A 64 -3.26 5.77 -1.61
N GLN A 65 -4.18 5.44 -2.51
CA GLN A 65 -4.07 4.24 -3.32
C GLN A 65 -2.84 4.34 -4.21
N PRO A 66 -2.01 3.31 -4.23
CA PRO A 66 -0.81 3.27 -5.08
C PRO A 66 -1.18 3.38 -6.55
N GLN A 67 -0.25 3.87 -7.35
CA GLN A 67 -0.53 4.20 -8.73
C GLN A 67 -0.43 2.97 -9.61
N TYR A 68 -1.57 2.48 -10.08
CA TYR A 68 -1.57 1.34 -10.99
C TYR A 68 -0.97 1.77 -12.32
N PRO A 69 -0.04 0.96 -12.83
CA PRO A 69 0.80 1.30 -13.96
C PRO A 69 0.09 1.10 -15.29
N ALA A 70 0.39 1.97 -16.25
CA ALA A 70 -0.17 1.87 -17.58
C ALA A 70 0.32 0.60 -18.27
N ARG A 71 1.45 0.08 -17.80
CA ARG A 71 1.99 -1.17 -18.31
C ARG A 71 1.08 -2.33 -17.89
N ALA A 72 0.47 -2.20 -16.71
CA ALA A 72 -0.34 -3.28 -16.16
C ALA A 72 -1.75 -3.25 -16.73
N GLN A 73 -2.29 -2.04 -16.92
CA GLN A 73 -3.63 -1.89 -17.46
C GLN A 73 -3.69 -2.46 -18.87
N ALA A 74 -2.62 -2.22 -19.63
CA ALA A 74 -2.53 -2.69 -21.00
C ALA A 74 -2.30 -4.20 -21.03
N LEU A 75 -1.96 -4.75 -19.88
CA LEU A 75 -1.71 -6.18 -19.73
C LEU A 75 -2.90 -6.87 -19.04
N ARG A 76 -3.89 -6.06 -18.69
CA ARG A 76 -5.09 -6.53 -18.00
C ARG A 76 -4.71 -7.17 -16.67
N ILE A 77 -3.74 -6.57 -15.99
CA ILE A 77 -3.22 -7.12 -14.76
C ILE A 77 -4.01 -6.67 -13.54
N GLU A 78 -4.50 -7.65 -12.80
CA GLU A 78 -5.10 -7.40 -11.50
C GLU A 78 -3.98 -7.38 -10.47
N GLY A 79 -3.84 -6.28 -9.77
CA GLY A 79 -2.80 -6.20 -8.77
C GLY A 79 -3.31 -6.47 -7.38
N GLN A 80 -3.14 -7.68 -6.91
CA GLN A 80 -3.49 -8.01 -5.53
C GLN A 80 -2.23 -8.09 -4.72
N VAL A 81 -1.97 -7.04 -3.96
CA VAL A 81 -0.76 -6.96 -3.17
C VAL A 81 -1.09 -7.04 -1.68
N LYS A 82 -0.28 -7.78 -0.96
CA LYS A 82 -0.42 -7.91 0.48
C LYS A 82 0.83 -7.37 1.15
N VAL A 83 0.69 -6.29 1.91
CA VAL A 83 1.85 -5.60 2.45
C VAL A 83 1.83 -5.58 3.97
N LYS A 84 3.01 -5.68 4.55
CA LYS A 84 3.20 -5.46 5.98
C LYS A 84 4.11 -4.26 6.20
N PHE A 85 3.63 -3.29 6.94
CA PHE A 85 4.38 -2.06 7.20
C PHE A 85 4.34 -1.72 8.68
N ASP A 86 5.11 -0.70 9.02
CA ASP A 86 5.14 -0.16 10.36
C ASP A 86 5.10 1.35 10.30
N VAL A 87 4.51 1.96 11.30
CA VAL A 87 4.43 3.41 11.33
C VAL A 87 5.00 3.93 12.64
N THR A 88 5.66 5.07 12.57
CA THR A 88 6.30 5.64 13.73
C THR A 88 5.29 6.42 14.57
N PRO A 89 5.65 6.74 15.82
CA PRO A 89 4.82 7.60 16.68
C PRO A 89 4.72 9.02 16.14
N ASP A 90 5.31 9.26 14.97
CA ASP A 90 5.17 10.53 14.28
C ASP A 90 4.13 10.41 13.17
N GLY A 91 3.86 9.16 12.79
CA GLY A 91 2.86 8.89 11.79
C GLY A 91 3.47 8.66 10.43
N ARG A 92 4.65 8.04 10.43
CA ARG A 92 5.40 7.81 9.21
C ARG A 92 5.49 6.32 8.89
N VAL A 93 5.14 5.98 7.67
CA VAL A 93 5.19 4.61 7.19
C VAL A 93 6.62 4.21 6.83
N ASP A 94 7.05 3.07 7.35
CA ASP A 94 8.38 2.54 7.09
C ASP A 94 8.37 1.02 7.28
N ASN A 95 9.48 0.37 6.95
CA ASN A 95 9.60 -1.10 7.07
C ASN A 95 8.54 -1.80 6.24
N VAL A 96 8.21 -1.19 5.12
CA VAL A 96 7.22 -1.70 4.21
C VAL A 96 7.77 -2.86 3.39
N GLN A 97 7.13 -4.01 3.51
CA GLN A 97 7.48 -5.15 2.71
C GLN A 97 6.23 -5.80 2.14
N ILE A 98 6.28 -6.08 0.87
CA ILE A 98 5.21 -6.78 0.20
C ILE A 98 5.38 -8.27 0.41
N LEU A 99 4.40 -8.85 1.08
CA LEU A 99 4.44 -10.24 1.48
C LEU A 99 4.08 -11.13 0.30
N SER A 100 3.21 -10.62 -0.55
CA SER A 100 2.78 -11.33 -1.75
C SER A 100 2.11 -10.35 -2.70
N ALA A 101 2.24 -10.60 -4.00
CA ALA A 101 1.55 -9.80 -5.00
C ALA A 101 1.17 -10.68 -6.19
N LYS A 102 0.32 -10.18 -7.06
CA LYS A 102 -0.08 -10.96 -8.23
C LYS A 102 1.11 -11.06 -9.21
N PRO A 103 1.64 -9.94 -9.73
CA PRO A 103 2.89 -9.93 -10.45
C PRO A 103 4.08 -9.69 -9.53
N ALA A 104 5.25 -9.42 -10.09
CA ALA A 104 6.44 -9.21 -9.29
C ALA A 104 6.65 -7.71 -9.01
N ASN A 105 7.34 -7.02 -9.90
CA ASN A 105 7.68 -5.61 -9.68
C ASN A 105 6.62 -4.68 -10.26
N MET A 106 5.69 -5.26 -10.99
CA MET A 106 4.64 -4.49 -11.66
C MET A 106 3.89 -3.58 -10.67
N PHE A 107 3.46 -4.14 -9.55
CA PHE A 107 2.72 -3.35 -8.57
C PHE A 107 3.51 -3.11 -7.29
N GLU A 108 4.34 -4.08 -6.92
CA GLU A 108 5.03 -4.06 -5.64
C GLU A 108 5.84 -2.77 -5.45
N ARG A 109 6.38 -2.24 -6.55
CA ARG A 109 7.22 -1.05 -6.48
C ARG A 109 6.38 0.20 -6.23
N GLU A 110 5.21 0.29 -6.86
CA GLU A 110 4.39 1.50 -6.78
C GLU A 110 3.63 1.52 -5.47
N VAL A 111 3.40 0.35 -4.91
CA VAL A 111 2.81 0.25 -3.58
C VAL A 111 3.70 0.95 -2.57
N LYS A 112 4.95 0.52 -2.52
CA LYS A 112 5.94 1.11 -1.63
C LYS A 112 6.05 2.61 -1.86
N ASN A 113 6.05 3.00 -3.13
CA ASN A 113 6.16 4.40 -3.51
C ASN A 113 5.00 5.22 -2.93
N ALA A 114 3.80 4.67 -2.98
CA ALA A 114 2.63 5.35 -2.45
C ALA A 114 2.62 5.31 -0.92
N MET A 115 3.04 4.18 -0.36
CA MET A 115 3.08 4.02 1.09
C MET A 115 4.10 4.95 1.73
N ARG A 116 5.07 5.40 0.94
CA ARG A 116 6.01 6.42 1.40
C ARG A 116 5.31 7.75 1.61
N ARG A 117 4.14 7.88 0.99
CA ARG A 117 3.35 9.10 1.09
C ARG A 117 2.20 8.93 2.10
N TRP A 118 1.94 7.68 2.48
CA TRP A 118 0.91 7.38 3.49
C TRP A 118 1.17 8.17 4.76
N ARG A 119 0.15 8.89 5.21
CA ARG A 119 0.27 9.74 6.37
C ARG A 119 -0.67 9.27 7.48
N TYR A 120 -0.10 9.06 8.63
CA TYR A 120 -0.85 8.64 9.80
C TYR A 120 -0.76 9.71 10.88
N GLU A 121 -1.79 9.80 11.71
CA GLU A 121 -1.83 10.78 12.80
C GLU A 121 -0.72 10.52 13.82
N PRO A 122 0.12 11.54 14.05
CA PRO A 122 1.24 11.45 15.00
C PRO A 122 0.78 11.16 16.41
N GLY A 123 1.66 10.53 17.18
CA GLY A 123 1.32 10.14 18.51
C GLY A 123 0.97 8.66 18.58
N LYS A 124 0.89 8.02 17.42
CA LYS A 124 0.50 6.63 17.35
C LYS A 124 1.40 5.82 16.42
N PRO A 125 2.27 4.97 16.99
CA PRO A 125 3.05 4.00 16.22
C PRO A 125 2.29 2.70 16.02
N GLY A 126 2.59 2.00 14.93
CA GLY A 126 1.91 0.76 14.64
C GLY A 126 2.80 -0.21 13.88
N SER A 127 3.30 -1.21 14.57
CA SER A 127 4.21 -2.17 13.98
C SER A 127 3.48 -3.46 13.58
N GLY A 128 3.76 -3.94 12.39
CA GLY A 128 3.17 -5.19 11.92
C GLY A 128 1.75 -5.00 11.43
N ILE A 129 1.54 -3.98 10.62
CA ILE A 129 0.22 -3.73 10.05
C ILE A 129 0.12 -4.37 8.67
N VAL A 130 -0.83 -5.27 8.52
CA VAL A 130 -1.04 -5.93 7.24
C VAL A 130 -2.19 -5.27 6.48
N VAL A 131 -1.95 -5.02 5.20
CA VAL A 131 -2.96 -4.46 4.32
C VAL A 131 -3.04 -5.22 3.02
N ASN A 132 -4.21 -5.16 2.41
CA ASN A 132 -4.43 -5.80 1.13
C ASN A 132 -4.87 -4.76 0.12
N ILE A 133 -4.09 -4.56 -0.94
CA ILE A 133 -4.48 -3.62 -1.97
C ILE A 133 -4.95 -4.38 -3.21
N LEU A 134 -6.20 -4.15 -3.56
CA LEU A 134 -6.81 -4.82 -4.69
C LEU A 134 -6.92 -3.87 -5.87
N PHE A 135 -5.98 -3.95 -6.77
CA PHE A 135 -6.04 -3.23 -8.02
C PHE A 135 -6.86 -4.06 -9.00
N LYS A 136 -8.15 -3.78 -9.05
CA LYS A 136 -9.08 -4.56 -9.85
C LYS A 136 -8.78 -4.42 -11.33
N ILE A 137 -9.17 -5.46 -12.07
CA ILE A 137 -8.77 -5.65 -13.47
C ILE A 137 -9.16 -4.45 -14.33
N ASN A 138 -10.19 -3.72 -13.91
CA ASN A 138 -10.71 -2.60 -14.68
C ASN A 138 -10.01 -1.30 -14.31
N GLY A 139 -8.99 -1.37 -13.45
CA GLY A 139 -8.18 -0.21 -13.16
C GLY A 139 -8.66 0.57 -11.96
N THR A 140 -9.18 -0.11 -10.96
CA THR A 140 -9.57 0.54 -9.72
C THR A 140 -8.77 -0.04 -8.55
N THR A 141 -8.89 0.58 -7.40
CA THR A 141 -8.08 0.22 -6.25
C THR A 141 -8.94 -0.06 -5.02
N GLU A 142 -8.34 -0.70 -4.03
CA GLU A 142 -8.99 -0.95 -2.75
C GLU A 142 -7.94 -1.31 -1.71
N ILE A 143 -8.03 -0.74 -0.53
CA ILE A 143 -7.13 -1.08 0.55
C ILE A 143 -7.89 -1.67 1.74
N GLN A 144 -7.48 -2.84 2.15
CA GLN A 144 -8.06 -3.53 3.27
C GLN A 144 -7.11 -3.46 4.46
N SER A 56 -10.36 3.71 16.44
CA SER A 56 -9.42 4.39 17.35
C SER A 56 -8.00 3.84 17.14
N GLY A 57 -7.05 4.32 17.93
CA GLY A 57 -5.68 3.90 17.76
C GLY A 57 -4.97 4.75 16.73
N PRO A 58 -3.78 4.32 16.29
CA PRO A 58 -3.09 4.95 15.17
C PRO A 58 -3.99 5.05 13.95
N ARG A 59 -4.53 6.24 13.75
CA ARG A 59 -5.53 6.44 12.70
C ARG A 59 -4.86 6.99 11.46
N ALA A 60 -5.18 6.39 10.33
CA ALA A 60 -4.60 6.83 9.07
C ALA A 60 -5.23 8.13 8.63
N LEU A 61 -4.45 9.20 8.74
CA LEU A 61 -4.85 10.50 8.34
C LEU A 61 -5.11 10.52 6.84
N SER A 62 -4.29 9.78 6.10
CA SER A 62 -4.45 9.66 4.67
C SER A 62 -3.65 8.46 4.15
N ARG A 63 -4.36 7.37 3.85
CA ARG A 63 -3.72 6.23 3.20
C ARG A 63 -3.99 6.26 1.70
N ASN A 64 -3.11 6.95 1.00
CA ASN A 64 -3.23 7.11 -0.44
C ASN A 64 -2.95 5.81 -1.16
N GLN A 65 -3.80 5.52 -2.12
CA GLN A 65 -3.74 4.28 -2.85
C GLN A 65 -2.67 4.38 -3.93
N PRO A 66 -1.78 3.38 -4.00
CA PRO A 66 -0.65 3.37 -4.94
C PRO A 66 -1.10 3.47 -6.39
N GLN A 67 -0.20 3.97 -7.22
CA GLN A 67 -0.46 4.18 -8.64
C GLN A 67 -0.60 2.85 -9.39
N TYR A 68 -1.69 2.72 -10.13
CA TYR A 68 -1.86 1.57 -11.01
C TYR A 68 -1.33 1.90 -12.40
N PRO A 69 -0.63 0.96 -13.03
CA PRO A 69 0.03 1.16 -14.31
C PRO A 69 -0.84 0.72 -15.48
N ALA A 70 -1.00 1.61 -16.45
CA ALA A 70 -1.74 1.30 -17.66
C ALA A 70 -1.06 0.14 -18.40
N ARG A 71 0.23 -0.02 -18.15
CA ARG A 71 0.99 -1.17 -18.63
C ARG A 71 0.30 -2.47 -18.23
N ALA A 72 -0.02 -2.59 -16.95
CA ALA A 72 -0.63 -3.80 -16.43
C ALA A 72 -2.07 -3.95 -16.90
N GLN A 73 -2.73 -2.82 -17.10
CA GLN A 73 -4.11 -2.82 -17.55
C GLN A 73 -4.21 -3.37 -18.97
N ALA A 74 -3.21 -3.03 -19.78
CA ALA A 74 -3.13 -3.53 -21.15
C ALA A 74 -2.73 -5.00 -21.16
N LEU A 75 -2.18 -5.44 -20.04
CA LEU A 75 -1.79 -6.84 -19.87
C LEU A 75 -2.94 -7.63 -19.24
N ARG A 76 -4.00 -6.89 -18.87
CA ARG A 76 -5.14 -7.44 -18.17
C ARG A 76 -4.73 -8.05 -16.84
N ILE A 77 -3.88 -7.32 -16.13
CA ILE A 77 -3.40 -7.73 -14.83
C ILE A 77 -4.14 -7.02 -13.71
N GLU A 78 -4.61 -7.81 -12.75
CA GLU A 78 -5.18 -7.25 -11.54
C GLU A 78 -4.19 -7.41 -10.40
N GLY A 79 -3.68 -6.30 -9.91
CA GLY A 79 -2.61 -6.35 -8.94
C GLY A 79 -3.12 -6.51 -7.53
N GLN A 80 -2.86 -7.65 -6.94
CA GLN A 80 -3.17 -7.87 -5.55
C GLN A 80 -1.87 -7.89 -4.74
N VAL A 81 -1.61 -6.80 -4.04
CA VAL A 81 -0.41 -6.72 -3.23
C VAL A 81 -0.75 -6.82 -1.75
N LYS A 82 -0.14 -7.80 -1.12
CA LYS A 82 -0.31 -8.05 0.30
C LYS A 82 0.93 -7.57 1.04
N VAL A 83 0.82 -6.47 1.76
CA VAL A 83 1.98 -5.81 2.33
C VAL A 83 1.90 -5.71 3.85
N LYS A 84 3.04 -5.87 4.52
CA LYS A 84 3.15 -5.60 5.94
C LYS A 84 3.99 -4.35 6.15
N PHE A 85 3.55 -3.48 7.04
CA PHE A 85 4.26 -2.24 7.32
C PHE A 85 4.15 -1.88 8.80
N ASP A 86 4.89 -0.85 9.16
CA ASP A 86 4.82 -0.25 10.48
C ASP A 86 4.60 1.25 10.30
N VAL A 87 4.16 1.90 11.35
CA VAL A 87 4.04 3.36 11.35
C VAL A 87 4.66 3.90 12.62
N THR A 88 5.54 4.88 12.47
CA THR A 88 6.23 5.45 13.61
C THR A 88 5.30 6.26 14.48
N PRO A 89 5.68 6.59 15.72
CA PRO A 89 4.89 7.46 16.57
C PRO A 89 4.52 8.76 15.85
N ASP A 90 5.42 9.25 15.01
CA ASP A 90 5.20 10.52 14.28
C ASP A 90 4.13 10.34 13.19
N GLY A 91 3.83 9.10 12.87
CA GLY A 91 2.77 8.81 11.93
C GLY A 91 3.31 8.54 10.54
N ARG A 92 4.50 7.95 10.49
CA ARG A 92 5.14 7.71 9.21
C ARG A 92 5.35 6.23 8.96
N VAL A 93 4.91 5.81 7.80
CA VAL A 93 4.96 4.41 7.40
C VAL A 93 6.38 3.98 7.02
N ASP A 94 6.82 2.89 7.62
CA ASP A 94 8.16 2.36 7.39
C ASP A 94 8.15 0.85 7.61
N ASN A 95 9.25 0.17 7.26
CA ASN A 95 9.35 -1.28 7.37
C ASN A 95 8.35 -1.94 6.44
N VAL A 96 8.07 -1.27 5.35
CA VAL A 96 7.12 -1.74 4.36
C VAL A 96 7.73 -2.86 3.52
N GLN A 97 7.17 -4.04 3.64
CA GLN A 97 7.65 -5.18 2.89
C GLN A 97 6.48 -5.92 2.27
N ILE A 98 6.53 -6.03 0.96
CA ILE A 98 5.49 -6.71 0.21
C ILE A 98 5.63 -8.22 0.38
N LEU A 99 4.61 -8.81 0.99
CA LEU A 99 4.62 -10.22 1.31
C LEU A 99 4.30 -11.05 0.07
N SER A 100 3.41 -10.51 -0.74
CA SER A 100 2.99 -11.18 -1.97
C SER A 100 2.39 -10.15 -2.91
N ALA A 101 2.57 -10.35 -4.21
CA ALA A 101 1.99 -9.48 -5.21
C ALA A 101 1.75 -10.27 -6.49
N LYS A 102 0.76 -9.85 -7.27
CA LYS A 102 0.48 -10.55 -8.52
C LYS A 102 1.69 -10.43 -9.47
N PRO A 103 2.02 -9.22 -9.99
CA PRO A 103 3.30 -8.97 -10.62
C PRO A 103 4.28 -8.33 -9.63
N ALA A 104 5.53 -8.23 -10.04
CA ALA A 104 6.58 -7.72 -9.16
C ALA A 104 6.82 -6.22 -9.37
N ASN A 105 7.63 -5.87 -10.37
CA ASN A 105 8.06 -4.48 -10.57
C ASN A 105 6.93 -3.61 -11.11
N MET A 106 5.75 -4.18 -11.24
CA MET A 106 4.62 -3.46 -11.81
C MET A 106 3.81 -2.76 -10.72
N PHE A 107 3.47 -3.49 -9.65
CA PHE A 107 2.67 -2.91 -8.57
C PHE A 107 3.48 -2.74 -7.30
N GLU A 108 4.26 -3.75 -6.95
CA GLU A 108 5.00 -3.79 -5.70
C GLU A 108 5.85 -2.52 -5.52
N ARG A 109 6.39 -2.03 -6.62
CA ARG A 109 7.22 -0.83 -6.59
C ARG A 109 6.41 0.42 -6.24
N GLU A 110 5.22 0.54 -6.84
CA GLU A 110 4.41 1.73 -6.63
C GLU A 110 3.76 1.70 -5.26
N VAL A 111 3.60 0.51 -4.73
CA VAL A 111 3.07 0.36 -3.39
C VAL A 111 4.01 1.03 -2.40
N LYS A 112 5.28 0.64 -2.42
CA LYS A 112 6.30 1.26 -1.58
C LYS A 112 6.25 2.78 -1.68
N ASN A 113 6.22 3.28 -2.92
CA ASN A 113 6.21 4.70 -3.18
C ASN A 113 5.02 5.39 -2.53
N ALA A 114 3.87 4.72 -2.54
CA ALA A 114 2.67 5.26 -1.93
C ALA A 114 2.75 5.16 -0.40
N MET A 115 3.27 4.04 0.09
CA MET A 115 3.42 3.83 1.52
C MET A 115 4.34 4.89 2.14
N ARG A 116 5.34 5.31 1.37
CA ARG A 116 6.24 6.38 1.77
C ARG A 116 5.49 7.69 2.00
N ARG A 117 4.29 7.79 1.45
CA ARG A 117 3.51 9.00 1.53
C ARG A 117 2.36 8.87 2.54
N TRP A 118 2.06 7.64 2.96
CA TRP A 118 0.99 7.41 3.94
C TRP A 118 1.20 8.24 5.20
N ARG A 119 0.11 8.81 5.69
CA ARG A 119 0.12 9.62 6.90
C ARG A 119 -0.80 9.04 7.95
N TYR A 120 -0.28 8.94 9.16
CA TYR A 120 -1.07 8.55 10.32
C TYR A 120 -1.04 9.67 11.35
N GLU A 121 -1.95 9.61 12.30
CA GLU A 121 -1.95 10.56 13.41
C GLU A 121 -0.65 10.47 14.21
N PRO A 122 -0.06 11.62 14.54
CA PRO A 122 1.20 11.67 15.24
C PRO A 122 1.03 11.49 16.74
N GLY A 123 1.92 10.74 17.33
CA GLY A 123 1.80 10.34 18.71
C GLY A 123 1.45 8.87 18.82
N LYS A 124 1.20 8.24 17.67
CA LYS A 124 0.71 6.87 17.65
C LYS A 124 1.51 5.99 16.69
N PRO A 125 2.29 5.05 17.23
CA PRO A 125 3.01 4.06 16.44
C PRO A 125 2.24 2.76 16.28
N GLY A 126 2.40 2.15 15.10
CA GLY A 126 1.83 0.85 14.85
C GLY A 126 2.88 -0.10 14.33
N SER A 127 2.72 -1.39 14.57
CA SER A 127 3.74 -2.34 14.17
C SER A 127 3.12 -3.66 13.72
N GLY A 128 3.61 -4.19 12.61
CA GLY A 128 3.14 -5.45 12.10
C GLY A 128 1.74 -5.36 11.55
N ILE A 129 1.52 -4.40 10.67
CA ILE A 129 0.21 -4.21 10.07
C ILE A 129 0.21 -4.71 8.64
N VAL A 130 -0.65 -5.68 8.36
CA VAL A 130 -0.76 -6.21 7.01
C VAL A 130 -2.04 -5.70 6.34
N VAL A 131 -1.90 -5.25 5.11
CA VAL A 131 -3.02 -4.80 4.32
C VAL A 131 -2.99 -5.40 2.93
N ASN A 132 -4.10 -5.31 2.23
CA ASN A 132 -4.19 -5.82 0.88
C ASN A 132 -4.62 -4.72 -0.06
N ILE A 133 -3.83 -4.43 -1.07
CA ILE A 133 -4.24 -3.45 -2.06
C ILE A 133 -4.69 -4.16 -3.33
N LEU A 134 -5.99 -4.10 -3.57
CA LEU A 134 -6.60 -4.74 -4.72
C LEU A 134 -6.72 -3.76 -5.87
N PHE A 135 -5.80 -3.84 -6.81
CA PHE A 135 -5.87 -3.06 -8.04
C PHE A 135 -6.73 -3.83 -9.04
N LYS A 136 -7.99 -3.45 -9.14
CA LYS A 136 -8.95 -4.17 -9.96
C LYS A 136 -8.70 -3.91 -11.45
N ILE A 137 -9.17 -4.84 -12.27
CA ILE A 137 -8.80 -4.93 -13.68
C ILE A 137 -9.13 -3.66 -14.48
N ASN A 138 -10.13 -2.90 -14.04
CA ASN A 138 -10.51 -1.68 -14.75
C ASN A 138 -9.56 -0.55 -14.39
N GLY A 139 -8.90 -0.67 -13.25
CA GLY A 139 -7.99 0.35 -12.80
C GLY A 139 -8.45 1.04 -11.55
N THR A 140 -9.18 0.33 -10.71
CA THR A 140 -9.59 0.88 -9.43
C THR A 140 -8.66 0.35 -8.33
N THR A 141 -8.67 1.01 -7.19
CA THR A 141 -7.75 0.66 -6.12
C THR A 141 -8.49 0.55 -4.79
N GLU A 142 -8.12 -0.44 -3.99
CA GLU A 142 -8.74 -0.64 -2.69
C GLU A 142 -7.70 -1.15 -1.68
N ILE A 143 -7.69 -0.57 -0.50
CA ILE A 143 -6.77 -1.00 0.55
C ILE A 143 -7.53 -1.66 1.69
N GLN A 144 -7.14 -2.88 2.01
CA GLN A 144 -7.76 -3.64 3.08
C GLN A 144 -6.79 -3.82 4.23
N SER A 56 -8.85 3.13 19.62
CA SER A 56 -9.13 2.22 18.47
C SER A 56 -7.84 1.61 17.95
N GLY A 57 -6.72 2.24 18.25
CA GLY A 57 -5.48 1.83 17.65
C GLY A 57 -5.03 2.82 16.60
N PRO A 58 -4.08 2.41 15.74
CA PRO A 58 -3.61 3.22 14.61
C PRO A 58 -4.73 3.85 13.80
N ARG A 59 -4.48 5.06 13.31
CA ARG A 59 -5.40 5.72 12.40
C ARG A 59 -4.61 6.41 11.30
N ALA A 60 -4.97 6.10 10.06
CA ALA A 60 -4.26 6.62 8.91
C ALA A 60 -5.05 7.73 8.23
N LEU A 61 -4.58 8.96 8.41
CA LEU A 61 -5.20 10.14 7.85
C LEU A 61 -5.31 10.05 6.33
N SER A 62 -4.27 9.58 5.69
CA SER A 62 -4.27 9.46 4.25
C SER A 62 -3.84 8.06 3.82
N ARG A 63 -4.79 7.15 3.74
CA ARG A 63 -4.52 5.81 3.22
C ARG A 63 -4.83 5.80 1.73
N ASN A 64 -4.12 6.65 1.01
CA ASN A 64 -4.34 6.87 -0.41
C ASN A 64 -3.84 5.69 -1.23
N GLN A 65 -4.48 5.49 -2.36
CA GLN A 65 -4.21 4.36 -3.21
C GLN A 65 -2.94 4.59 -4.04
N PRO A 66 -2.08 3.57 -4.12
CA PRO A 66 -0.91 3.58 -5.00
C PRO A 66 -1.34 3.66 -6.46
N GLN A 67 -0.40 4.04 -7.32
CA GLN A 67 -0.73 4.28 -8.72
C GLN A 67 -0.73 2.97 -9.51
N TYR A 68 -1.79 2.76 -10.25
CA TYR A 68 -1.90 1.59 -11.11
C TYR A 68 -1.26 1.87 -12.45
N PRO A 69 -0.56 0.89 -13.01
CA PRO A 69 0.10 1.00 -14.30
C PRO A 69 -0.78 0.49 -15.43
N ALA A 70 -0.95 1.31 -16.45
CA ALA A 70 -1.72 0.92 -17.62
C ALA A 70 -1.02 -0.25 -18.32
N ARG A 71 0.26 -0.41 -18.02
CA ARG A 71 1.04 -1.53 -18.51
C ARG A 71 0.47 -2.86 -18.02
N ALA A 72 0.07 -2.91 -16.75
CA ALA A 72 -0.44 -4.14 -16.16
C ALA A 72 -1.84 -4.46 -16.68
N GLN A 73 -2.66 -3.43 -16.82
CA GLN A 73 -4.03 -3.61 -17.30
C GLN A 73 -4.03 -4.04 -18.75
N ALA A 74 -3.01 -3.61 -19.47
CA ALA A 74 -2.83 -3.99 -20.86
C ALA A 74 -2.44 -5.45 -20.96
N LEU A 75 -1.94 -5.97 -19.86
CA LEU A 75 -1.56 -7.37 -19.75
C LEU A 75 -2.70 -8.18 -19.14
N ARG A 76 -3.82 -7.48 -18.91
CA ARG A 76 -5.03 -8.08 -18.36
C ARG A 76 -4.80 -8.55 -16.93
N ILE A 77 -4.03 -7.79 -16.17
CA ILE A 77 -3.75 -8.14 -14.80
C ILE A 77 -4.43 -7.19 -13.84
N GLU A 78 -4.71 -7.70 -12.65
CA GLU A 78 -5.22 -6.89 -11.56
C GLU A 78 -4.30 -7.11 -10.37
N GLY A 79 -3.67 -6.06 -9.90
CA GLY A 79 -2.64 -6.22 -8.89
C GLY A 79 -3.20 -6.34 -7.50
N GLN A 80 -3.20 -7.54 -6.97
CA GLN A 80 -3.54 -7.75 -5.58
C GLN A 80 -2.26 -7.84 -4.77
N VAL A 81 -1.92 -6.78 -4.06
CA VAL A 81 -0.71 -6.77 -3.27
C VAL A 81 -1.04 -6.87 -1.79
N LYS A 82 -0.28 -7.66 -1.07
CA LYS A 82 -0.42 -7.77 0.37
C LYS A 82 0.87 -7.31 1.04
N VAL A 83 0.79 -6.21 1.77
CA VAL A 83 1.98 -5.57 2.30
C VAL A 83 1.92 -5.47 3.82
N LYS A 84 3.07 -5.63 4.46
CA LYS A 84 3.22 -5.32 5.88
C LYS A 84 4.05 -4.07 6.04
N PHE A 85 3.61 -3.16 6.89
CA PHE A 85 4.36 -1.96 7.17
C PHE A 85 4.33 -1.66 8.66
N ASP A 86 5.10 -0.65 9.03
CA ASP A 86 5.13 -0.16 10.39
C ASP A 86 5.03 1.35 10.33
N VAL A 87 4.66 1.99 11.42
CA VAL A 87 4.66 3.44 11.46
C VAL A 87 5.37 3.91 12.71
N THR A 88 6.00 5.05 12.62
CA THR A 88 6.72 5.60 13.75
C THR A 88 5.77 6.41 14.62
N PRO A 89 6.20 6.75 15.85
CA PRO A 89 5.41 7.60 16.75
C PRO A 89 5.26 9.03 16.20
N ASP A 90 5.79 9.27 15.01
CA ASP A 90 5.61 10.53 14.32
C ASP A 90 4.52 10.39 13.27
N GLY A 91 4.10 9.15 13.05
CA GLY A 91 3.05 8.87 12.11
C GLY A 91 3.57 8.65 10.71
N ARG A 92 4.74 8.05 10.62
CA ARG A 92 5.39 7.84 9.34
C ARG A 92 5.47 6.36 9.00
N VAL A 93 5.02 6.04 7.80
CA VAL A 93 5.03 4.68 7.29
C VAL A 93 6.43 4.29 6.87
N ASP A 94 6.88 3.15 7.38
CA ASP A 94 8.22 2.66 7.10
C ASP A 94 8.26 1.15 7.26
N ASN A 95 9.39 0.53 6.90
CA ASN A 95 9.59 -0.92 7.01
C ASN A 95 8.57 -1.67 6.15
N VAL A 96 8.22 -1.05 5.04
CA VAL A 96 7.24 -1.60 4.12
C VAL A 96 7.79 -2.81 3.36
N GLN A 97 7.15 -3.94 3.58
CA GLN A 97 7.53 -5.19 2.95
C GLN A 97 6.33 -5.79 2.23
N ILE A 98 6.41 -5.86 0.91
CA ILE A 98 5.38 -6.53 0.13
C ILE A 98 5.53 -8.03 0.30
N LEU A 99 4.54 -8.63 0.94
CA LEU A 99 4.58 -10.04 1.28
C LEU A 99 4.25 -10.89 0.08
N SER A 100 3.38 -10.37 -0.77
CA SER A 100 2.94 -11.07 -1.97
C SER A 100 2.16 -10.12 -2.85
N ALA A 101 2.05 -10.47 -4.12
CA ALA A 101 1.28 -9.68 -5.07
C ALA A 101 0.88 -10.56 -6.26
N LYS A 102 0.06 -10.05 -7.16
CA LYS A 102 -0.23 -10.79 -8.37
C LYS A 102 1.00 -10.84 -9.28
N PRO A 103 1.48 -9.69 -9.81
CA PRO A 103 2.81 -9.60 -10.41
C PRO A 103 3.84 -9.35 -9.31
N ALA A 104 4.96 -8.75 -9.66
CA ALA A 104 5.95 -8.40 -8.65
C ALA A 104 6.42 -6.97 -8.82
N ASN A 105 7.37 -6.77 -9.73
CA ASN A 105 8.02 -5.47 -9.91
C ASN A 105 7.05 -4.45 -10.52
N MET A 106 5.94 -4.95 -11.05
CA MET A 106 4.90 -4.10 -11.62
C MET A 106 4.30 -3.17 -10.56
N PHE A 107 3.86 -3.75 -9.45
CA PHE A 107 3.09 -3.01 -8.45
C PHE A 107 3.88 -2.73 -7.18
N GLU A 108 4.77 -3.65 -6.84
CA GLU A 108 5.47 -3.62 -5.55
C GLU A 108 6.26 -2.31 -5.36
N ARG A 109 6.53 -1.63 -6.47
CA ARG A 109 7.23 -0.36 -6.45
C ARG A 109 6.31 0.78 -6.00
N GLU A 110 5.19 0.97 -6.69
CA GLU A 110 4.39 2.16 -6.48
C GLU A 110 3.64 2.07 -5.17
N VAL A 111 3.52 0.86 -4.65
CA VAL A 111 2.90 0.66 -3.35
C VAL A 111 3.68 1.42 -2.29
N LYS A 112 4.97 1.12 -2.17
CA LYS A 112 5.84 1.78 -1.19
C LYS A 112 5.80 3.29 -1.36
N ASN A 113 5.87 3.75 -2.60
CA ASN A 113 5.85 5.18 -2.90
C ASN A 113 4.59 5.84 -2.35
N ALA A 114 3.45 5.20 -2.55
CA ALA A 114 2.18 5.73 -2.07
C ALA A 114 2.09 5.60 -0.55
N MET A 115 2.66 4.53 -0.02
CA MET A 115 2.67 4.32 1.42
C MET A 115 3.56 5.36 2.11
N ARG A 116 4.53 5.90 1.38
CA ARG A 116 5.32 7.02 1.87
C ARG A 116 4.45 8.28 1.98
N ARG A 117 3.36 8.28 1.22
CA ARG A 117 2.41 9.37 1.24
C ARG A 117 1.41 9.17 2.37
N TRP A 118 1.29 7.92 2.83
CA TRP A 118 0.40 7.58 3.94
C TRP A 118 0.79 8.37 5.19
N ARG A 119 -0.08 9.30 5.57
CA ARG A 119 0.12 10.07 6.78
C ARG A 119 -0.69 9.47 7.91
N TYR A 120 0.01 9.21 9.00
CA TYR A 120 -0.56 8.61 10.17
C TYR A 120 -0.47 9.61 11.32
N GLU A 121 -1.41 9.55 12.25
CA GLU A 121 -1.45 10.47 13.39
C GLU A 121 -0.19 10.37 14.25
N PRO A 122 0.41 11.52 14.56
CA PRO A 122 1.64 11.57 15.33
C PRO A 122 1.40 11.36 16.82
N GLY A 123 2.29 10.64 17.45
CA GLY A 123 2.12 10.26 18.83
C GLY A 123 1.81 8.78 18.98
N LYS A 124 1.60 8.11 17.84
CA LYS A 124 1.27 6.70 17.84
C LYS A 124 2.19 5.93 16.88
N PRO A 125 2.92 4.93 17.38
CA PRO A 125 3.66 4.01 16.54
C PRO A 125 2.88 2.72 16.26
N GLY A 126 3.12 2.15 15.11
CA GLY A 126 2.44 0.92 14.72
C GLY A 126 3.42 -0.10 14.22
N SER A 127 3.15 -1.36 14.47
CA SER A 127 4.07 -2.42 14.08
C SER A 127 3.31 -3.66 13.62
N GLY A 128 3.70 -4.16 12.45
CA GLY A 128 3.11 -5.38 11.93
C GLY A 128 1.72 -5.14 11.37
N ILE A 129 1.58 -4.11 10.58
CA ILE A 129 0.30 -3.73 10.01
C ILE A 129 0.21 -4.22 8.57
N VAL A 130 -0.81 -5.01 8.28
CA VAL A 130 -0.97 -5.57 6.96
C VAL A 130 -2.10 -4.90 6.19
N VAL A 131 -1.87 -4.70 4.90
CA VAL A 131 -2.88 -4.16 4.01
C VAL A 131 -2.91 -4.91 2.69
N ASN A 132 -4.08 -4.99 2.11
CA ASN A 132 -4.25 -5.64 0.82
C ASN A 132 -4.76 -4.62 -0.19
N ILE A 133 -4.01 -4.40 -1.24
CA ILE A 133 -4.44 -3.44 -2.25
C ILE A 133 -4.90 -4.17 -3.50
N LEU A 134 -6.13 -3.87 -3.91
CA LEU A 134 -6.71 -4.46 -5.10
C LEU A 134 -6.71 -3.44 -6.23
N PHE A 135 -5.74 -3.56 -7.11
CA PHE A 135 -5.70 -2.72 -8.30
C PHE A 135 -6.55 -3.38 -9.38
N LYS A 136 -7.80 -2.95 -9.49
CA LYS A 136 -8.76 -3.56 -10.38
C LYS A 136 -8.44 -3.27 -11.84
N ILE A 137 -8.82 -4.22 -12.68
CA ILE A 137 -8.48 -4.24 -14.10
C ILE A 137 -8.81 -2.94 -14.82
N ASN A 138 -9.86 -2.26 -14.37
CA ASN A 138 -10.32 -1.03 -14.99
C ASN A 138 -9.51 0.17 -14.53
N GLY A 139 -8.84 0.05 -13.40
CA GLY A 139 -8.04 1.14 -12.91
C GLY A 139 -8.53 1.71 -11.59
N THR A 140 -9.52 1.07 -10.99
CA THR A 140 -9.94 1.46 -9.66
C THR A 140 -9.16 0.65 -8.63
N THR A 141 -9.19 1.08 -7.39
CA THR A 141 -8.34 0.50 -6.36
C THR A 141 -9.05 0.39 -5.02
N GLU A 142 -8.53 -0.47 -4.16
CA GLU A 142 -9.09 -0.70 -2.84
C GLU A 142 -7.98 -1.13 -1.89
N ILE A 143 -7.96 -0.56 -0.69
CA ILE A 143 -7.00 -1.00 0.31
C ILE A 143 -7.71 -1.61 1.51
N GLN A 144 -7.31 -2.83 1.83
CA GLN A 144 -7.87 -3.56 2.95
C GLN A 144 -6.90 -3.53 4.13
N SER A 56 -3.68 0.13 19.95
CA SER A 56 -4.73 -0.10 18.93
C SER A 56 -4.26 0.39 17.56
N GLY A 57 -3.14 1.11 17.54
CA GLY A 57 -2.62 1.65 16.31
C GLY A 57 -3.02 3.08 16.10
N PRO A 58 -2.41 3.77 15.12
CA PRO A 58 -2.75 5.14 14.78
C PRO A 58 -3.84 5.22 13.71
N ARG A 59 -4.38 6.40 13.52
CA ARG A 59 -5.45 6.59 12.55
C ARG A 59 -4.88 7.12 11.24
N ALA A 60 -5.37 6.57 10.13
CA ALA A 60 -4.88 6.92 8.81
C ALA A 60 -5.63 8.10 8.23
N LEU A 61 -4.87 9.08 7.79
CA LEU A 61 -5.42 10.28 7.19
C LEU A 61 -5.43 10.14 5.68
N SER A 62 -4.42 9.45 5.16
CA SER A 62 -4.28 9.28 3.73
C SER A 62 -3.64 7.93 3.39
N ARG A 63 -4.44 6.87 3.45
CA ARG A 63 -4.02 5.60 2.90
C ARG A 63 -4.37 5.56 1.42
N ASN A 64 -3.77 6.50 0.69
CA ASN A 64 -4.07 6.69 -0.72
C ASN A 64 -3.61 5.50 -1.55
N GLN A 65 -4.51 5.00 -2.38
CA GLN A 65 -4.24 3.86 -3.23
C GLN A 65 -3.08 4.16 -4.17
N PRO A 66 -2.11 3.25 -4.26
CA PRO A 66 -1.00 3.37 -5.21
C PRO A 66 -1.53 3.38 -6.65
N GLN A 67 -0.74 3.92 -7.55
CA GLN A 67 -1.17 4.04 -8.94
C GLN A 67 -0.99 2.72 -9.67
N TYR A 68 -2.09 2.16 -10.16
CA TYR A 68 -2.01 0.97 -10.99
C TYR A 68 -1.19 1.26 -12.24
N PRO A 69 -0.22 0.39 -12.54
CA PRO A 69 0.78 0.64 -13.58
C PRO A 69 0.22 0.38 -14.97
N ALA A 70 0.52 1.30 -15.88
CA ALA A 70 0.06 1.18 -17.27
C ALA A 70 0.66 -0.06 -17.91
N ARG A 71 1.80 -0.51 -17.40
CA ARG A 71 2.41 -1.75 -17.85
C ARG A 71 1.51 -2.94 -17.55
N ALA A 72 0.97 -2.98 -16.33
CA ALA A 72 0.12 -4.08 -15.92
C ALA A 72 -1.24 -4.00 -16.60
N GLN A 73 -1.68 -2.78 -16.88
CA GLN A 73 -2.92 -2.57 -17.63
C GLN A 73 -2.76 -3.02 -19.07
N ALA A 74 -1.53 -2.92 -19.59
CA ALA A 74 -1.24 -3.37 -20.94
C ALA A 74 -1.20 -4.89 -20.99
N LEU A 75 -1.04 -5.50 -19.83
CA LEU A 75 -1.06 -6.94 -19.69
C LEU A 75 -2.42 -7.42 -19.22
N ARG A 76 -3.32 -6.45 -19.01
CA ARG A 76 -4.69 -6.71 -18.55
C ARG A 76 -4.70 -7.44 -17.22
N ILE A 77 -3.83 -7.00 -16.30
CA ILE A 77 -3.73 -7.63 -14.98
C ILE A 77 -4.49 -6.83 -13.93
N GLU A 78 -4.90 -7.52 -12.87
CA GLU A 78 -5.45 -6.88 -11.69
C GLU A 78 -4.49 -7.15 -10.54
N GLY A 79 -3.92 -6.10 -9.99
CA GLY A 79 -2.85 -6.27 -9.03
C GLY A 79 -3.35 -6.48 -7.62
N GLN A 80 -3.02 -7.61 -7.06
CA GLN A 80 -3.31 -7.89 -5.66
C GLN A 80 -2.00 -7.87 -4.89
N VAL A 81 -1.77 -6.80 -4.14
CA VAL A 81 -0.56 -6.70 -3.35
C VAL A 81 -0.89 -6.70 -1.86
N LYS A 82 -0.35 -7.67 -1.17
CA LYS A 82 -0.52 -7.82 0.27
C LYS A 82 0.74 -7.34 0.96
N VAL A 83 0.66 -6.20 1.63
CA VAL A 83 1.85 -5.57 2.18
C VAL A 83 1.75 -5.44 3.70
N LYS A 84 2.86 -5.64 4.39
CA LYS A 84 2.95 -5.33 5.81
C LYS A 84 3.84 -4.10 5.99
N PHE A 85 3.48 -3.25 6.93
CA PHE A 85 4.27 -2.06 7.23
C PHE A 85 4.17 -1.74 8.71
N ASP A 86 4.95 -0.76 9.10
CA ASP A 86 4.95 -0.23 10.45
C ASP A 86 4.93 1.29 10.35
N VAL A 87 4.54 1.97 11.41
CA VAL A 87 4.60 3.42 11.40
C VAL A 87 5.28 3.91 12.67
N THR A 88 5.96 5.03 12.56
CA THR A 88 6.68 5.58 13.69
C THR A 88 5.74 6.35 14.61
N PRO A 89 6.20 6.77 15.79
CA PRO A 89 5.42 7.63 16.69
C PRO A 89 5.10 8.97 16.04
N ASP A 90 5.69 9.23 14.88
CA ASP A 90 5.40 10.45 14.13
C ASP A 90 4.36 10.19 13.06
N GLY A 91 3.98 8.93 12.92
CA GLY A 91 2.97 8.55 11.95
C GLY A 91 3.56 8.38 10.56
N ARG A 92 4.80 7.94 10.51
CA ARG A 92 5.50 7.76 9.25
C ARG A 92 5.62 6.28 8.91
N VAL A 93 5.26 5.96 7.68
CA VAL A 93 5.25 4.58 7.21
C VAL A 93 6.67 4.08 6.91
N ASP A 94 7.02 2.95 7.50
CA ASP A 94 8.33 2.34 7.33
C ASP A 94 8.20 0.82 7.43
N ASN A 95 9.28 0.10 7.13
CA ASN A 95 9.29 -1.37 7.21
C ASN A 95 8.25 -1.97 6.29
N VAL A 96 8.11 -1.37 5.12
CA VAL A 96 7.14 -1.81 4.14
C VAL A 96 7.68 -2.99 3.34
N GLN A 97 7.04 -4.14 3.51
CA GLN A 97 7.45 -5.35 2.81
C GLN A 97 6.24 -6.00 2.17
N ILE A 98 6.31 -6.19 0.86
CA ILE A 98 5.25 -6.85 0.13
C ILE A 98 5.32 -8.35 0.36
N LEU A 99 4.28 -8.88 0.98
CA LEU A 99 4.23 -10.29 1.36
C LEU A 99 3.82 -11.15 0.17
N SER A 100 2.94 -10.60 -0.65
CA SER A 100 2.41 -11.34 -1.79
C SER A 100 1.91 -10.34 -2.84
N ALA A 101 1.99 -10.70 -4.11
CA ALA A 101 1.51 -9.84 -5.17
C ALA A 101 1.18 -10.66 -6.41
N LYS A 102 0.31 -10.14 -7.26
CA LYS A 102 0.00 -10.79 -8.51
C LYS A 102 1.27 -10.93 -9.37
N PRO A 103 1.87 -9.80 -9.85
CA PRO A 103 3.23 -9.82 -10.39
C PRO A 103 4.25 -9.67 -9.28
N ALA A 104 5.37 -9.04 -9.56
CA ALA A 104 6.36 -8.78 -8.51
C ALA A 104 6.65 -7.27 -8.39
N ASN A 105 7.70 -6.82 -9.04
CA ASN A 105 8.15 -5.43 -8.92
C ASN A 105 7.26 -4.51 -9.76
N MET A 106 6.39 -5.11 -10.56
CA MET A 106 5.45 -4.34 -11.38
C MET A 106 4.53 -3.50 -10.51
N PHE A 107 4.20 -4.01 -9.32
CA PHE A 107 3.32 -3.28 -8.42
C PHE A 107 4.06 -2.79 -7.19
N GLU A 108 4.98 -3.60 -6.66
CA GLU A 108 5.72 -3.26 -5.44
C GLU A 108 6.28 -1.83 -5.51
N ARG A 109 6.68 -1.41 -6.70
CA ARG A 109 7.25 -0.09 -6.91
C ARG A 109 6.25 1.02 -6.52
N GLU A 110 5.08 1.00 -7.13
CA GLU A 110 4.11 2.07 -6.94
C GLU A 110 3.47 1.94 -5.57
N VAL A 111 3.40 0.71 -5.07
CA VAL A 111 2.89 0.49 -3.74
C VAL A 111 3.75 1.22 -2.73
N LYS A 112 5.05 0.88 -2.70
CA LYS A 112 5.97 1.47 -1.73
C LYS A 112 6.05 2.99 -1.87
N ASN A 113 5.99 3.50 -3.10
CA ASN A 113 6.05 4.94 -3.33
C ASN A 113 4.80 5.63 -2.80
N ALA A 114 3.67 4.95 -2.84
CA ALA A 114 2.43 5.50 -2.27
C ALA A 114 2.42 5.33 -0.76
N MET A 115 2.95 4.20 -0.29
CA MET A 115 3.06 3.93 1.15
C MET A 115 3.86 5.03 1.85
N ARG A 116 4.84 5.58 1.16
CA ARG A 116 5.64 6.66 1.72
C ARG A 116 4.83 7.93 1.88
N ARG A 117 3.68 7.97 1.24
CA ARG A 117 2.79 9.12 1.31
C ARG A 117 1.65 8.86 2.28
N TRP A 118 1.49 7.59 2.66
CA TRP A 118 0.51 7.22 3.68
C TRP A 118 0.77 7.98 4.96
N ARG A 119 -0.22 8.74 5.39
CA ARG A 119 -0.07 9.57 6.57
C ARG A 119 -0.91 9.04 7.70
N TYR A 120 -0.24 8.80 8.81
CA TYR A 120 -0.89 8.39 10.04
C TYR A 120 -0.70 9.46 11.10
N GLU A 121 -1.74 9.71 11.88
CA GLU A 121 -1.67 10.68 12.97
C GLU A 121 -0.50 10.39 13.90
N PRO A 122 0.29 11.44 14.17
CA PRO A 122 1.47 11.34 15.01
C PRO A 122 1.10 11.25 16.48
N GLY A 123 1.99 10.67 17.27
CA GLY A 123 1.73 10.48 18.66
C GLY A 123 1.52 9.02 19.00
N LYS A 124 1.44 8.18 17.96
CA LYS A 124 1.25 6.74 18.15
C LYS A 124 1.90 5.94 17.02
N PRO A 125 2.81 5.04 17.38
CA PRO A 125 3.42 4.10 16.42
C PRO A 125 2.54 2.88 16.19
N GLY A 126 2.65 2.29 15.01
CA GLY A 126 1.88 1.11 14.69
C GLY A 126 2.77 -0.02 14.26
N SER A 127 2.57 -1.19 14.83
CA SER A 127 3.44 -2.33 14.56
C SER A 127 2.66 -3.48 13.93
N GLY A 128 3.15 -3.94 12.78
CA GLY A 128 2.57 -5.10 12.13
C GLY A 128 1.22 -4.79 11.52
N ILE A 129 1.22 -3.85 10.58
CA ILE A 129 -0.01 -3.46 9.93
C ILE A 129 -0.05 -4.06 8.53
N VAL A 130 -1.02 -4.91 8.30
CA VAL A 130 -1.15 -5.58 7.02
C VAL A 130 -2.28 -4.97 6.19
N VAL A 131 -1.98 -4.69 4.95
CA VAL A 131 -2.95 -4.15 4.02
C VAL A 131 -2.95 -4.93 2.73
N ASN A 132 -4.09 -4.95 2.07
CA ASN A 132 -4.23 -5.65 0.81
C ASN A 132 -4.77 -4.68 -0.23
N ILE A 133 -4.00 -4.43 -1.28
CA ILE A 133 -4.46 -3.51 -2.30
C ILE A 133 -4.99 -4.25 -3.52
N LEU A 134 -6.25 -4.02 -3.81
CA LEU A 134 -6.92 -4.59 -4.96
C LEU A 134 -6.93 -3.59 -6.11
N PHE A 135 -6.00 -3.76 -7.03
CA PHE A 135 -6.00 -2.97 -8.25
C PHE A 135 -6.90 -3.63 -9.28
N LYS A 136 -8.18 -3.33 -9.19
CA LYS A 136 -9.19 -3.96 -10.04
C LYS A 136 -8.98 -3.58 -11.49
N ILE A 137 -9.20 -4.54 -12.38
CA ILE A 137 -9.01 -4.33 -13.81
C ILE A 137 -10.06 -3.38 -14.36
N ASN A 138 -11.10 -3.13 -13.56
CA ASN A 138 -12.15 -2.18 -13.92
C ASN A 138 -11.66 -0.74 -13.73
N GLY A 139 -10.49 -0.59 -13.12
CA GLY A 139 -9.90 0.72 -12.97
C GLY A 139 -10.01 1.26 -11.56
N THR A 140 -10.61 0.50 -10.67
CA THR A 140 -10.75 0.93 -9.28
C THR A 140 -9.64 0.34 -8.43
N THR A 141 -9.36 0.95 -7.31
CA THR A 141 -8.28 0.52 -6.44
C THR A 141 -8.76 0.46 -4.99
N GLU A 142 -8.44 -0.61 -4.31
CA GLU A 142 -8.96 -0.86 -2.97
C GLU A 142 -7.85 -1.18 -2.00
N ILE A 143 -8.09 -0.87 -0.75
CA ILE A 143 -7.15 -1.21 0.30
C ILE A 143 -7.90 -1.84 1.47
N GLN A 144 -7.44 -3.02 1.87
CA GLN A 144 -8.03 -3.71 3.00
C GLN A 144 -7.30 -3.33 4.27
N SER A 56 -9.06 3.46 17.59
CA SER A 56 -9.02 1.98 17.69
C SER A 56 -8.04 1.41 16.66
N GLY A 57 -6.85 1.03 17.11
CA GLY A 57 -5.85 0.53 16.20
C GLY A 57 -5.13 1.66 15.48
N PRO A 58 -4.22 1.33 14.57
CA PRO A 58 -3.54 2.34 13.79
C PRO A 58 -4.46 2.91 12.71
N ARG A 59 -4.32 4.20 12.45
CA ARG A 59 -5.13 4.84 11.43
C ARG A 59 -4.25 5.70 10.56
N ALA A 60 -4.19 5.35 9.30
CA ALA A 60 -3.45 6.13 8.34
C ALA A 60 -4.28 7.33 7.91
N LEU A 61 -3.89 8.49 8.40
CA LEU A 61 -4.55 9.74 8.15
C LEU A 61 -4.76 9.99 6.67
N SER A 62 -3.79 9.56 5.88
CA SER A 62 -3.88 9.67 4.43
C SER A 62 -3.32 8.42 3.79
N ARG A 63 -4.12 7.37 3.73
CA ARG A 63 -3.73 6.14 3.06
C ARG A 63 -4.04 6.22 1.57
N ASN A 64 -3.33 7.11 0.90
CA ASN A 64 -3.53 7.38 -0.52
C ASN A 64 -3.27 6.15 -1.34
N GLN A 65 -4.24 5.81 -2.16
CA GLN A 65 -4.18 4.62 -2.97
C GLN A 65 -3.13 4.78 -4.06
N PRO A 66 -2.24 3.79 -4.17
CA PRO A 66 -1.19 3.75 -5.19
C PRO A 66 -1.79 3.72 -6.60
N GLN A 67 -0.99 4.06 -7.58
CA GLN A 67 -1.45 4.14 -8.96
C GLN A 67 -1.37 2.78 -9.62
N TYR A 68 -2.46 2.35 -10.25
CA TYR A 68 -2.44 1.11 -11.01
C TYR A 68 -1.50 1.27 -12.19
N PRO A 69 -0.67 0.25 -12.46
CA PRO A 69 0.39 0.33 -13.43
C PRO A 69 -0.11 0.13 -14.85
N ALA A 70 0.20 1.08 -15.73
CA ALA A 70 -0.17 1.00 -17.13
C ALA A 70 0.43 -0.25 -17.78
N ARG A 71 1.57 -0.66 -17.23
CA ARG A 71 2.24 -1.87 -17.70
C ARG A 71 1.42 -3.12 -17.36
N ALA A 72 0.70 -3.09 -16.25
CA ALA A 72 -0.12 -4.23 -15.83
C ALA A 72 -1.47 -4.21 -16.52
N GLN A 73 -2.05 -3.02 -16.64
CA GLN A 73 -3.38 -2.86 -17.23
C GLN A 73 -3.36 -3.27 -18.70
N ALA A 74 -2.22 -3.03 -19.35
CA ALA A 74 -2.05 -3.40 -20.75
C ALA A 74 -1.88 -4.90 -20.87
N LEU A 75 -1.55 -5.53 -19.76
CA LEU A 75 -1.36 -6.97 -19.69
C LEU A 75 -2.59 -7.66 -19.14
N ARG A 76 -3.61 -6.84 -18.87
CA ARG A 76 -4.90 -7.30 -18.37
C ARG A 76 -4.75 -7.97 -17.01
N ILE A 77 -3.97 -7.35 -16.14
CA ILE A 77 -3.77 -7.87 -14.79
C ILE A 77 -4.49 -7.02 -13.76
N GLU A 78 -4.77 -7.62 -12.62
CA GLU A 78 -5.26 -6.90 -11.46
C GLU A 78 -4.35 -7.17 -10.28
N GLY A 79 -3.78 -6.12 -9.75
CA GLY A 79 -2.78 -6.28 -8.73
C GLY A 79 -3.36 -6.26 -7.35
N GLN A 80 -3.54 -7.42 -6.79
CA GLN A 80 -3.92 -7.50 -5.39
C GLN A 80 -2.65 -7.66 -4.56
N VAL A 81 -2.23 -6.57 -3.95
CA VAL A 81 -1.00 -6.57 -3.22
C VAL A 81 -1.27 -6.54 -1.72
N LYS A 82 -0.47 -7.27 -0.98
CA LYS A 82 -0.57 -7.31 0.45
C LYS A 82 0.74 -6.84 1.04
N VAL A 83 0.72 -5.65 1.62
CA VAL A 83 1.93 -5.01 2.09
C VAL A 83 1.95 -4.91 3.61
N LYS A 84 3.12 -5.09 4.18
CA LYS A 84 3.33 -4.84 5.59
C LYS A 84 4.19 -3.60 5.78
N PHE A 85 3.75 -2.73 6.66
CA PHE A 85 4.52 -1.56 7.04
C PHE A 85 4.43 -1.36 8.53
N ASP A 86 5.21 -0.43 9.01
CA ASP A 86 5.22 -0.06 10.42
C ASP A 86 5.14 1.44 10.51
N VAL A 87 4.66 1.97 11.61
CA VAL A 87 4.68 3.41 11.81
C VAL A 87 5.22 3.73 13.19
N THR A 88 5.83 4.89 13.29
CA THR A 88 6.43 5.36 14.53
C THR A 88 5.39 6.01 15.41
N PRO A 89 5.73 6.25 16.69
CA PRO A 89 4.85 6.96 17.63
C PRO A 89 4.64 8.42 17.22
N ASP A 90 5.20 8.81 16.08
CA ASP A 90 4.97 10.13 15.51
C ASP A 90 4.37 10.03 14.10
N GLY A 91 4.01 8.81 13.73
CA GLY A 91 3.22 8.59 12.52
C GLY A 91 4.04 8.61 11.25
N ARG A 92 5.11 7.83 11.21
CA ARG A 92 5.91 7.71 10.01
C ARG A 92 5.85 6.31 9.47
N VAL A 93 5.52 6.20 8.20
CA VAL A 93 5.49 4.92 7.52
C VAL A 93 6.90 4.45 7.22
N ASP A 94 7.24 3.27 7.74
CA ASP A 94 8.59 2.73 7.62
C ASP A 94 8.52 1.21 7.55
N ASN A 95 9.61 0.58 7.11
CA ASN A 95 9.71 -0.88 7.01
C ASN A 95 8.68 -1.44 6.04
N VAL A 96 8.42 -0.71 4.99
CA VAL A 96 7.42 -1.10 4.01
C VAL A 96 7.93 -2.22 3.13
N GLN A 97 7.29 -3.37 3.25
CA GLN A 97 7.64 -4.53 2.45
C GLN A 97 6.39 -5.19 1.91
N ILE A 98 6.33 -5.34 0.60
CA ILE A 98 5.26 -6.06 -0.05
C ILE A 98 5.42 -7.56 0.24
N LEU A 99 4.48 -8.10 0.99
CA LEU A 99 4.54 -9.49 1.38
C LEU A 99 4.27 -10.39 0.18
N SER A 100 3.37 -9.92 -0.68
CA SER A 100 3.03 -10.63 -1.90
C SER A 100 2.05 -9.81 -2.71
N ALA A 101 2.01 -10.07 -4.01
CA ALA A 101 1.06 -9.45 -4.91
C ALA A 101 0.73 -10.44 -6.01
N LYS A 102 -0.26 -10.15 -6.85
CA LYS A 102 -0.59 -11.09 -7.92
C LYS A 102 0.62 -11.28 -8.85
N PRO A 103 1.16 -10.19 -9.45
CA PRO A 103 2.50 -10.22 -10.05
C PRO A 103 3.55 -9.85 -9.00
N ALA A 104 4.82 -9.92 -9.37
CA ALA A 104 5.89 -9.63 -8.42
C ALA A 104 6.30 -8.15 -8.47
N ASN A 105 7.30 -7.83 -9.27
CA ASN A 105 7.87 -6.48 -9.30
C ASN A 105 7.00 -5.53 -10.12
N MET A 106 5.86 -6.01 -10.57
CA MET A 106 4.98 -5.22 -11.42
C MET A 106 4.23 -4.16 -10.62
N PHE A 107 3.95 -4.45 -9.35
CA PHE A 107 3.15 -3.55 -8.54
C PHE A 107 3.92 -2.88 -7.40
N GLU A 108 4.92 -3.57 -6.87
CA GLU A 108 5.65 -3.10 -5.68
C GLU A 108 6.11 -1.64 -5.82
N ARG A 109 6.53 -1.25 -7.02
CA ARG A 109 7.05 0.09 -7.26
C ARG A 109 6.01 1.16 -6.95
N GLU A 110 4.82 1.03 -7.55
CA GLU A 110 3.81 2.06 -7.44
C GLU A 110 3.20 2.06 -6.05
N VAL A 111 3.20 0.88 -5.42
CA VAL A 111 2.75 0.77 -4.04
C VAL A 111 3.64 1.60 -3.13
N LYS A 112 4.95 1.32 -3.19
CA LYS A 112 5.93 2.03 -2.40
C LYS A 112 5.86 3.54 -2.61
N ASN A 113 5.70 3.96 -3.87
CA ASN A 113 5.58 5.37 -4.19
C ASN A 113 4.45 6.04 -3.40
N ALA A 114 3.35 5.32 -3.25
CA ALA A 114 2.22 5.83 -2.48
C ALA A 114 2.50 5.71 -0.99
N MET A 115 3.04 4.58 -0.57
CA MET A 115 3.35 4.33 0.85
C MET A 115 4.30 5.39 1.41
N ARG A 116 5.15 5.95 0.55
CA ARG A 116 6.08 7.00 0.95
C ARG A 116 5.33 8.27 1.30
N ARG A 117 4.10 8.38 0.83
CA ARG A 117 3.30 9.57 1.04
C ARG A 117 2.26 9.34 2.13
N TRP A 118 2.05 8.08 2.52
CA TRP A 118 1.09 7.75 3.57
C TRP A 118 1.35 8.52 4.85
N ARG A 119 0.35 9.29 5.25
CA ARG A 119 0.38 9.97 6.53
C ARG A 119 -0.37 9.15 7.57
N TYR A 120 0.16 9.12 8.77
CA TYR A 120 -0.46 8.42 9.88
C TYR A 120 -0.52 9.36 11.07
N GLU A 121 -1.55 9.20 11.89
CA GLU A 121 -1.77 10.09 13.04
C GLU A 121 -0.70 9.89 14.11
N PRO A 122 0.05 10.94 14.39
CA PRO A 122 1.17 10.90 15.32
C PRO A 122 0.71 10.68 16.74
N GLY A 123 1.49 9.94 17.50
CA GLY A 123 1.12 9.57 18.84
C GLY A 123 0.80 8.10 18.95
N LYS A 124 0.75 7.42 17.81
CA LYS A 124 0.48 5.99 17.79
C LYS A 124 1.52 5.26 16.94
N PRO A 125 2.28 4.35 17.52
CA PRO A 125 3.15 3.45 16.78
C PRO A 125 2.41 2.16 16.39
N GLY A 126 2.58 1.71 15.16
CA GLY A 126 1.94 0.49 14.72
C GLY A 126 2.93 -0.50 14.16
N SER A 127 3.06 -1.64 14.81
CA SER A 127 3.98 -2.66 14.38
C SER A 127 3.25 -3.80 13.68
N GLY A 128 3.67 -4.08 12.45
CA GLY A 128 3.10 -5.18 11.70
C GLY A 128 1.76 -4.82 11.11
N ILE A 129 1.72 -3.74 10.36
CA ILE A 129 0.47 -3.28 9.78
C ILE A 129 0.35 -3.82 8.37
N VAL A 130 -0.61 -4.69 8.15
CA VAL A 130 -0.81 -5.28 6.85
C VAL A 130 -1.99 -4.66 6.14
N VAL A 131 -1.78 -4.29 4.89
CA VAL A 131 -2.84 -3.71 4.08
C VAL A 131 -2.96 -4.43 2.74
N ASN A 132 -4.18 -4.49 2.25
CA ASN A 132 -4.44 -5.15 0.98
C ASN A 132 -4.87 -4.11 -0.04
N ILE A 133 -4.08 -3.91 -1.08
CA ILE A 133 -4.45 -2.99 -2.13
C ILE A 133 -4.93 -3.75 -3.34
N LEU A 134 -6.18 -3.53 -3.72
CA LEU A 134 -6.76 -4.21 -4.85
C LEU A 134 -6.76 -3.28 -6.06
N PHE A 135 -5.78 -3.46 -6.92
CA PHE A 135 -5.74 -2.75 -8.19
C PHE A 135 -6.50 -3.56 -9.21
N LYS A 136 -7.81 -3.38 -9.23
CA LYS A 136 -8.67 -4.22 -10.05
C LYS A 136 -8.42 -4.01 -11.54
N ILE A 137 -8.60 -5.09 -12.29
CA ILE A 137 -8.26 -5.18 -13.70
C ILE A 137 -8.89 -4.06 -14.55
N ASN A 138 -9.96 -3.46 -14.04
CA ASN A 138 -10.64 -2.40 -14.77
C ASN A 138 -9.91 -1.06 -14.57
N GLY A 139 -9.09 -0.97 -13.53
CA GLY A 139 -8.33 0.24 -13.28
C GLY A 139 -8.72 0.95 -12.01
N THR A 140 -9.28 0.22 -11.06
CA THR A 140 -9.68 0.82 -9.78
C THR A 140 -8.71 0.41 -8.67
N THR A 141 -8.82 1.09 -7.53
CA THR A 141 -7.92 0.83 -6.41
C THR A 141 -8.68 0.82 -5.08
N GLU A 142 -8.31 -0.10 -4.20
CA GLU A 142 -8.93 -0.23 -2.89
C GLU A 142 -7.89 -0.65 -1.86
N ILE A 143 -7.96 -0.10 -0.66
CA ILE A 143 -7.05 -0.52 0.41
C ILE A 143 -7.83 -1.09 1.58
N GLN A 144 -7.42 -2.26 2.02
CA GLN A 144 -8.03 -2.94 3.14
C GLN A 144 -7.06 -2.93 4.32
N SER A 56 -6.70 1.43 19.93
CA SER A 56 -6.84 0.75 18.62
C SER A 56 -5.64 1.05 17.73
N GLY A 57 -4.74 1.91 18.20
CA GLY A 57 -3.57 2.24 17.44
C GLY A 57 -3.67 3.60 16.79
N PRO A 58 -2.75 3.94 15.88
CA PRO A 58 -2.79 5.23 15.16
C PRO A 58 -3.93 5.29 14.15
N ARG A 59 -4.50 6.46 13.98
CA ARG A 59 -5.59 6.65 13.03
C ARG A 59 -5.03 7.19 11.73
N ALA A 60 -5.62 6.79 10.61
CA ALA A 60 -5.07 7.12 9.31
C ALA A 60 -5.60 8.46 8.79
N LEU A 61 -4.67 9.30 8.38
CA LEU A 61 -4.98 10.60 7.82
C LEU A 61 -4.95 10.51 6.31
N SER A 62 -3.94 9.82 5.80
CA SER A 62 -3.73 9.66 4.39
C SER A 62 -3.57 8.19 4.04
N ARG A 63 -4.62 7.58 3.51
CA ARG A 63 -4.55 6.22 3.00
C ARG A 63 -4.70 6.26 1.50
N ASN A 64 -3.86 7.08 0.87
CA ASN A 64 -3.90 7.30 -0.56
C ASN A 64 -3.57 6.02 -1.31
N GLN A 65 -4.37 5.76 -2.32
CA GLN A 65 -4.28 4.54 -3.09
C GLN A 65 -3.22 4.70 -4.17
N PRO A 66 -2.35 3.68 -4.32
CA PRO A 66 -1.29 3.69 -5.33
C PRO A 66 -1.85 3.78 -6.75
N GLN A 67 -1.01 4.17 -7.69
CA GLN A 67 -1.44 4.37 -9.05
C GLN A 67 -1.29 3.10 -9.87
N TYR A 68 -2.31 2.80 -10.67
CA TYR A 68 -2.34 1.61 -11.50
C TYR A 68 -1.36 1.71 -12.67
N PRO A 69 -0.71 0.59 -13.03
CA PRO A 69 0.26 0.53 -14.12
C PRO A 69 -0.41 0.13 -15.44
N ALA A 70 -0.21 0.96 -16.46
CA ALA A 70 -0.82 0.70 -17.76
C ALA A 70 -0.22 -0.53 -18.44
N ARG A 71 0.96 -0.95 -17.99
CA ARG A 71 1.57 -2.15 -18.54
C ARG A 71 0.86 -3.39 -18.00
N ALA A 72 0.45 -3.34 -16.74
CA ALA A 72 -0.20 -4.49 -16.10
C ALA A 72 -1.61 -4.68 -16.64
N GLN A 73 -2.29 -3.56 -16.90
CA GLN A 73 -3.66 -3.60 -17.41
C GLN A 73 -3.67 -4.15 -18.83
N ALA A 74 -2.61 -3.88 -19.56
CA ALA A 74 -2.46 -4.37 -20.92
C ALA A 74 -2.17 -5.85 -20.90
N LEU A 75 -1.64 -6.30 -19.77
CA LEU A 75 -1.36 -7.71 -19.54
C LEU A 75 -2.56 -8.39 -18.90
N ARG A 76 -3.61 -7.59 -18.72
CA ARG A 76 -4.87 -8.05 -18.14
C ARG A 76 -4.67 -8.58 -16.73
N ILE A 77 -3.79 -7.94 -15.99
CA ILE A 77 -3.53 -8.35 -14.61
C ILE A 77 -4.34 -7.51 -13.64
N GLU A 78 -4.58 -8.06 -12.47
CA GLU A 78 -5.20 -7.31 -11.40
C GLU A 78 -4.27 -7.39 -10.19
N GLY A 79 -3.74 -6.25 -9.79
CA GLY A 79 -2.73 -6.24 -8.76
C GLY A 79 -3.29 -6.38 -7.37
N GLN A 80 -3.15 -7.56 -6.83
CA GLN A 80 -3.47 -7.78 -5.43
C GLN A 80 -2.18 -7.83 -4.63
N VAL A 81 -1.90 -6.75 -3.92
CA VAL A 81 -0.68 -6.65 -3.14
C VAL A 81 -0.99 -6.62 -1.65
N LYS A 82 -0.33 -7.50 -0.92
CA LYS A 82 -0.47 -7.59 0.53
C LYS A 82 0.82 -7.10 1.17
N VAL A 83 0.76 -5.94 1.81
CA VAL A 83 1.95 -5.29 2.33
C VAL A 83 1.90 -5.20 3.86
N LYS A 84 3.07 -5.32 4.48
CA LYS A 84 3.19 -5.03 5.90
C LYS A 84 4.13 -3.85 6.10
N PHE A 85 3.72 -2.93 6.95
CA PHE A 85 4.51 -1.75 7.25
C PHE A 85 4.41 -1.40 8.72
N ASP A 86 5.18 -0.42 9.12
CA ASP A 86 5.13 0.12 10.47
C ASP A 86 5.04 1.63 10.39
N VAL A 87 4.49 2.25 11.41
CA VAL A 87 4.49 3.71 11.48
C VAL A 87 5.08 4.12 12.81
N THR A 88 5.72 5.28 12.85
CA THR A 88 6.42 5.72 14.04
C THR A 88 5.48 6.46 14.98
N PRO A 89 6.00 6.82 16.17
CA PRO A 89 5.29 7.63 17.14
C PRO A 89 5.04 9.05 16.64
N ASP A 90 5.62 9.40 15.49
CA ASP A 90 5.35 10.71 14.89
C ASP A 90 4.48 10.58 13.65
N GLY A 91 4.12 9.34 13.32
CA GLY A 91 3.12 9.10 12.30
C GLY A 91 3.70 9.07 10.90
N ARG A 92 4.79 8.34 10.71
CA ARG A 92 5.36 8.16 9.39
C ARG A 92 5.59 6.69 9.10
N VAL A 93 5.42 6.33 7.84
CA VAL A 93 5.46 4.94 7.40
C VAL A 93 6.88 4.50 7.06
N ASP A 94 7.25 3.32 7.55
CA ASP A 94 8.54 2.72 7.23
C ASP A 94 8.46 1.20 7.46
N ASN A 95 9.53 0.49 7.08
CA ASN A 95 9.59 -0.98 7.20
C ASN A 95 8.60 -1.61 6.24
N VAL A 96 8.39 -0.94 5.12
CA VAL A 96 7.44 -1.38 4.13
C VAL A 96 7.96 -2.56 3.34
N GLN A 97 7.26 -3.67 3.47
CA GLN A 97 7.60 -4.87 2.73
C GLN A 97 6.35 -5.55 2.20
N ILE A 98 6.30 -5.68 0.89
CA ILE A 98 5.22 -6.39 0.25
C ILE A 98 5.37 -7.88 0.51
N LEU A 99 4.44 -8.42 1.28
CA LEU A 99 4.48 -9.80 1.72
C LEU A 99 4.18 -10.73 0.56
N SER A 100 3.31 -10.28 -0.32
CA SER A 100 2.89 -11.05 -1.47
C SER A 100 2.16 -10.15 -2.45
N ALA A 101 2.35 -10.39 -3.73
CA ALA A 101 1.67 -9.65 -4.76
C ALA A 101 1.33 -10.57 -5.92
N LYS A 102 0.41 -10.18 -6.77
CA LYS A 102 0.05 -11.01 -7.92
C LYS A 102 1.28 -11.14 -8.84
N PRO A 103 1.75 -10.04 -9.49
CA PRO A 103 3.08 -10.01 -10.10
C PRO A 103 4.17 -9.74 -9.05
N ALA A 104 5.29 -9.22 -9.49
CA ALA A 104 6.38 -8.88 -8.60
C ALA A 104 6.70 -7.39 -8.65
N ASN A 105 7.51 -7.00 -9.63
CA ASN A 105 8.00 -5.64 -9.74
C ASN A 105 6.91 -4.72 -10.29
N MET A 106 5.86 -5.32 -10.84
CA MET A 106 4.83 -4.56 -11.54
C MET A 106 4.07 -3.61 -10.62
N PHE A 107 3.76 -4.03 -9.41
CA PHE A 107 2.92 -3.22 -8.53
C PHE A 107 3.67 -2.64 -7.34
N GLU A 108 4.66 -3.36 -6.82
CA GLU A 108 5.38 -2.94 -5.62
C GLU A 108 5.88 -1.50 -5.73
N ARG A 109 6.23 -1.07 -6.94
CA ARG A 109 6.78 0.26 -7.16
C ARG A 109 5.81 1.34 -6.71
N GLU A 110 4.59 1.26 -7.22
CA GLU A 110 3.60 2.31 -6.97
C GLU A 110 3.01 2.16 -5.59
N VAL A 111 3.01 0.93 -5.08
CA VAL A 111 2.50 0.68 -3.74
C VAL A 111 3.37 1.41 -2.72
N LYS A 112 4.67 1.13 -2.77
CA LYS A 112 5.61 1.76 -1.85
C LYS A 112 5.54 3.29 -1.95
N ASN A 113 5.45 3.80 -3.17
CA ASN A 113 5.42 5.24 -3.37
C ASN A 113 4.15 5.87 -2.80
N ALA A 114 3.08 5.09 -2.75
CA ALA A 114 1.85 5.54 -2.12
C ALA A 114 2.00 5.54 -0.61
N MET A 115 2.58 4.46 -0.10
CA MET A 115 2.78 4.28 1.33
C MET A 115 3.76 5.31 1.89
N ARG A 116 4.60 5.86 1.02
CA ARG A 116 5.50 6.94 1.41
C ARG A 116 4.72 8.24 1.65
N ARG A 117 3.49 8.26 1.15
CA ARG A 117 2.60 9.41 1.35
C ARG A 117 1.58 9.13 2.44
N TRP A 118 1.49 7.86 2.86
CA TRP A 118 0.59 7.49 3.96
C TRP A 118 0.94 8.23 5.24
N ARG A 119 -0.10 8.69 5.93
CA ARG A 119 0.06 9.47 7.15
C ARG A 119 -0.88 9.00 8.24
N TYR A 120 -0.36 8.87 9.45
CA TYR A 120 -1.16 8.50 10.61
C TYR A 120 -0.96 9.53 11.71
N GLU A 121 -2.00 9.68 12.54
CA GLU A 121 -1.95 10.57 13.70
C GLU A 121 -0.74 10.30 14.58
N PRO A 122 0.14 11.31 14.72
CA PRO A 122 1.31 11.25 15.59
C PRO A 122 0.93 11.02 17.05
N GLY A 123 1.84 10.39 17.78
CA GLY A 123 1.60 10.08 19.17
C GLY A 123 1.33 8.61 19.36
N LYS A 124 1.18 7.88 18.26
CA LYS A 124 0.97 6.44 18.31
C LYS A 124 1.66 5.72 17.16
N PRO A 125 2.64 4.88 17.49
CA PRO A 125 3.31 4.02 16.52
C PRO A 125 2.49 2.76 16.22
N GLY A 126 2.53 2.34 14.97
CA GLY A 126 1.85 1.13 14.58
C GLY A 126 2.83 0.07 14.14
N SER A 127 2.65 -1.14 14.62
CA SER A 127 3.60 -2.20 14.37
C SER A 127 2.93 -3.41 13.74
N GLY A 128 3.42 -3.81 12.58
CA GLY A 128 2.91 -4.99 11.92
C GLY A 128 1.55 -4.76 11.30
N ILE A 129 1.45 -3.69 10.54
CA ILE A 129 0.19 -3.34 9.90
C ILE A 129 0.10 -4.00 8.54
N VAL A 130 -0.87 -4.88 8.37
CA VAL A 130 -1.05 -5.59 7.12
C VAL A 130 -2.18 -4.99 6.32
N VAL A 131 -1.87 -4.63 5.09
CA VAL A 131 -2.86 -4.06 4.19
C VAL A 131 -2.89 -4.80 2.88
N ASN A 132 -4.04 -4.78 2.23
CA ASN A 132 -4.20 -5.42 0.95
C ASN A 132 -4.75 -4.43 -0.05
N ILE A 133 -4.03 -4.20 -1.14
CA ILE A 133 -4.51 -3.29 -2.16
C ILE A 133 -4.96 -4.05 -3.38
N LEU A 134 -6.19 -3.80 -3.79
CA LEU A 134 -6.81 -4.45 -4.93
C LEU A 134 -6.86 -3.50 -6.11
N PHE A 135 -5.93 -3.69 -7.03
CA PHE A 135 -5.95 -2.96 -8.29
C PHE A 135 -6.71 -3.79 -9.31
N LYS A 136 -7.95 -3.41 -9.59
CA LYS A 136 -8.78 -4.17 -10.51
C LYS A 136 -8.24 -4.05 -11.93
N ILE A 137 -8.64 -4.94 -12.82
CA ILE A 137 -8.09 -4.97 -14.17
C ILE A 137 -8.21 -3.61 -14.88
N ASN A 138 -9.27 -2.87 -14.56
CA ASN A 138 -9.49 -1.55 -15.16
C ASN A 138 -8.48 -0.54 -14.63
N GLY A 139 -7.98 -0.78 -13.43
CA GLY A 139 -7.05 0.12 -12.82
C GLY A 139 -7.60 0.79 -11.58
N THR A 140 -8.79 0.41 -11.16
CA THR A 140 -9.37 0.96 -9.95
C THR A 140 -8.66 0.37 -8.73
N THR A 141 -8.83 1.00 -7.59
CA THR A 141 -8.04 0.65 -6.42
C THR A 141 -8.89 0.51 -5.16
N GLU A 142 -8.47 -0.40 -4.28
CA GLU A 142 -9.12 -0.61 -3.00
C GLU A 142 -8.07 -0.99 -1.96
N ILE A 143 -8.21 -0.49 -0.75
CA ILE A 143 -7.29 -0.85 0.33
C ILE A 143 -8.03 -1.49 1.48
N GLN A 144 -7.52 -2.63 1.94
CA GLN A 144 -8.12 -3.35 3.05
C GLN A 144 -7.51 -2.90 4.37
N SER A 56 -7.44 1.59 18.99
CA SER A 56 -7.41 2.71 18.01
C SER A 56 -6.22 2.56 17.09
N GLY A 57 -5.01 2.63 17.65
CA GLY A 57 -3.81 2.50 16.84
C GLY A 57 -3.50 3.77 16.07
N PRO A 58 -2.54 3.73 15.14
CA PRO A 58 -2.22 4.87 14.30
C PRO A 58 -3.38 5.22 13.35
N ARG A 59 -3.87 6.43 13.48
CA ARG A 59 -5.02 6.88 12.68
C ARG A 59 -4.56 7.35 11.31
N ALA A 60 -5.31 7.01 10.28
CA ALA A 60 -4.89 7.28 8.91
C ALA A 60 -5.56 8.53 8.35
N LEU A 61 -4.77 9.59 8.22
CA LEU A 61 -5.22 10.82 7.59
C LEU A 61 -5.19 10.69 6.07
N SER A 62 -4.12 10.09 5.58
CA SER A 62 -3.97 9.86 4.16
C SER A 62 -3.61 8.41 3.90
N ARG A 63 -4.57 7.67 3.35
CA ARG A 63 -4.34 6.30 2.93
C ARG A 63 -4.59 6.24 1.43
N ASN A 64 -3.83 7.06 0.71
CA ASN A 64 -4.01 7.25 -0.72
C ASN A 64 -3.70 5.98 -1.50
N GLN A 65 -4.35 5.86 -2.64
CA GLN A 65 -4.23 4.70 -3.50
C GLN A 65 -2.96 4.81 -4.34
N PRO A 66 -2.14 3.75 -4.34
CA PRO A 66 -0.96 3.68 -5.19
C PRO A 66 -1.33 3.75 -6.66
N GLN A 67 -0.41 4.20 -7.49
CA GLN A 67 -0.70 4.49 -8.88
C GLN A 67 -0.52 3.24 -9.76
N TYR A 68 -1.63 2.73 -10.29
CA TYR A 68 -1.61 1.54 -11.14
C TYR A 68 -0.98 1.86 -12.49
N PRO A 69 -0.20 0.91 -13.04
CA PRO A 69 0.53 1.07 -14.28
C PRO A 69 -0.22 0.54 -15.50
N ALA A 70 -0.20 1.32 -16.58
CA ALA A 70 -0.86 0.94 -17.83
C ALA A 70 -0.20 -0.28 -18.45
N ARG A 71 1.07 -0.48 -18.14
CA ARG A 71 1.83 -1.64 -18.62
C ARG A 71 1.22 -2.94 -18.07
N ALA A 72 0.65 -2.88 -16.89
CA ALA A 72 -0.01 -4.05 -16.31
C ALA A 72 -1.41 -4.18 -16.88
N GLN A 73 -1.98 -3.05 -17.28
CA GLN A 73 -3.32 -3.02 -17.86
C GLN A 73 -3.31 -3.60 -19.26
N ALA A 74 -2.19 -3.44 -19.96
CA ALA A 74 -2.01 -4.03 -21.28
C ALA A 74 -1.93 -5.54 -21.16
N LEU A 75 -1.48 -5.99 -20.01
CA LEU A 75 -1.39 -7.41 -19.69
C LEU A 75 -2.69 -7.91 -19.06
N ARG A 76 -3.60 -6.96 -18.89
CA ARG A 76 -4.90 -7.20 -18.24
C ARG A 76 -4.72 -7.77 -16.86
N ILE A 77 -3.72 -7.29 -16.16
CA ILE A 77 -3.46 -7.73 -14.81
C ILE A 77 -4.18 -6.83 -13.80
N GLU A 78 -4.52 -7.42 -12.68
CA GLU A 78 -5.12 -6.69 -11.57
C GLU A 78 -4.25 -6.86 -10.36
N GLY A 79 -3.70 -5.77 -9.87
CA GLY A 79 -2.70 -5.85 -8.83
C GLY A 79 -3.30 -6.12 -7.47
N GLN A 80 -3.21 -7.35 -7.03
CA GLN A 80 -3.60 -7.68 -5.69
C GLN A 80 -2.35 -7.75 -4.83
N VAL A 81 -2.12 -6.71 -4.04
CA VAL A 81 -0.94 -6.65 -3.22
C VAL A 81 -1.33 -6.74 -1.74
N LYS A 82 -0.58 -7.53 -1.00
CA LYS A 82 -0.78 -7.65 0.44
C LYS A 82 0.54 -7.33 1.14
N VAL A 83 0.57 -6.18 1.79
CA VAL A 83 1.80 -5.64 2.34
C VAL A 83 1.76 -5.57 3.86
N LYS A 84 2.91 -5.78 4.48
CA LYS A 84 3.07 -5.50 5.91
C LYS A 84 4.00 -4.31 6.09
N PHE A 85 3.54 -3.31 6.80
CA PHE A 85 4.34 -2.13 7.06
C PHE A 85 4.36 -1.81 8.53
N ASP A 86 5.14 -0.81 8.86
CA ASP A 86 5.27 -0.32 10.22
C ASP A 86 5.28 1.18 10.19
N VAL A 87 4.85 1.79 11.26
CA VAL A 87 4.81 3.24 11.33
C VAL A 87 5.46 3.71 12.61
N THR A 88 6.08 4.86 12.56
CA THR A 88 6.74 5.41 13.72
C THR A 88 5.73 6.12 14.61
N PRO A 89 6.17 6.63 15.77
CA PRO A 89 5.32 7.44 16.63
C PRO A 89 4.75 8.61 15.85
N ASP A 90 5.55 9.16 14.94
CA ASP A 90 5.12 10.31 14.14
C ASP A 90 4.24 9.90 12.97
N GLY A 91 3.91 8.61 12.90
CA GLY A 91 2.99 8.13 11.90
C GLY A 91 3.61 8.03 10.53
N ARG A 92 4.90 7.74 10.49
CA ARG A 92 5.60 7.60 9.24
C ARG A 92 5.68 6.15 8.82
N VAL A 93 5.25 5.90 7.60
CA VAL A 93 5.20 4.56 7.04
C VAL A 93 6.57 4.10 6.57
N ASP A 94 7.06 3.05 7.20
CA ASP A 94 8.39 2.53 6.94
C ASP A 94 8.40 1.03 7.22
N ASN A 95 9.52 0.38 6.93
CA ASN A 95 9.67 -1.05 7.23
C ASN A 95 8.68 -1.87 6.40
N VAL A 96 8.33 -1.31 5.25
CA VAL A 96 7.37 -1.92 4.35
C VAL A 96 7.94 -3.15 3.65
N GLN A 97 7.27 -4.27 3.83
CA GLN A 97 7.62 -5.50 3.15
C GLN A 97 6.40 -6.14 2.53
N ILE A 98 6.40 -6.19 1.21
CA ILE A 98 5.31 -6.80 0.48
C ILE A 98 5.32 -8.31 0.67
N LEU A 99 4.22 -8.82 1.22
CA LEU A 99 4.11 -10.23 1.56
C LEU A 99 3.79 -11.04 0.32
N SER A 100 2.89 -10.51 -0.50
CA SER A 100 2.47 -11.16 -1.72
C SER A 100 1.85 -10.13 -2.67
N ALA A 101 2.02 -10.34 -3.96
CA ALA A 101 1.40 -9.50 -4.96
C ALA A 101 1.12 -10.31 -6.21
N LYS A 102 0.17 -9.88 -7.04
CA LYS A 102 -0.13 -10.59 -8.27
C LYS A 102 1.15 -10.71 -9.13
N PRO A 103 1.74 -9.59 -9.61
CA PRO A 103 3.08 -9.58 -10.18
C PRO A 103 4.13 -9.32 -9.09
N ALA A 104 5.31 -8.88 -9.48
CA ALA A 104 6.34 -8.55 -8.50
C ALA A 104 6.49 -7.03 -8.37
N ASN A 105 7.57 -6.49 -8.94
CA ASN A 105 7.87 -5.05 -8.82
C ASN A 105 6.89 -4.21 -9.62
N MET A 106 6.09 -4.87 -10.45
CA MET A 106 5.11 -4.20 -11.31
C MET A 106 4.19 -3.29 -10.50
N PHE A 107 3.78 -3.78 -9.33
CA PHE A 107 2.96 -2.97 -8.44
C PHE A 107 3.74 -2.59 -7.19
N GLU A 108 4.67 -3.45 -6.80
CA GLU A 108 5.40 -3.31 -5.54
C GLU A 108 6.03 -1.93 -5.37
N ARG A 109 6.51 -1.35 -6.47
CA ARG A 109 7.20 -0.08 -6.39
C ARG A 109 6.22 1.04 -6.09
N GLU A 110 5.07 1.04 -6.76
CA GLU A 110 4.12 2.14 -6.64
C GLU A 110 3.36 2.05 -5.34
N VAL A 111 3.22 0.83 -4.83
CA VAL A 111 2.62 0.63 -3.52
C VAL A 111 3.44 1.38 -2.48
N LYS A 112 4.71 0.99 -2.36
CA LYS A 112 5.61 1.60 -1.38
C LYS A 112 5.73 3.12 -1.61
N ASN A 113 5.76 3.53 -2.87
CA ASN A 113 5.84 4.94 -3.22
C ASN A 113 4.67 5.72 -2.62
N ALA A 114 3.48 5.14 -2.71
CA ALA A 114 2.28 5.76 -2.16
C ALA A 114 2.22 5.61 -0.65
N MET A 115 2.69 4.47 -0.14
CA MET A 115 2.73 4.21 1.29
C MET A 115 3.63 5.21 2.01
N ARG A 116 4.67 5.66 1.33
CA ARG A 116 5.54 6.70 1.88
C ARG A 116 4.77 8.00 2.07
N ARG A 117 3.70 8.14 1.32
CA ARG A 117 2.84 9.31 1.40
C ARG A 117 1.76 9.11 2.44
N TRP A 118 1.51 7.85 2.80
CA TRP A 118 0.54 7.53 3.84
C TRP A 118 0.83 8.30 5.12
N ARG A 119 -0.14 9.07 5.56
CA ARG A 119 0.02 9.89 6.73
C ARG A 119 -0.80 9.36 7.89
N TYR A 120 -0.12 9.03 8.96
CA TYR A 120 -0.78 8.58 10.16
C TYR A 120 -0.60 9.61 11.27
N GLU A 121 -1.65 9.77 12.07
CA GLU A 121 -1.61 10.72 13.18
C GLU A 121 -0.48 10.39 14.14
N PRO A 122 0.38 11.38 14.41
CA PRO A 122 1.55 11.21 15.26
C PRO A 122 1.16 10.97 16.71
N GLY A 123 2.07 10.40 17.46
CA GLY A 123 1.79 9.99 18.81
C GLY A 123 1.47 8.50 18.86
N LYS A 124 1.46 7.87 17.69
CA LYS A 124 1.07 6.46 17.60
C LYS A 124 1.92 5.69 16.59
N PRO A 125 2.81 4.82 17.09
CA PRO A 125 3.52 3.86 16.25
C PRO A 125 2.74 2.55 16.13
N GLY A 126 2.93 1.84 15.04
CA GLY A 126 2.25 0.58 14.83
C GLY A 126 3.10 -0.38 14.03
N SER A 127 3.33 -1.57 14.56
CA SER A 127 4.21 -2.52 13.93
C SER A 127 3.43 -3.72 13.41
N GLY A 128 3.82 -4.23 12.25
CA GLY A 128 3.22 -5.43 11.70
C GLY A 128 1.82 -5.19 11.21
N ILE A 129 1.62 -4.08 10.52
CA ILE A 129 0.31 -3.72 10.01
C ILE A 129 0.15 -4.26 8.60
N VAL A 130 -0.90 -5.04 8.39
CA VAL A 130 -1.14 -5.63 7.08
C VAL A 130 -2.23 -4.86 6.34
N VAL A 131 -1.98 -4.65 5.05
CA VAL A 131 -2.95 -4.01 4.17
C VAL A 131 -3.04 -4.76 2.86
N ASN A 132 -4.20 -4.67 2.23
CA ASN A 132 -4.41 -5.31 0.95
C ASN A 132 -4.90 -4.31 -0.07
N ILE A 133 -4.21 -4.16 -1.18
CA ILE A 133 -4.64 -3.23 -2.20
C ILE A 133 -5.09 -3.97 -3.45
N LEU A 134 -6.37 -3.83 -3.77
CA LEU A 134 -6.96 -4.41 -4.96
C LEU A 134 -6.93 -3.41 -6.10
N PHE A 135 -5.95 -3.53 -6.98
CA PHE A 135 -5.93 -2.73 -8.20
C PHE A 135 -6.76 -3.43 -9.26
N LYS A 136 -8.06 -3.17 -9.24
CA LYS A 136 -9.01 -3.86 -10.10
C LYS A 136 -8.80 -3.47 -11.56
N ILE A 137 -9.16 -4.41 -12.45
CA ILE A 137 -8.90 -4.25 -13.88
C ILE A 137 -9.67 -3.06 -14.46
N ASN A 138 -10.68 -2.62 -13.73
CA ASN A 138 -11.50 -1.48 -14.13
C ASN A 138 -10.69 -0.17 -14.01
N GLY A 139 -9.66 -0.20 -13.18
CA GLY A 139 -8.86 1.00 -12.97
C GLY A 139 -9.13 1.63 -11.63
N THR A 140 -9.86 0.92 -10.78
CA THR A 140 -10.14 1.39 -9.43
C THR A 140 -9.38 0.54 -8.43
N THR A 141 -9.17 1.06 -7.25
CA THR A 141 -8.37 0.37 -6.26
C THR A 141 -9.07 0.34 -4.91
N GLU A 142 -8.61 -0.52 -4.03
CA GLU A 142 -9.16 -0.63 -2.69
C GLU A 142 -8.07 -1.03 -1.70
N ILE A 143 -7.96 -0.29 -0.61
CA ILE A 143 -7.02 -0.65 0.43
C ILE A 143 -7.77 -1.25 1.63
N GLN A 144 -7.36 -2.44 2.01
CA GLN A 144 -7.98 -3.16 3.09
C GLN A 144 -7.18 -3.00 4.37
N SER A 56 -5.75 1.85 20.34
CA SER A 56 -6.59 1.73 19.11
C SER A 56 -5.71 1.83 17.86
N GLY A 57 -4.48 2.30 18.05
CA GLY A 57 -3.54 2.39 16.95
C GLY A 57 -3.51 3.77 16.34
N PRO A 58 -2.63 3.97 15.35
CA PRO A 58 -2.50 5.24 14.66
C PRO A 58 -3.63 5.47 13.68
N ARG A 59 -4.12 6.70 13.61
CA ARG A 59 -5.21 7.03 12.71
C ARG A 59 -4.64 7.54 11.39
N ALA A 60 -5.20 7.06 10.29
CA ALA A 60 -4.68 7.39 8.98
C ALA A 60 -5.32 8.63 8.41
N LEU A 61 -4.47 9.53 7.97
CA LEU A 61 -4.89 10.77 7.35
C LEU A 61 -5.01 10.57 5.85
N SER A 62 -4.09 9.78 5.31
CA SER A 62 -4.05 9.51 3.90
C SER A 62 -3.65 8.07 3.62
N ARG A 63 -4.63 7.16 3.67
CA ARG A 63 -4.42 5.80 3.19
C ARG A 63 -4.74 5.75 1.70
N ASN A 64 -3.94 6.51 0.95
CA ASN A 64 -4.15 6.73 -0.47
C ASN A 64 -3.94 5.45 -1.26
N GLN A 65 -4.70 5.31 -2.32
CA GLN A 65 -4.63 4.15 -3.17
C GLN A 65 -3.41 4.25 -4.08
N PRO A 66 -2.55 3.23 -4.08
CA PRO A 66 -1.39 3.18 -4.95
C PRO A 66 -1.78 3.22 -6.43
N GLN A 67 -0.83 3.57 -7.26
CA GLN A 67 -1.08 3.81 -8.67
C GLN A 67 -1.06 2.50 -9.46
N TYR A 68 -2.17 2.18 -10.10
CA TYR A 68 -2.23 1.01 -10.97
C TYR A 68 -1.35 1.26 -12.19
N PRO A 69 -0.48 0.31 -12.52
CA PRO A 69 0.55 0.48 -13.54
C PRO A 69 0.03 0.22 -14.94
N ALA A 70 0.46 1.04 -15.88
CA ALA A 70 0.12 0.85 -17.28
C ALA A 70 0.84 -0.39 -17.79
N ARG A 71 1.91 -0.77 -17.09
CA ARG A 71 2.61 -2.02 -17.35
C ARG A 71 1.66 -3.20 -17.12
N ALA A 72 0.82 -3.08 -16.11
CA ALA A 72 -0.08 -4.16 -15.73
C ALA A 72 -1.34 -4.16 -16.58
N GLN A 73 -1.90 -2.99 -16.80
CA GLN A 73 -3.14 -2.87 -17.56
C GLN A 73 -2.93 -3.34 -18.99
N ALA A 74 -1.72 -3.14 -19.48
CA ALA A 74 -1.35 -3.60 -20.82
C ALA A 74 -1.28 -5.12 -20.87
N LEU A 75 -1.13 -5.71 -19.70
CA LEU A 75 -1.06 -7.16 -19.56
C LEU A 75 -2.38 -7.71 -19.04
N ARG A 76 -3.36 -6.81 -18.94
CA ARG A 76 -4.69 -7.12 -18.44
C ARG A 76 -4.62 -7.68 -17.01
N ILE A 77 -3.66 -7.18 -16.26
CA ILE A 77 -3.42 -7.61 -14.90
C ILE A 77 -4.14 -6.72 -13.90
N GLU A 78 -4.88 -7.34 -13.00
CA GLU A 78 -5.45 -6.64 -11.87
C GLU A 78 -4.68 -7.01 -10.62
N GLY A 79 -4.08 -5.99 -10.03
CA GLY A 79 -3.14 -6.22 -8.95
C GLY A 79 -3.80 -6.67 -7.67
N GLN A 80 -3.09 -7.51 -6.95
CA GLN A 80 -3.51 -7.93 -5.62
C GLN A 80 -2.27 -8.05 -4.76
N VAL A 81 -2.02 -7.07 -3.93
CA VAL A 81 -0.81 -7.06 -3.14
C VAL A 81 -1.13 -7.15 -1.65
N LYS A 82 -0.31 -7.88 -0.92
CA LYS A 82 -0.43 -8.01 0.51
C LYS A 82 0.86 -7.52 1.15
N VAL A 83 0.79 -6.39 1.83
CA VAL A 83 1.99 -5.73 2.33
C VAL A 83 1.99 -5.62 3.85
N LYS A 84 3.17 -5.73 4.44
CA LYS A 84 3.36 -5.41 5.85
C LYS A 84 4.24 -4.18 5.97
N PHE A 85 3.75 -3.18 6.69
CA PHE A 85 4.52 -1.96 6.92
C PHE A 85 4.50 -1.62 8.39
N ASP A 86 5.29 -0.63 8.74
CA ASP A 86 5.34 -0.13 10.10
C ASP A 86 5.13 1.37 10.07
N VAL A 87 4.54 1.91 11.12
CA VAL A 87 4.50 3.34 11.27
C VAL A 87 5.14 3.70 12.60
N THR A 88 5.82 4.80 12.62
CA THR A 88 6.55 5.21 13.80
C THR A 88 5.65 6.02 14.73
N PRO A 89 6.12 6.39 15.93
CA PRO A 89 5.37 7.30 16.80
C PRO A 89 5.14 8.66 16.14
N ASP A 90 5.82 8.88 15.01
CA ASP A 90 5.64 10.11 14.23
C ASP A 90 4.58 9.90 13.16
N GLY A 91 3.98 8.72 13.13
CA GLY A 91 2.96 8.40 12.16
C GLY A 91 3.53 8.26 10.76
N ARG A 92 4.78 7.81 10.66
CA ARG A 92 5.46 7.73 9.39
C ARG A 92 5.56 6.28 8.93
N VAL A 93 5.20 6.06 7.67
CA VAL A 93 5.22 4.72 7.09
C VAL A 93 6.63 4.35 6.64
N ASP A 94 7.12 3.24 7.16
CA ASP A 94 8.44 2.74 6.83
C ASP A 94 8.50 1.23 7.05
N ASN A 95 9.61 0.62 6.64
CA ASN A 95 9.80 -0.83 6.76
C ASN A 95 8.74 -1.58 5.98
N VAL A 96 8.35 -0.99 4.86
CA VAL A 96 7.32 -1.56 4.00
C VAL A 96 7.86 -2.72 3.18
N GLN A 97 7.28 -3.89 3.38
CA GLN A 97 7.67 -5.07 2.61
C GLN A 97 6.43 -5.78 2.09
N ILE A 98 6.41 -6.01 0.78
CA ILE A 98 5.34 -6.77 0.17
C ILE A 98 5.54 -8.25 0.47
N LEU A 99 4.53 -8.85 1.08
CA LEU A 99 4.59 -10.24 1.50
C LEU A 99 4.29 -11.16 0.33
N SER A 100 3.39 -10.70 -0.53
CA SER A 100 3.01 -11.42 -1.73
C SER A 100 2.15 -10.52 -2.61
N ALA A 101 2.27 -10.67 -3.91
CA ALA A 101 1.49 -9.87 -4.84
C ALA A 101 1.15 -10.68 -6.09
N LYS A 102 0.21 -10.19 -6.88
CA LYS A 102 -0.15 -10.84 -8.14
C LYS A 102 1.10 -10.97 -9.05
N PRO A 103 1.66 -9.86 -9.57
CA PRO A 103 2.98 -9.87 -10.21
C PRO A 103 4.09 -9.49 -9.21
N ALA A 104 5.26 -9.17 -9.71
CA ALA A 104 6.38 -8.82 -8.84
C ALA A 104 6.54 -7.30 -8.72
N ASN A 105 7.63 -6.77 -9.30
CA ASN A 105 7.94 -5.34 -9.20
C ASN A 105 6.90 -4.50 -9.93
N MET A 106 6.07 -5.18 -10.72
CA MET A 106 4.98 -4.52 -11.43
C MET A 106 4.12 -3.69 -10.49
N PHE A 107 3.82 -4.22 -9.31
CA PHE A 107 3.00 -3.49 -8.35
C PHE A 107 3.80 -3.06 -7.13
N GLU A 108 4.77 -3.87 -6.74
CA GLU A 108 5.54 -3.64 -5.51
C GLU A 108 6.14 -2.24 -5.42
N ARG A 109 6.44 -1.63 -6.57
CA ARG A 109 7.00 -0.28 -6.57
C ARG A 109 5.93 0.75 -6.27
N GLU A 110 4.80 0.62 -6.96
CA GLU A 110 3.78 1.65 -6.95
C GLU A 110 3.04 1.63 -5.62
N VAL A 111 3.02 0.47 -4.98
CA VAL A 111 2.49 0.35 -3.63
C VAL A 111 3.28 1.24 -2.68
N LYS A 112 4.57 0.96 -2.58
CA LYS A 112 5.45 1.68 -1.67
C LYS A 112 5.51 3.16 -2.02
N ASN A 113 5.43 3.48 -3.31
CA ASN A 113 5.43 4.88 -3.76
C ASN A 113 4.26 5.63 -3.13
N ALA A 114 3.09 4.99 -3.09
CA ALA A 114 1.91 5.59 -2.49
C ALA A 114 1.97 5.51 -0.96
N MET A 115 2.52 4.42 -0.45
CA MET A 115 2.65 4.24 0.99
C MET A 115 3.62 5.25 1.59
N ARG A 116 4.51 5.79 0.76
CA ARG A 116 5.35 6.91 1.17
C ARG A 116 4.49 8.13 1.47
N ARG A 117 3.33 8.18 0.87
CA ARG A 117 2.42 9.29 1.02
C ARG A 117 1.32 8.96 2.02
N TRP A 118 1.31 7.72 2.50
CA TRP A 118 0.49 7.36 3.65
C TRP A 118 0.96 8.13 4.87
N ARG A 119 0.05 8.77 5.56
CA ARG A 119 0.39 9.55 6.72
C ARG A 119 -0.54 9.22 7.88
N TYR A 120 0.04 8.96 9.02
CA TYR A 120 -0.71 8.66 10.23
C TYR A 120 -0.46 9.73 11.28
N GLU A 121 -1.48 10.00 12.08
CA GLU A 121 -1.35 10.95 13.19
C GLU A 121 -0.26 10.52 14.17
N PRO A 122 0.76 11.38 14.33
CA PRO A 122 1.84 11.16 15.29
C PRO A 122 1.33 10.98 16.71
N GLY A 123 2.10 10.25 17.50
CA GLY A 123 1.68 9.89 18.83
C GLY A 123 1.35 8.43 18.92
N LYS A 124 1.35 7.74 17.77
CA LYS A 124 1.02 6.33 17.72
C LYS A 124 1.86 5.59 16.69
N PRO A 125 2.66 4.61 17.15
CA PRO A 125 3.38 3.69 16.27
C PRO A 125 2.57 2.42 16.01
N GLY A 126 2.80 1.80 14.87
CA GLY A 126 2.14 0.55 14.55
C GLY A 126 3.09 -0.40 13.89
N SER A 127 3.32 -1.55 14.52
CA SER A 127 4.30 -2.50 14.04
C SER A 127 3.63 -3.74 13.46
N GLY A 128 3.99 -4.07 12.22
CA GLY A 128 3.48 -5.27 11.59
C GLY A 128 2.07 -5.10 11.06
N ILE A 129 1.83 -3.96 10.42
CA ILE A 129 0.51 -3.66 9.89
C ILE A 129 0.36 -4.27 8.51
N VAL A 130 -0.64 -5.11 8.35
CA VAL A 130 -0.86 -5.78 7.08
C VAL A 130 -2.02 -5.15 6.33
N VAL A 131 -1.81 -4.94 5.04
CA VAL A 131 -2.83 -4.39 4.16
C VAL A 131 -2.96 -5.23 2.90
N ASN A 132 -4.13 -5.16 2.29
CA ASN A 132 -4.35 -5.86 1.03
C ASN A 132 -4.88 -4.87 -0.01
N ILE A 133 -4.12 -4.67 -1.08
CA ILE A 133 -4.56 -3.72 -2.09
C ILE A 133 -5.04 -4.43 -3.34
N LEU A 134 -6.30 -4.18 -3.68
CA LEU A 134 -6.90 -4.70 -4.88
C LEU A 134 -6.89 -3.63 -5.97
N PHE A 135 -6.06 -3.84 -6.96
CA PHE A 135 -5.99 -2.95 -8.11
C PHE A 135 -6.86 -3.54 -9.20
N LYS A 136 -8.11 -3.12 -9.25
CA LYS A 136 -9.07 -3.69 -10.17
C LYS A 136 -8.68 -3.38 -11.61
N ILE A 137 -8.87 -4.36 -12.50
CA ILE A 137 -8.55 -4.20 -13.92
C ILE A 137 -9.36 -3.05 -14.53
N ASN A 138 -10.42 -2.67 -13.81
CA ASN A 138 -11.27 -1.55 -14.22
C ASN A 138 -10.56 -0.22 -14.00
N GLY A 139 -9.55 -0.21 -13.12
CA GLY A 139 -8.82 1.01 -12.85
C GLY A 139 -9.01 1.51 -11.43
N THR A 140 -9.95 0.92 -10.70
CA THR A 140 -10.20 1.32 -9.33
C THR A 140 -9.24 0.60 -8.39
N THR A 141 -9.08 1.12 -7.20
CA THR A 141 -8.13 0.59 -6.24
C THR A 141 -8.72 0.53 -4.85
N GLU A 142 -8.42 -0.54 -4.12
CA GLU A 142 -8.99 -0.76 -2.81
C GLU A 142 -7.97 -1.27 -1.83
N ILE A 143 -8.10 -0.86 -0.58
CA ILE A 143 -7.19 -1.31 0.46
C ILE A 143 -7.94 -1.93 1.63
N GLN A 144 -7.46 -3.08 2.05
CA GLN A 144 -7.98 -3.75 3.23
C GLN A 144 -6.99 -3.57 4.37
N SER A 56 -8.70 1.92 19.40
CA SER A 56 -9.16 2.20 18.03
C SER A 56 -8.12 1.76 16.99
N GLY A 57 -6.90 1.54 17.44
CA GLY A 57 -5.86 1.06 16.54
C GLY A 57 -5.23 2.19 15.77
N PRO A 58 -4.33 1.86 14.84
CA PRO A 58 -3.68 2.85 14.00
C PRO A 58 -4.66 3.47 12.99
N ARG A 59 -4.41 4.72 12.64
CA ARG A 59 -5.27 5.45 11.72
C ARG A 59 -4.42 6.24 10.73
N ALA A 60 -4.60 5.96 9.46
CA ALA A 60 -3.84 6.60 8.40
C ALA A 60 -4.60 7.77 7.82
N LEU A 61 -4.12 8.97 8.10
CA LEU A 61 -4.74 10.20 7.63
C LEU A 61 -4.68 10.30 6.12
N SER A 62 -3.53 9.99 5.57
CA SER A 62 -3.33 10.03 4.14
C SER A 62 -2.89 8.65 3.65
N ARG A 63 -3.84 7.85 3.23
CA ARG A 63 -3.55 6.53 2.70
C ARG A 63 -3.81 6.52 1.20
N ASN A 64 -2.94 7.20 0.47
CA ASN A 64 -3.09 7.33 -0.96
C ASN A 64 -2.90 6.00 -1.64
N GLN A 65 -3.87 5.63 -2.46
CA GLN A 65 -3.85 4.39 -3.18
C GLN A 65 -2.83 4.47 -4.29
N PRO A 66 -1.93 3.46 -4.38
CA PRO A 66 -0.86 3.42 -5.38
C PRO A 66 -1.41 3.44 -6.80
N GLN A 67 -0.57 3.80 -7.75
CA GLN A 67 -1.01 4.02 -9.12
C GLN A 67 -0.90 2.74 -9.95
N TYR A 68 -2.03 2.34 -10.53
CA TYR A 68 -2.06 1.20 -11.44
C TYR A 68 -1.32 1.54 -12.74
N PRO A 69 -0.43 0.65 -13.18
CA PRO A 69 0.43 0.89 -14.33
C PRO A 69 -0.26 0.53 -15.64
N ALA A 70 -0.08 1.39 -16.65
CA ALA A 70 -0.68 1.19 -17.96
C ALA A 70 -0.18 -0.10 -18.60
N ARG A 71 1.07 -0.46 -18.30
CA ARG A 71 1.63 -1.71 -18.78
C ARG A 71 0.82 -2.89 -18.25
N ALA A 72 0.55 -2.87 -16.96
CA ALA A 72 -0.20 -3.94 -16.32
C ALA A 72 -1.65 -3.93 -16.80
N GLN A 73 -2.18 -2.74 -17.06
CA GLN A 73 -3.53 -2.61 -17.58
C GLN A 73 -3.65 -3.24 -18.96
N ALA A 74 -2.63 -3.08 -19.78
CA ALA A 74 -2.62 -3.67 -21.11
C ALA A 74 -2.45 -5.18 -21.00
N LEU A 75 -1.83 -5.61 -19.91
CA LEU A 75 -1.62 -7.02 -19.63
C LEU A 75 -2.83 -7.61 -18.91
N ARG A 76 -3.82 -6.75 -18.65
CA ARG A 76 -5.05 -7.13 -17.97
C ARG A 76 -4.75 -7.68 -16.58
N ILE A 77 -3.78 -7.08 -15.92
CA ILE A 77 -3.34 -7.56 -14.63
C ILE A 77 -4.09 -6.89 -13.49
N GLU A 78 -4.66 -7.71 -12.61
CA GLU A 78 -5.22 -7.22 -11.37
C GLU A 78 -4.13 -7.24 -10.32
N GLY A 79 -3.84 -6.10 -9.74
CA GLY A 79 -2.80 -6.05 -8.74
C GLY A 79 -3.31 -6.32 -7.36
N GLN A 80 -3.14 -7.54 -6.92
CA GLN A 80 -3.43 -7.91 -5.55
C GLN A 80 -2.13 -7.89 -4.77
N VAL A 81 -1.94 -6.85 -3.98
CA VAL A 81 -0.71 -6.73 -3.22
C VAL A 81 -0.97 -6.72 -1.73
N LYS A 82 -0.32 -7.64 -1.05
CA LYS A 82 -0.41 -7.76 0.39
C LYS A 82 0.84 -7.18 1.01
N VAL A 83 0.69 -6.13 1.81
CA VAL A 83 1.83 -5.36 2.28
C VAL A 83 1.84 -5.23 3.80
N LYS A 84 3.02 -5.28 4.38
CA LYS A 84 3.22 -4.97 5.79
C LYS A 84 4.00 -3.68 5.92
N PHE A 85 3.61 -2.86 6.88
CA PHE A 85 4.34 -1.64 7.18
C PHE A 85 4.36 -1.38 8.68
N ASP A 86 5.13 -0.39 9.06
CA ASP A 86 5.26 0.05 10.43
C ASP A 86 5.26 1.55 10.49
N VAL A 87 4.65 2.10 11.49
CA VAL A 87 4.57 3.54 11.62
C VAL A 87 5.16 3.97 12.95
N THR A 88 5.76 5.14 12.95
CA THR A 88 6.43 5.65 14.13
C THR A 88 5.45 6.39 15.03
N PRO A 89 5.84 6.65 16.28
CA PRO A 89 5.02 7.41 17.23
C PRO A 89 4.79 8.85 16.78
N ASP A 90 5.45 9.26 15.71
CA ASP A 90 5.19 10.59 15.13
C ASP A 90 4.42 10.45 13.82
N GLY A 91 4.14 9.21 13.44
CA GLY A 91 3.21 8.93 12.36
C GLY A 91 3.86 8.86 10.99
N ARG A 92 4.97 8.15 10.89
CA ARG A 92 5.62 7.96 9.60
C ARG A 92 5.58 6.51 9.20
N VAL A 93 5.37 6.28 7.92
CA VAL A 93 5.31 4.94 7.37
C VAL A 93 6.70 4.48 6.94
N ASP A 94 7.11 3.34 7.49
CA ASP A 94 8.41 2.75 7.18
C ASP A 94 8.33 1.24 7.32
N ASN A 95 9.39 0.53 6.95
CA ASN A 95 9.43 -0.93 7.04
C ASN A 95 8.37 -1.55 6.15
N VAL A 96 8.10 -0.87 5.04
CA VAL A 96 7.11 -1.33 4.09
C VAL A 96 7.68 -2.43 3.20
N GLN A 97 7.06 -3.59 3.27
CA GLN A 97 7.50 -4.73 2.48
C GLN A 97 6.30 -5.55 2.03
N ILE A 98 6.26 -5.87 0.75
CA ILE A 98 5.20 -6.65 0.17
C ILE A 98 5.50 -8.13 0.29
N LEU A 99 4.59 -8.81 0.96
CA LEU A 99 4.76 -10.20 1.28
C LEU A 99 4.28 -11.07 0.12
N SER A 100 3.27 -10.58 -0.59
CA SER A 100 2.68 -11.31 -1.70
C SER A 100 2.01 -10.35 -2.68
N ALA A 101 2.06 -10.68 -3.96
CA ALA A 101 1.42 -9.88 -4.99
C ALA A 101 0.99 -10.78 -6.14
N LYS A 102 0.02 -10.33 -6.94
CA LYS A 102 -0.45 -11.11 -8.07
C LYS A 102 0.70 -11.34 -9.07
N PRO A 103 1.34 -10.27 -9.58
CA PRO A 103 2.62 -10.37 -10.27
C PRO A 103 3.77 -10.21 -9.27
N ALA A 104 4.92 -9.78 -9.72
CA ALA A 104 6.01 -9.52 -8.79
C ALA A 104 6.16 -8.02 -8.55
N ASN A 105 7.02 -7.38 -9.34
CA ASN A 105 7.34 -5.97 -9.14
C ASN A 105 6.43 -5.07 -9.98
N MET A 106 5.54 -5.68 -10.75
CA MET A 106 4.63 -4.92 -11.62
C MET A 106 3.78 -3.95 -10.82
N PHE A 107 3.31 -4.38 -9.66
CA PHE A 107 2.52 -3.51 -8.80
C PHE A 107 3.26 -3.14 -7.53
N GLU A 108 4.08 -4.07 -7.04
CA GLU A 108 4.82 -3.89 -5.80
C GLU A 108 5.63 -2.59 -5.82
N ARG A 109 6.12 -2.26 -7.01
CA ARG A 109 6.93 -1.06 -7.22
C ARG A 109 6.16 0.22 -6.89
N GLU A 110 4.94 0.33 -7.39
CA GLU A 110 4.16 1.55 -7.23
C GLU A 110 3.52 1.59 -5.86
N VAL A 111 3.34 0.41 -5.27
CA VAL A 111 2.81 0.32 -3.93
C VAL A 111 3.78 0.95 -2.93
N LYS A 112 5.04 0.51 -2.95
CA LYS A 112 6.04 1.05 -2.05
C LYS A 112 6.13 2.56 -2.15
N ASN A 113 6.09 3.09 -3.38
CA ASN A 113 6.21 4.54 -3.57
C ASN A 113 5.08 5.27 -2.88
N ALA A 114 3.87 4.75 -3.04
CA ALA A 114 2.70 5.37 -2.45
C ALA A 114 2.72 5.24 -0.92
N MET A 115 3.10 4.06 -0.45
CA MET A 115 3.19 3.79 0.99
C MET A 115 4.14 4.74 1.68
N ARG A 116 5.22 5.11 1.00
CA ARG A 116 6.19 6.04 1.55
C ARG A 116 5.59 7.42 1.73
N ARG A 117 4.50 7.66 1.02
CA ARG A 117 3.84 8.96 1.03
C ARG A 117 2.70 8.98 2.06
N TRP A 118 2.27 7.80 2.49
CA TRP A 118 1.22 7.69 3.51
C TRP A 118 1.52 8.54 4.74
N ARG A 119 0.51 9.24 5.24
CA ARG A 119 0.63 10.02 6.46
C ARG A 119 -0.20 9.37 7.55
N TYR A 120 0.42 9.13 8.68
CA TYR A 120 -0.24 8.51 9.81
C TYR A 120 -0.31 9.53 10.96
N GLU A 121 -1.33 9.39 11.81
CA GLU A 121 -1.55 10.30 12.93
C GLU A 121 -0.41 10.25 13.94
N PRO A 122 0.26 11.39 14.15
CA PRO A 122 1.33 11.50 15.14
C PRO A 122 0.81 11.25 16.55
N GLY A 123 1.62 10.54 17.33
CA GLY A 123 1.24 10.16 18.66
C GLY A 123 0.95 8.68 18.77
N LYS A 124 0.96 7.98 17.65
CA LYS A 124 0.67 6.55 17.64
C LYS A 124 1.66 5.78 16.77
N PRO A 125 2.34 4.78 17.34
CA PRO A 125 3.14 3.84 16.57
C PRO A 125 2.38 2.52 16.31
N GLY A 126 2.63 1.91 15.17
CA GLY A 126 2.02 0.64 14.85
C GLY A 126 2.93 -0.21 14.01
N SER A 127 3.36 -1.35 14.53
CA SER A 127 4.29 -2.21 13.83
C SER A 127 3.65 -3.54 13.44
N GLY A 128 3.90 -3.98 12.22
CA GLY A 128 3.36 -5.24 11.75
C GLY A 128 1.96 -5.11 11.22
N ILE A 129 1.69 -4.00 10.55
CA ILE A 129 0.36 -3.73 10.03
C ILE A 129 0.21 -4.29 8.63
N VAL A 130 -0.72 -5.22 8.47
CA VAL A 130 -0.95 -5.84 7.18
C VAL A 130 -2.14 -5.22 6.46
N VAL A 131 -1.92 -4.86 5.22
CA VAL A 131 -2.97 -4.33 4.37
C VAL A 131 -2.98 -5.01 3.02
N ASN A 132 -4.09 -4.91 2.33
CA ASN A 132 -4.23 -5.49 1.01
C ASN A 132 -4.71 -4.42 0.04
N ILE A 133 -4.02 -4.30 -1.08
CA ILE A 133 -4.44 -3.35 -2.09
C ILE A 133 -4.89 -4.12 -3.32
N LEU A 134 -6.11 -3.87 -3.70
CA LEU A 134 -6.75 -4.59 -4.77
C LEU A 134 -6.92 -3.69 -5.98
N PHE A 135 -6.00 -3.81 -6.91
CA PHE A 135 -6.07 -3.10 -8.17
C PHE A 135 -6.87 -3.92 -9.15
N LYS A 136 -8.18 -3.76 -9.13
CA LYS A 136 -9.06 -4.58 -9.93
C LYS A 136 -8.81 -4.34 -11.41
N ILE A 137 -9.01 -5.39 -12.19
CA ILE A 137 -8.60 -5.45 -13.59
C ILE A 137 -9.12 -4.26 -14.41
N ASN A 138 -10.23 -3.66 -13.95
CA ASN A 138 -10.85 -2.54 -14.64
C ASN A 138 -10.08 -1.23 -14.41
N GLY A 139 -9.12 -1.26 -13.50
CA GLY A 139 -8.31 -0.08 -13.24
C GLY A 139 -8.75 0.70 -12.03
N THR A 140 -9.21 0.00 -11.00
CA THR A 140 -9.58 0.65 -9.76
C THR A 140 -8.66 0.21 -8.64
N THR A 141 -8.76 0.89 -7.51
CA THR A 141 -7.89 0.64 -6.37
C THR A 141 -8.69 0.60 -5.07
N GLU A 142 -8.35 -0.32 -4.19
CA GLU A 142 -8.99 -0.41 -2.90
C GLU A 142 -8.03 -0.99 -1.86
N ILE A 143 -7.94 -0.34 -0.71
CA ILE A 143 -7.07 -0.80 0.37
C ILE A 143 -7.91 -1.43 1.49
N GLN A 144 -7.48 -2.61 1.92
CA GLN A 144 -8.20 -3.39 2.90
C GLN A 144 -7.59 -3.22 4.29
N SER A 56 -9.19 5.51 18.83
CA SER A 56 -7.98 4.95 19.48
C SER A 56 -7.15 4.17 18.47
N GLY A 57 -5.83 4.08 18.71
CA GLY A 57 -4.98 3.35 17.79
C GLY A 57 -4.53 4.21 16.63
N PRO A 58 -3.58 3.70 15.82
CA PRO A 58 -3.10 4.41 14.63
C PRO A 58 -4.21 4.59 13.60
N ARG A 59 -4.71 5.81 13.51
CA ARG A 59 -5.79 6.12 12.58
C ARG A 59 -5.23 6.76 11.32
N ALA A 60 -5.65 6.25 10.18
CA ALA A 60 -5.14 6.71 8.90
C ALA A 60 -5.87 7.94 8.41
N LEU A 61 -5.10 8.95 8.06
CA LEU A 61 -5.64 10.19 7.52
C LEU A 61 -5.79 10.06 6.03
N SER A 62 -4.75 9.51 5.41
CA SER A 62 -4.70 9.39 3.97
C SER A 62 -3.97 8.13 3.55
N ARG A 63 -4.70 7.02 3.51
CA ARG A 63 -4.20 5.81 2.89
C ARG A 63 -4.49 5.89 1.41
N ASN A 64 -3.64 6.62 0.70
CA ASN A 64 -3.85 6.91 -0.72
C ASN A 64 -3.46 5.72 -1.56
N GLN A 65 -4.13 5.58 -2.68
CA GLN A 65 -3.97 4.43 -3.55
C GLN A 65 -2.68 4.54 -4.36
N PRO A 66 -1.85 3.50 -4.33
CA PRO A 66 -0.65 3.43 -5.16
C PRO A 66 -0.98 3.50 -6.64
N GLN A 67 -0.04 3.97 -7.44
CA GLN A 67 -0.30 4.21 -8.85
C GLN A 67 -0.14 2.93 -9.66
N TYR A 68 -1.27 2.34 -10.03
CA TYR A 68 -1.29 1.18 -10.89
C TYR A 68 -0.66 1.52 -12.24
N PRO A 69 0.32 0.72 -12.68
CA PRO A 69 1.11 1.01 -13.86
C PRO A 69 0.39 0.59 -15.14
N ALA A 70 0.53 1.43 -16.16
CA ALA A 70 -0.08 1.16 -17.47
C ALA A 70 0.46 -0.14 -18.06
N ARG A 71 1.62 -0.56 -17.58
CA ARG A 71 2.22 -1.83 -17.97
C ARG A 71 1.29 -2.98 -17.63
N ALA A 72 0.65 -2.91 -16.46
CA ALA A 72 -0.25 -3.96 -16.03
C ALA A 72 -1.60 -3.80 -16.71
N GLN A 73 -2.04 -2.56 -16.86
CA GLN A 73 -3.32 -2.26 -17.48
C GLN A 73 -3.35 -2.74 -18.92
N ALA A 74 -2.24 -2.53 -19.62
CA ALA A 74 -2.11 -2.94 -21.01
C ALA A 74 -2.05 -4.46 -21.12
N LEU A 75 -1.70 -5.10 -20.02
CA LEU A 75 -1.60 -6.54 -19.94
C LEU A 75 -2.89 -7.15 -19.44
N ARG A 76 -3.88 -6.29 -19.21
CA ARG A 76 -5.18 -6.68 -18.68
C ARG A 76 -5.02 -7.34 -17.32
N ILE A 77 -4.08 -6.81 -16.55
CA ILE A 77 -3.79 -7.33 -15.22
C ILE A 77 -4.35 -6.43 -14.15
N GLU A 78 -5.03 -7.01 -13.18
CA GLU A 78 -5.38 -6.26 -11.99
C GLU A 78 -4.41 -6.64 -10.87
N GLY A 79 -3.85 -5.63 -10.25
CA GLY A 79 -2.86 -5.86 -9.24
C GLY A 79 -3.48 -6.12 -7.88
N GLN A 80 -2.87 -6.99 -7.11
CA GLN A 80 -3.31 -7.23 -5.76
C GLN A 80 -2.12 -7.53 -4.86
N VAL A 81 -1.75 -6.55 -4.04
CA VAL A 81 -0.58 -6.68 -3.19
C VAL A 81 -0.97 -6.73 -1.71
N LYS A 82 -0.38 -7.68 -1.01
CA LYS A 82 -0.54 -7.80 0.43
C LYS A 82 0.77 -7.39 1.09
N VAL A 83 0.76 -6.23 1.72
CA VAL A 83 1.98 -5.62 2.23
C VAL A 83 1.94 -5.50 3.74
N LYS A 84 3.10 -5.63 4.37
CA LYS A 84 3.24 -5.36 5.79
C LYS A 84 4.13 -4.15 6.00
N PHE A 85 3.70 -3.24 6.84
CA PHE A 85 4.44 -2.03 7.11
C PHE A 85 4.35 -1.69 8.59
N ASP A 86 5.10 -0.68 8.97
CA ASP A 86 5.08 -0.17 10.33
C ASP A 86 4.87 1.33 10.26
N VAL A 87 4.32 1.90 11.31
CA VAL A 87 4.25 3.35 11.40
C VAL A 87 4.91 3.79 12.70
N THR A 88 5.50 4.96 12.67
CA THR A 88 6.21 5.48 13.81
C THR A 88 5.27 6.24 14.73
N PRO A 89 5.73 6.60 15.93
CA PRO A 89 4.97 7.47 16.84
C PRO A 89 4.85 8.90 16.27
N ASP A 90 5.29 9.07 15.03
CA ASP A 90 5.12 10.31 14.30
C ASP A 90 4.03 10.14 13.24
N GLY A 91 3.61 8.90 13.05
CA GLY A 91 2.60 8.59 12.07
C GLY A 91 3.19 8.42 10.68
N ARG A 92 4.43 7.95 10.63
CA ARG A 92 5.14 7.79 9.38
C ARG A 92 5.32 6.32 9.04
N VAL A 93 5.11 6.02 7.79
CA VAL A 93 5.18 4.64 7.29
C VAL A 93 6.62 4.21 6.99
N ASP A 94 6.98 3.03 7.47
CA ASP A 94 8.34 2.49 7.30
C ASP A 94 8.30 0.96 7.31
N ASN A 95 9.38 0.33 6.87
CA ASN A 95 9.51 -1.14 6.90
C ASN A 95 8.49 -1.80 5.99
N VAL A 96 8.19 -1.13 4.88
CA VAL A 96 7.21 -1.60 3.93
C VAL A 96 7.74 -2.78 3.13
N GLN A 97 7.15 -3.94 3.36
CA GLN A 97 7.57 -5.16 2.68
C GLN A 97 6.37 -5.89 2.10
N ILE A 98 6.42 -6.14 0.80
CA ILE A 98 5.38 -6.89 0.12
C ILE A 98 5.46 -8.37 0.50
N LEU A 99 4.42 -8.85 1.19
CA LEU A 99 4.38 -10.23 1.68
C LEU A 99 4.01 -11.17 0.54
N SER A 100 3.14 -10.69 -0.32
CA SER A 100 2.63 -11.44 -1.45
C SER A 100 1.95 -10.45 -2.39
N ALA A 101 1.86 -10.78 -3.66
CA ALA A 101 1.29 -9.83 -4.61
C ALA A 101 0.79 -10.52 -5.87
N LYS A 102 0.33 -9.70 -6.79
CA LYS A 102 0.07 -10.08 -8.16
C LYS A 102 1.37 -10.63 -8.80
N PRO A 103 1.41 -10.95 -10.14
CA PRO A 103 2.42 -11.83 -10.76
C PRO A 103 3.75 -11.91 -9.98
N ALA A 104 4.58 -10.87 -10.06
CA ALA A 104 5.72 -10.73 -9.16
C ALA A 104 5.91 -9.26 -8.75
N ASN A 105 6.93 -8.59 -9.31
CA ASN A 105 7.37 -7.30 -8.79
C ASN A 105 6.69 -6.11 -9.47
N MET A 106 5.79 -6.37 -10.43
CA MET A 106 5.15 -5.31 -11.22
C MET A 106 4.50 -4.20 -10.38
N PHE A 107 4.05 -4.52 -9.18
CA PHE A 107 3.37 -3.51 -8.34
C PHE A 107 4.17 -3.13 -7.10
N GLU A 108 5.20 -3.90 -6.79
CA GLU A 108 5.92 -3.76 -5.53
C GLU A 108 6.59 -2.39 -5.38
N ARG A 109 6.81 -1.72 -6.48
CA ARG A 109 7.50 -0.44 -6.48
C ARG A 109 6.51 0.69 -6.21
N GLU A 110 5.35 0.58 -6.85
CA GLU A 110 4.37 1.65 -6.84
C GLU A 110 3.65 1.68 -5.49
N VAL A 111 3.55 0.53 -4.85
CA VAL A 111 2.98 0.44 -3.52
C VAL A 111 3.77 1.31 -2.55
N LYS A 112 5.06 1.02 -2.45
CA LYS A 112 5.97 1.77 -1.57
C LYS A 112 5.86 3.26 -1.82
N ASN A 113 5.78 3.64 -3.09
CA ASN A 113 5.69 5.05 -3.49
C ASN A 113 4.51 5.74 -2.80
N ALA A 114 3.36 5.11 -2.83
CA ALA A 114 2.16 5.68 -2.23
C ALA A 114 2.22 5.58 -0.70
N MET A 115 2.78 4.49 -0.21
CA MET A 115 2.89 4.28 1.23
C MET A 115 3.85 5.29 1.86
N ARG A 116 4.73 5.85 1.04
CA ARG A 116 5.59 6.95 1.48
C ARG A 116 4.76 8.19 1.77
N ARG A 117 3.56 8.22 1.24
CA ARG A 117 2.66 9.35 1.39
C ARG A 117 1.54 9.04 2.37
N TRP A 118 1.42 7.77 2.76
CA TRP A 118 0.41 7.36 3.75
C TRP A 118 0.57 8.15 5.05
N ARG A 119 -0.52 8.81 5.44
CA ARG A 119 -0.53 9.65 6.63
C ARG A 119 -1.27 8.98 7.78
N TYR A 120 -0.61 8.91 8.92
CA TYR A 120 -1.21 8.44 10.14
C TYR A 120 -1.06 9.49 11.23
N GLU A 121 -2.09 9.61 12.07
CA GLU A 121 -2.04 10.55 13.20
C GLU A 121 -0.82 10.32 14.07
N PRO A 122 0.01 11.37 14.19
CA PRO A 122 1.24 11.32 14.99
C PRO A 122 0.94 11.02 16.45
N GLY A 123 1.84 10.29 17.07
CA GLY A 123 1.67 9.88 18.44
C GLY A 123 1.27 8.41 18.52
N LYS A 124 1.03 7.80 17.37
CA LYS A 124 0.60 6.41 17.32
C LYS A 124 1.55 5.56 16.48
N PRO A 125 2.40 4.76 17.11
CA PRO A 125 3.24 3.80 16.42
C PRO A 125 2.56 2.43 16.29
N GLY A 126 2.75 1.79 15.15
CA GLY A 126 2.20 0.46 14.96
C GLY A 126 3.18 -0.44 14.23
N SER A 127 3.42 -1.62 14.77
CA SER A 127 4.35 -2.55 14.16
C SER A 127 3.64 -3.83 13.72
N GLY A 128 3.87 -4.21 12.46
CA GLY A 128 3.25 -5.40 11.91
C GLY A 128 1.85 -5.14 11.42
N ILE A 129 1.71 -4.12 10.58
CA ILE A 129 0.41 -3.78 10.02
C ILE A 129 0.29 -4.34 8.61
N VAL A 130 -0.67 -5.23 8.40
CA VAL A 130 -0.85 -5.84 7.11
C VAL A 130 -2.00 -5.17 6.35
N VAL A 131 -1.74 -4.86 5.10
CA VAL A 131 -2.75 -4.28 4.23
C VAL A 131 -2.80 -5.04 2.91
N ASN A 132 -3.90 -4.86 2.20
CA ASN A 132 -4.08 -5.51 0.91
C ASN A 132 -4.66 -4.52 -0.07
N ILE A 133 -3.91 -4.21 -1.12
CA ILE A 133 -4.37 -3.25 -2.12
C ILE A 133 -4.89 -3.95 -3.35
N LEU A 134 -6.16 -3.75 -3.63
CA LEU A 134 -6.83 -4.32 -4.78
C LEU A 134 -6.89 -3.31 -5.92
N PHE A 135 -5.97 -3.43 -6.86
CA PHE A 135 -5.95 -2.57 -8.04
C PHE A 135 -6.79 -3.21 -9.13
N LYS A 136 -8.09 -3.00 -9.07
CA LYS A 136 -9.02 -3.64 -10.00
C LYS A 136 -8.82 -3.09 -11.41
N ILE A 137 -9.00 -3.97 -12.38
CA ILE A 137 -8.66 -3.69 -13.77
C ILE A 137 -9.58 -2.61 -14.36
N ASN A 138 -10.70 -2.36 -13.70
CA ASN A 138 -11.63 -1.32 -14.12
C ASN A 138 -11.04 0.06 -13.91
N GLY A 139 -10.07 0.15 -13.02
CA GLY A 139 -9.43 1.43 -12.75
C GLY A 139 -9.67 1.94 -11.35
N THR A 140 -10.31 1.12 -10.51
CA THR A 140 -10.51 1.48 -9.13
C THR A 140 -9.59 0.68 -8.23
N THR A 141 -9.37 1.17 -7.03
CA THR A 141 -8.42 0.56 -6.12
C THR A 141 -9.01 0.48 -4.72
N GLU A 142 -8.43 -0.36 -3.88
CA GLU A 142 -8.97 -0.59 -2.56
C GLU A 142 -7.86 -1.01 -1.60
N ILE A 143 -7.80 -0.37 -0.45
CA ILE A 143 -6.83 -0.76 0.57
C ILE A 143 -7.55 -1.36 1.78
N GLN A 144 -7.16 -2.58 2.13
CA GLN A 144 -7.74 -3.28 3.27
C GLN A 144 -7.11 -2.79 4.56
N SER A 56 -7.82 1.32 19.40
CA SER A 56 -6.37 1.59 19.59
C SER A 56 -5.65 1.62 18.24
N GLY A 57 -4.40 2.10 18.24
CA GLY A 57 -3.63 2.15 17.02
C GLY A 57 -3.64 3.53 16.40
N PRO A 58 -2.88 3.73 15.33
CA PRO A 58 -2.80 5.02 14.64
C PRO A 58 -4.00 5.24 13.72
N ARG A 59 -4.41 6.49 13.59
CA ARG A 59 -5.55 6.83 12.75
C ARG A 59 -5.06 7.34 11.40
N ALA A 60 -5.94 7.34 10.42
CA ALA A 60 -5.54 7.59 9.04
C ALA A 60 -5.94 8.97 8.57
N LEU A 61 -4.95 9.84 8.42
CA LEU A 61 -5.14 11.14 7.81
C LEU A 61 -5.39 10.99 6.32
N SER A 62 -4.60 10.12 5.70
CA SER A 62 -4.67 9.92 4.27
C SER A 62 -4.05 8.57 3.88
N ARG A 63 -4.90 7.65 3.46
CA ARG A 63 -4.45 6.37 2.95
C ARG A 63 -4.46 6.42 1.43
N ASN A 64 -3.39 6.96 0.85
CA ASN A 64 -3.30 7.14 -0.59
C ASN A 64 -3.22 5.81 -1.30
N GLN A 65 -4.07 5.66 -2.30
CA GLN A 65 -4.06 4.48 -3.12
C GLN A 65 -2.88 4.55 -4.08
N PRO A 66 -2.06 3.50 -4.12
CA PRO A 66 -0.92 3.44 -5.05
C PRO A 66 -1.39 3.49 -6.50
N GLN A 67 -0.53 3.97 -7.37
CA GLN A 67 -0.88 4.16 -8.78
C GLN A 67 -0.93 2.82 -9.50
N TYR A 68 -1.91 2.68 -10.40
CA TYR A 68 -1.99 1.51 -11.24
C TYR A 68 -0.88 1.58 -12.28
N PRO A 69 -0.30 0.44 -12.61
CA PRO A 69 0.86 0.34 -13.47
C PRO A 69 0.49 0.20 -14.94
N ALA A 70 1.08 1.06 -15.77
CA ALA A 70 0.84 1.04 -17.20
C ALA A 70 1.29 -0.29 -17.81
N ARG A 71 2.31 -0.91 -17.22
CA ARG A 71 2.77 -2.21 -17.68
C ARG A 71 1.69 -3.28 -17.47
N ALA A 72 1.09 -3.28 -16.28
CA ALA A 72 0.04 -4.25 -15.98
C ALA A 72 -1.22 -3.95 -16.76
N GLN A 73 -1.45 -2.68 -17.04
CA GLN A 73 -2.55 -2.26 -17.92
C GLN A 73 -2.37 -2.84 -19.32
N ALA A 74 -1.11 -2.90 -19.75
CA ALA A 74 -0.80 -3.43 -21.07
C ALA A 74 -1.04 -4.93 -21.11
N LEU A 75 -0.85 -5.58 -19.97
CA LEU A 75 -1.05 -7.01 -19.85
C LEU A 75 -2.45 -7.34 -19.34
N ARG A 76 -3.20 -6.28 -19.06
CA ARG A 76 -4.57 -6.37 -18.54
C ARG A 76 -4.62 -7.16 -17.24
N ILE A 77 -3.64 -6.91 -16.38
CA ILE A 77 -3.54 -7.59 -15.12
C ILE A 77 -4.25 -6.81 -14.02
N GLU A 78 -4.69 -7.53 -13.00
CA GLU A 78 -5.19 -6.90 -11.79
C GLU A 78 -4.24 -7.26 -10.66
N GLY A 79 -3.87 -6.28 -9.87
CA GLY A 79 -2.87 -6.51 -8.85
C GLY A 79 -3.44 -6.49 -7.45
N GLN A 80 -3.33 -7.60 -6.77
CA GLN A 80 -3.74 -7.67 -5.38
C GLN A 80 -2.53 -7.87 -4.49
N VAL A 81 -2.11 -6.80 -3.85
CA VAL A 81 -0.90 -6.82 -3.07
C VAL A 81 -1.22 -6.89 -1.57
N LYS A 82 -0.47 -7.69 -0.86
CA LYS A 82 -0.59 -7.79 0.58
C LYS A 82 0.72 -7.36 1.22
N VAL A 83 0.69 -6.22 1.87
CA VAL A 83 1.90 -5.59 2.36
C VAL A 83 1.92 -5.51 3.88
N LYS A 84 3.11 -5.65 4.45
CA LYS A 84 3.32 -5.38 5.87
C LYS A 84 4.16 -4.11 6.03
N PHE A 85 3.69 -3.21 6.87
CA PHE A 85 4.39 -1.96 7.13
C PHE A 85 4.40 -1.65 8.61
N ASP A 86 5.13 -0.61 8.95
CA ASP A 86 5.21 -0.12 10.32
C ASP A 86 4.98 1.37 10.30
N VAL A 87 4.48 1.94 11.38
CA VAL A 87 4.35 3.39 11.46
C VAL A 87 5.03 3.88 12.73
N THR A 88 5.52 5.11 12.69
CA THR A 88 6.26 5.65 13.81
C THR A 88 5.35 6.42 14.76
N PRO A 89 5.92 6.92 15.87
CA PRO A 89 5.21 7.80 16.79
C PRO A 89 4.81 9.11 16.11
N ASP A 90 5.29 9.32 14.89
CA ASP A 90 4.93 10.49 14.11
C ASP A 90 3.84 10.16 13.11
N GLY A 91 3.48 8.89 13.04
CA GLY A 91 2.50 8.46 12.07
C GLY A 91 3.11 8.30 10.69
N ARG A 92 4.40 8.01 10.65
CA ARG A 92 5.12 7.86 9.40
C ARG A 92 5.22 6.40 9.02
N VAL A 93 4.82 6.12 7.80
CA VAL A 93 4.88 4.76 7.28
C VAL A 93 6.29 4.40 6.84
N ASP A 94 6.79 3.30 7.38
CA ASP A 94 8.15 2.84 7.12
C ASP A 94 8.19 1.31 7.19
N ASN A 95 9.26 0.71 6.70
CA ASN A 95 9.44 -0.74 6.76
C ASN A 95 8.43 -1.46 5.90
N VAL A 96 8.03 -0.83 4.82
CA VAL A 96 7.05 -1.38 3.92
C VAL A 96 7.64 -2.51 3.08
N GLN A 97 7.12 -3.70 3.28
CA GLN A 97 7.56 -4.87 2.55
C GLN A 97 6.36 -5.63 2.00
N ILE A 98 6.32 -5.79 0.70
CA ILE A 98 5.25 -6.51 0.04
C ILE A 98 5.43 -8.00 0.25
N LEU A 99 4.45 -8.61 0.90
CA LEU A 99 4.51 -10.02 1.25
C LEU A 99 4.20 -10.87 0.04
N SER A 100 3.25 -10.40 -0.77
CA SER A 100 2.84 -11.09 -1.97
C SER A 100 1.91 -10.21 -2.80
N ALA A 101 2.11 -10.24 -4.10
CA ALA A 101 1.26 -9.53 -5.04
C ALA A 101 0.97 -10.42 -6.23
N LYS A 102 0.00 -10.05 -7.06
CA LYS A 102 -0.32 -10.86 -8.24
C LYS A 102 0.92 -10.96 -9.13
N PRO A 103 1.43 -9.85 -9.71
CA PRO A 103 2.79 -9.80 -10.22
C PRO A 103 3.75 -9.14 -9.25
N ALA A 104 4.97 -9.64 -9.24
CA ALA A 104 6.00 -9.18 -8.33
C ALA A 104 6.52 -7.78 -8.68
N ASN A 105 7.33 -7.70 -9.73
CA ASN A 105 8.01 -6.46 -10.11
C ASN A 105 7.05 -5.42 -10.69
N MET A 106 5.77 -5.74 -10.70
CA MET A 106 4.80 -4.89 -11.36
C MET A 106 4.23 -3.83 -10.40
N PHE A 107 3.72 -4.28 -9.26
CA PHE A 107 2.93 -3.40 -8.40
C PHE A 107 3.71 -2.89 -7.20
N GLU A 108 4.68 -3.66 -6.72
CA GLU A 108 5.45 -3.29 -5.53
C GLU A 108 6.00 -1.86 -5.62
N ARG A 109 6.40 -1.46 -6.82
CA ARG A 109 7.03 -0.17 -7.04
C ARG A 109 6.08 0.99 -6.71
N GLU A 110 4.83 0.87 -7.14
CA GLU A 110 3.86 1.95 -6.94
C GLU A 110 3.28 1.88 -5.54
N VAL A 111 3.21 0.67 -4.99
CA VAL A 111 2.73 0.50 -3.63
C VAL A 111 3.62 1.25 -2.65
N LYS A 112 4.91 0.94 -2.71
CA LYS A 112 5.90 1.58 -1.84
C LYS A 112 5.87 3.09 -1.99
N ASN A 113 5.71 3.56 -3.23
CA ASN A 113 5.74 4.99 -3.51
C ASN A 113 4.59 5.72 -2.80
N ALA A 114 3.41 5.10 -2.81
CA ALA A 114 2.24 5.68 -2.18
C ALA A 114 2.28 5.51 -0.67
N MET A 115 2.74 4.35 -0.21
CA MET A 115 2.80 4.08 1.22
C MET A 115 3.82 4.99 1.92
N ARG A 116 4.82 5.44 1.17
CA ARG A 116 5.76 6.44 1.69
C ARG A 116 5.03 7.74 1.99
N ARG A 117 3.91 7.94 1.32
CA ARG A 117 3.16 9.18 1.43
C ARG A 117 1.91 9.00 2.29
N TRP A 118 1.67 7.77 2.74
CA TRP A 118 0.58 7.51 3.67
C TRP A 118 0.67 8.39 4.91
N ARG A 119 -0.47 8.91 5.34
CA ARG A 119 -0.53 9.80 6.48
C ARG A 119 -1.31 9.19 7.63
N TYR A 120 -0.66 9.09 8.77
CA TYR A 120 -1.31 8.63 9.99
C TYR A 120 -1.12 9.64 11.10
N GLU A 121 -2.03 9.59 12.06
CA GLU A 121 -1.97 10.46 13.23
C GLU A 121 -0.78 10.14 14.11
N PRO A 122 -0.11 11.19 14.61
CA PRO A 122 1.07 11.07 15.44
C PRO A 122 0.72 10.78 16.90
N GLY A 123 1.68 10.21 17.62
CA GLY A 123 1.48 9.88 19.01
C GLY A 123 1.35 8.39 19.22
N LYS A 124 1.29 7.64 18.13
CA LYS A 124 1.15 6.19 18.21
C LYS A 124 1.85 5.48 17.07
N PRO A 125 2.91 4.72 17.39
CA PRO A 125 3.57 3.83 16.43
C PRO A 125 2.84 2.50 16.31
N GLY A 126 2.96 1.87 15.15
CA GLY A 126 2.34 0.58 14.93
C GLY A 126 3.30 -0.39 14.29
N SER A 127 3.36 -1.60 14.82
CA SER A 127 4.34 -2.57 14.37
C SER A 127 3.67 -3.74 13.66
N GLY A 128 4.21 -4.10 12.50
CA GLY A 128 3.74 -5.28 11.78
C GLY A 128 2.29 -5.19 11.35
N ILE A 129 1.96 -4.14 10.62
CA ILE A 129 0.60 -3.93 10.18
C ILE A 129 0.44 -4.43 8.75
N VAL A 130 -0.56 -5.26 8.53
CA VAL A 130 -0.79 -5.82 7.21
C VAL A 130 -1.99 -5.17 6.54
N VAL A 131 -1.87 -4.94 5.23
CA VAL A 131 -2.96 -4.38 4.44
C VAL A 131 -3.07 -5.09 3.10
N ASN A 132 -4.24 -4.97 2.49
CA ASN A 132 -4.48 -5.55 1.17
C ASN A 132 -4.86 -4.44 0.20
N ILE A 133 -4.07 -4.28 -0.86
CA ILE A 133 -4.43 -3.32 -1.89
C ILE A 133 -4.95 -4.04 -3.12
N LEU A 134 -6.22 -3.85 -3.39
CA LEU A 134 -6.88 -4.50 -4.51
C LEU A 134 -6.93 -3.55 -5.70
N PHE A 135 -6.01 -3.74 -6.63
CA PHE A 135 -6.01 -3.00 -7.87
C PHE A 135 -6.89 -3.73 -8.87
N LYS A 136 -8.07 -3.18 -9.13
CA LYS A 136 -9.05 -3.82 -9.99
C LYS A 136 -8.83 -3.44 -11.44
N ILE A 137 -9.20 -4.35 -12.36
CA ILE A 137 -8.92 -4.19 -13.79
C ILE A 137 -9.57 -2.93 -14.36
N ASN A 138 -10.54 -2.40 -13.63
CA ASN A 138 -11.21 -1.17 -14.01
C ASN A 138 -10.28 0.03 -13.87
N GLY A 139 -9.21 -0.16 -13.11
CA GLY A 139 -8.27 0.92 -12.86
C GLY A 139 -8.49 1.53 -11.50
N THR A 140 -9.46 1.01 -10.77
CA THR A 140 -9.74 1.49 -9.43
C THR A 140 -8.88 0.75 -8.42
N THR A 141 -8.75 1.32 -7.25
CA THR A 141 -7.82 0.82 -6.25
C THR A 141 -8.51 0.76 -4.88
N GLU A 142 -8.14 -0.21 -4.07
CA GLU A 142 -8.74 -0.38 -2.75
C GLU A 142 -7.67 -0.79 -1.73
N ILE A 143 -7.74 -0.24 -0.53
CA ILE A 143 -6.86 -0.69 0.54
C ILE A 143 -7.69 -1.16 1.74
N GLN A 144 -7.41 -2.38 2.17
CA GLN A 144 -8.10 -3.00 3.27
C GLN A 144 -7.31 -2.84 4.55
N SER A 56 -8.83 0.76 17.62
CA SER A 56 -8.90 1.07 16.18
C SER A 56 -7.50 1.21 15.59
N GLY A 57 -6.52 1.44 16.45
CA GLY A 57 -5.15 1.58 16.00
C GLY A 57 -4.85 2.98 15.52
N PRO A 58 -3.65 3.20 14.97
CA PRO A 58 -3.28 4.48 14.37
C PRO A 58 -4.28 4.91 13.31
N ARG A 59 -4.71 6.17 13.38
CA ARG A 59 -5.72 6.66 12.47
C ARG A 59 -5.09 7.19 11.19
N ALA A 60 -5.64 6.78 10.06
CA ALA A 60 -5.08 7.15 8.78
C ALA A 60 -5.53 8.55 8.39
N LEU A 61 -4.60 9.48 8.46
CA LEU A 61 -4.81 10.82 8.03
C LEU A 61 -4.87 10.87 6.50
N SER A 62 -4.08 10.02 5.87
CA SER A 62 -4.05 9.93 4.42
C SER A 62 -3.50 8.57 4.00
N ARG A 63 -4.40 7.64 3.68
CA ARG A 63 -4.00 6.33 3.18
C ARG A 63 -4.37 6.22 1.70
N ASN A 64 -3.66 6.98 0.89
CA ASN A 64 -3.97 7.09 -0.53
C ASN A 64 -3.60 5.80 -1.27
N GLN A 65 -4.29 5.57 -2.37
CA GLN A 65 -4.09 4.34 -3.14
C GLN A 65 -2.88 4.49 -4.05
N PRO A 66 -2.01 3.47 -4.08
CA PRO A 66 -0.82 3.48 -4.94
C PRO A 66 -1.19 3.57 -6.42
N GLN A 67 -0.24 4.04 -7.21
CA GLN A 67 -0.48 4.29 -8.62
C GLN A 67 -0.50 3.00 -9.43
N TYR A 68 -1.66 2.66 -9.97
CA TYR A 68 -1.78 1.52 -10.87
C TYR A 68 -1.19 1.89 -12.23
N PRO A 69 -0.39 0.98 -12.82
CA PRO A 69 0.30 1.21 -14.07
C PRO A 69 -0.54 0.81 -15.27
N ALA A 70 -0.53 1.66 -16.29
CA ALA A 70 -1.28 1.43 -17.51
C ALA A 70 -0.83 0.14 -18.20
N ARG A 71 0.40 -0.27 -17.93
CA ARG A 71 0.94 -1.51 -18.46
C ARG A 71 0.10 -2.71 -18.02
N ALA A 72 -0.29 -2.74 -16.75
CA ALA A 72 -1.06 -3.86 -16.21
C ALA A 72 -2.48 -3.83 -16.76
N GLN A 73 -3.01 -2.63 -16.93
CA GLN A 73 -4.37 -2.45 -17.43
C GLN A 73 -4.48 -2.98 -18.85
N ALA A 74 -3.45 -2.73 -19.66
CA ALA A 74 -3.42 -3.22 -21.03
C ALA A 74 -3.21 -4.73 -21.07
N LEU A 75 -2.71 -5.26 -19.97
CA LEU A 75 -2.46 -6.69 -19.86
C LEU A 75 -3.65 -7.40 -19.19
N ARG A 76 -4.67 -6.62 -18.88
CA ARG A 76 -5.91 -7.12 -18.26
C ARG A 76 -5.63 -7.69 -16.88
N ILE A 77 -4.57 -7.21 -16.25
CA ILE A 77 -4.18 -7.72 -14.94
C ILE A 77 -4.83 -6.89 -13.84
N GLU A 78 -4.99 -7.50 -12.68
CA GLU A 78 -5.46 -6.80 -11.51
C GLU A 78 -4.44 -6.98 -10.41
N GLY A 79 -3.91 -5.89 -9.90
CA GLY A 79 -2.86 -5.98 -8.92
C GLY A 79 -3.39 -6.24 -7.53
N GLN A 80 -2.99 -7.34 -6.93
CA GLN A 80 -3.34 -7.60 -5.54
C GLN A 80 -2.08 -7.75 -4.72
N VAL A 81 -1.76 -6.72 -3.96
CA VAL A 81 -0.54 -6.71 -3.17
C VAL A 81 -0.86 -6.86 -1.69
N LYS A 82 0.03 -7.51 -0.96
CA LYS A 82 -0.13 -7.68 0.48
C LYS A 82 1.16 -7.27 1.17
N VAL A 83 1.09 -6.19 1.95
CA VAL A 83 2.29 -5.59 2.51
C VAL A 83 2.21 -5.48 4.03
N LYS A 84 3.35 -5.60 4.70
CA LYS A 84 3.45 -5.32 6.13
C LYS A 84 4.35 -4.10 6.35
N PHE A 85 3.89 -3.20 7.20
CA PHE A 85 4.63 -1.98 7.51
C PHE A 85 4.50 -1.63 8.98
N ASP A 86 5.25 -0.62 9.39
CA ASP A 86 5.20 -0.11 10.76
C ASP A 86 5.09 1.40 10.71
N VAL A 87 4.34 2.00 11.62
CA VAL A 87 4.22 3.44 11.65
C VAL A 87 4.72 3.96 12.99
N THR A 88 5.33 5.13 12.96
CA THR A 88 5.90 5.72 14.15
C THR A 88 4.85 6.52 14.92
N PRO A 89 5.17 6.91 16.16
CA PRO A 89 4.29 7.80 16.95
C PRO A 89 4.22 9.21 16.35
N ASP A 90 4.80 9.37 15.17
CA ASP A 90 4.66 10.61 14.40
C ASP A 90 3.69 10.41 13.25
N GLY A 91 3.31 9.15 13.05
CA GLY A 91 2.35 8.82 12.02
C GLY A 91 3.04 8.62 10.69
N ARG A 92 4.20 7.98 10.72
CA ARG A 92 5.00 7.80 9.53
C ARG A 92 5.23 6.34 9.23
N VAL A 93 5.04 6.01 7.96
CA VAL A 93 5.16 4.64 7.49
C VAL A 93 6.62 4.30 7.20
N ASP A 94 7.06 3.16 7.71
CA ASP A 94 8.42 2.70 7.51
C ASP A 94 8.45 1.17 7.67
N ASN A 95 9.60 0.56 7.36
CA ASN A 95 9.79 -0.88 7.50
C ASN A 95 8.81 -1.64 6.63
N VAL A 96 8.56 -1.10 5.44
CA VAL A 96 7.59 -1.65 4.52
C VAL A 96 8.17 -2.83 3.73
N GLN A 97 7.55 -3.99 3.91
CA GLN A 97 7.95 -5.18 3.18
C GLN A 97 6.76 -5.80 2.48
N ILE A 98 6.85 -5.94 1.16
CA ILE A 98 5.81 -6.64 0.41
C ILE A 98 5.90 -8.13 0.67
N LEU A 99 4.87 -8.65 1.32
CA LEU A 99 4.83 -10.04 1.73
C LEU A 99 4.57 -10.93 0.52
N SER A 100 3.73 -10.42 -0.36
CA SER A 100 3.37 -11.10 -1.60
C SER A 100 2.55 -10.14 -2.44
N ALA A 101 2.44 -10.43 -3.73
CA ALA A 101 1.72 -9.53 -4.62
C ALA A 101 1.25 -10.24 -5.88
N LYS A 102 0.71 -9.44 -6.78
CA LYS A 102 0.42 -9.84 -8.15
C LYS A 102 1.74 -10.29 -8.85
N PRO A 103 1.73 -10.62 -10.19
CA PRO A 103 2.81 -11.37 -10.86
C PRO A 103 4.20 -11.25 -10.18
N ALA A 104 4.90 -10.14 -10.39
CA ALA A 104 6.11 -9.84 -9.65
C ALA A 104 6.22 -8.34 -9.31
N ASN A 105 7.13 -7.63 -9.99
CA ASN A 105 7.49 -6.26 -9.61
C ASN A 105 6.54 -5.20 -10.16
N MET A 106 5.57 -5.59 -10.99
CA MET A 106 4.68 -4.63 -11.67
C MET A 106 4.00 -3.64 -10.71
N PHE A 107 3.65 -4.07 -9.50
CA PHE A 107 2.97 -3.18 -8.55
C PHE A 107 3.82 -2.87 -7.33
N GLU A 108 4.78 -3.74 -7.04
CA GLU A 108 5.49 -3.71 -5.75
C GLU A 108 6.28 -2.41 -5.56
N ARG A 109 6.58 -1.73 -6.67
CA ARG A 109 7.27 -0.45 -6.60
C ARG A 109 6.34 0.66 -6.16
N GLU A 110 5.20 0.74 -6.83
CA GLU A 110 4.29 1.85 -6.70
C GLU A 110 3.57 1.80 -5.36
N VAL A 111 3.47 0.60 -4.81
CA VAL A 111 2.88 0.43 -3.49
C VAL A 111 3.69 1.18 -2.45
N LYS A 112 4.98 0.84 -2.36
CA LYS A 112 5.88 1.47 -1.41
C LYS A 112 5.95 2.98 -1.62
N ASN A 113 5.97 3.39 -2.89
CA ASN A 113 6.02 4.80 -3.23
C ASN A 113 4.82 5.55 -2.66
N ALA A 114 3.66 4.90 -2.64
CA ALA A 114 2.47 5.49 -2.07
C ALA A 114 2.48 5.36 -0.54
N MET A 115 2.95 4.22 -0.05
CA MET A 115 3.02 3.97 1.38
C MET A 115 3.96 4.96 2.07
N ARG A 116 4.99 5.40 1.36
CA ARG A 116 5.90 6.41 1.88
C ARG A 116 5.18 7.74 2.06
N ARG A 117 4.07 7.90 1.36
CA ARG A 117 3.27 9.11 1.41
C ARG A 117 2.13 8.95 2.41
N TRP A 118 1.88 7.71 2.83
CA TRP A 118 0.86 7.42 3.83
C TRP A 118 1.12 8.20 5.12
N ARG A 119 0.11 8.93 5.55
CA ARG A 119 0.19 9.69 6.78
C ARG A 119 -0.83 9.19 7.78
N TYR A 120 -0.37 8.98 8.99
CA TYR A 120 -1.23 8.64 10.10
C TYR A 120 -1.19 9.76 11.11
N GLU A 121 -2.29 9.96 11.82
CA GLU A 121 -2.38 11.00 12.83
C GLU A 121 -1.35 10.78 13.93
N PRO A 122 -0.39 11.72 14.03
CA PRO A 122 0.74 11.62 14.97
C PRO A 122 0.29 11.41 16.41
N GLY A 123 1.10 10.69 17.16
CA GLY A 123 0.76 10.33 18.51
C GLY A 123 0.41 8.87 18.64
N LYS A 124 0.34 8.17 17.50
CA LYS A 124 0.00 6.75 17.51
C LYS A 124 0.90 5.93 16.59
N PRO A 125 1.77 5.11 17.20
CA PRO A 125 2.57 4.13 16.47
C PRO A 125 1.83 2.81 16.31
N GLY A 126 2.15 2.08 15.26
CA GLY A 126 1.53 0.80 15.01
C GLY A 126 2.50 -0.14 14.33
N SER A 127 2.64 -1.34 14.85
CA SER A 127 3.64 -2.26 14.34
C SER A 127 3.00 -3.53 13.81
N GLY A 128 3.59 -4.06 12.74
CA GLY A 128 3.14 -5.32 12.17
C GLY A 128 1.80 -5.17 11.45
N ILE A 129 1.63 -4.07 10.74
CA ILE A 129 0.37 -3.78 10.10
C ILE A 129 0.36 -4.38 8.70
N VAL A 130 -0.55 -5.30 8.46
CA VAL A 130 -0.68 -5.92 7.17
C VAL A 130 -1.84 -5.29 6.39
N VAL A 131 -1.56 -4.98 5.14
CA VAL A 131 -2.56 -4.39 4.27
C VAL A 131 -2.63 -5.13 2.95
N ASN A 132 -3.78 -5.04 2.30
CA ASN A 132 -3.98 -5.68 1.02
C ASN A 132 -4.57 -4.68 0.04
N ILE A 133 -3.90 -4.45 -1.07
CA ILE A 133 -4.41 -3.49 -2.04
C ILE A 133 -4.97 -4.19 -3.26
N LEU A 134 -6.24 -3.89 -3.54
CA LEU A 134 -6.92 -4.45 -4.68
C LEU A 134 -6.98 -3.42 -5.82
N PHE A 135 -6.08 -3.57 -6.77
CA PHE A 135 -6.10 -2.77 -7.98
C PHE A 135 -6.94 -3.50 -9.02
N LYS A 136 -8.23 -3.23 -9.02
CA LYS A 136 -9.18 -3.97 -9.84
C LYS A 136 -9.03 -3.63 -11.31
N ILE A 137 -9.44 -4.58 -12.16
CA ILE A 137 -9.28 -4.45 -13.62
C ILE A 137 -10.01 -3.22 -14.15
N ASN A 138 -10.99 -2.74 -13.39
CA ASN A 138 -11.78 -1.58 -13.76
C ASN A 138 -10.93 -0.31 -13.66
N GLY A 139 -9.88 -0.38 -12.87
CA GLY A 139 -9.03 0.78 -12.65
C GLY A 139 -9.28 1.40 -11.29
N THR A 140 -10.08 0.73 -10.48
CA THR A 140 -10.37 1.21 -9.14
C THR A 140 -9.42 0.54 -8.15
N THR A 141 -9.25 1.18 -7.00
CA THR A 141 -8.26 0.72 -6.03
C THR A 141 -8.78 0.88 -4.60
N GLU A 142 -8.39 -0.07 -3.75
CA GLU A 142 -8.76 -0.01 -2.34
C GLU A 142 -7.74 -0.78 -1.51
N ILE A 143 -7.39 -0.24 -0.35
CA ILE A 143 -6.46 -0.91 0.56
C ILE A 143 -7.22 -1.48 1.75
N GLN A 144 -6.86 -2.70 2.12
CA GLN A 144 -7.40 -3.35 3.29
C GLN A 144 -6.49 -3.10 4.49
#